data_2BYT
#
_entry.id   2BYT
#
_cell.length_a   203.869
_cell.length_b   125.578
_cell.length_c   172.979
_cell.angle_alpha   90.00
_cell.angle_beta   118.44
_cell.angle_gamma   90.00
#
_symmetry.space_group_name_H-M   'C 1 2 1'
#
loop_
_entity.id
_entity.type
_entity.pdbx_description
1 polymer 'LEUCYL-TRNA SYNTHETASE'
2 polymer 'TRNALEU TRANSCRIPT WITH ANTICODON CAG'
3 non-polymer LEUCINE
4 non-polymer 'ZINC ION'
5 non-polymer 'MERCURY (II) ION'
6 non-polymer 'SULFATE ION'
#
loop_
_entity_poly.entity_id
_entity_poly.type
_entity_poly.pdbx_seq_one_letter_code
_entity_poly.pdbx_strand_id
1 'polypeptide(L)'
;MEKYNPHAIEAKWQRFWEEKGFMKAKDLPGGRGKQYVLVMFPYPSGDLHMGHLKNYTMGDVLARFRRMQGYEVLHPMGWD
AFGLPAENAALKFGVHPKDWTYANIRQAKESLRLMGILYDWDREVTTCEPEYYRWNQWIFLKMWEKGLAYRAKGLVNWCP
KCQTVLANEQVVEGRCWRHEDTPVEKRELEQWYLRITAYAERLLKDLEGLNWPEKVKAMQRAWIGRSEGAEILFPVEGKE
VRIPVFTTRPDTLFGATFLVLAPEHPLTLELAAPEKREEVLAYVEAAKRKTEIERQAEGREKTGVFLGAYALNPATGERI
PIWTADYVLFGYGTGAIMAVPAHDQRDYEFARKFGLPIKKVIERPGEPLPEPLERAYEEPGIMVNSGPFDGTESEEGKRK
VIAWLEEKGLGKGRVTYRLRDWLISRQRYWGTPIPMVHCEACGVVPVPEEELPVLLPDLKDVEDIRPKGKSPLEAHPEFY
ETTCPKCGGPAKRDTDTMDTFFDSSWYYLRYTDPHNDRLPFDPEKANAWMPVDQYIGGVEHAVLHLLYSRFFTKFLHDLG
MVKVEEPFQGLFTQGMVLAWTDFGPVEVEGSVVRLPEPTRIRLEIPESALSLEDVRKMGAELRPHEDGTLHLWKPAVMSK
SKGNGVMVGPFVKEQGADIARITILFAAPPENEMVWTEEGVQGAWRFLNRIYRRVAEDREALLETSGVFQAEALEGKDRE
LYGKLHETLKKVTEDLEALRFNTAIAALMEFLNALYEYRKDRPVTPVYRTAIRYYLQMLFPFAPHLAEELWHWFWPDSLF
EAGWPELDEKALEKDVVEVAVQVNGRVRGTIHIPKDAPLEVARAEALKVRNVRAHLEGKEVVKEIYVPGKILNLVVRG
;
A,D
2 'polyribonucleotide'
;GCCGGGGUGGCGGAAUGGGUAGACGCGCAUGACUCAGGAUCAUGUGCGCAAGCGUGCGGGUUCAAGUCCCGCCCCCGGCA
CCA
;
B,E
#
loop_
_chem_comp.id
_chem_comp.type
_chem_comp.name
_chem_comp.formula
A RNA linking ADENOSINE-5'-MONOPHOSPHATE 'C10 H14 N5 O7 P'
C RNA linking CYTIDINE-5'-MONOPHOSPHATE 'C9 H14 N3 O8 P'
G RNA linking GUANOSINE-5'-MONOPHOSPHATE 'C10 H14 N5 O8 P'
HG non-polymer 'MERCURY (II) ION' 'Hg 2'
SO4 non-polymer 'SULFATE ION' 'O4 S -2'
U RNA linking URIDINE-5'-MONOPHOSPHATE 'C9 H13 N2 O9 P'
ZN non-polymer 'ZINC ION' 'Zn 2'
#
# COMPACT_ATOMS: atom_id res chain seq x y z
N MET A 1 -22.37 14.40 43.01
CA MET A 1 -20.98 14.92 42.96
C MET A 1 -20.83 16.08 41.97
N GLU A 2 -20.19 17.15 42.44
CA GLU A 2 -19.96 18.35 41.65
C GLU A 2 -19.12 18.06 40.41
N LYS A 3 -18.77 19.09 39.66
CA LYS A 3 -17.97 18.89 38.47
C LYS A 3 -16.94 20.01 38.29
N TYR A 4 -15.94 19.75 37.45
CA TYR A 4 -14.89 20.72 37.19
C TYR A 4 -15.46 21.92 36.46
N ASN A 5 -15.47 23.07 37.14
CA ASN A 5 -15.99 24.28 36.55
C ASN A 5 -14.93 25.37 36.56
N PRO A 6 -14.32 25.64 35.40
CA PRO A 6 -13.29 26.65 35.28
C PRO A 6 -13.73 28.05 35.71
N HIS A 7 -14.69 28.64 35.00
CA HIS A 7 -15.16 30.00 35.30
C HIS A 7 -15.43 30.21 36.77
N ALA A 8 -15.65 29.12 37.48
CA ALA A 8 -15.93 29.21 38.89
C ALA A 8 -14.69 29.53 39.73
N ILE A 9 -13.56 28.92 39.39
CA ILE A 9 -12.35 29.11 40.17
C ILE A 9 -11.20 29.88 39.56
N GLU A 10 -11.03 29.79 38.25
CA GLU A 10 -9.89 30.46 37.65
C GLU A 10 -9.73 31.93 38.01
N ALA A 11 -10.51 32.82 37.40
CA ALA A 11 -10.38 34.25 37.68
C ALA A 11 -10.25 34.59 39.18
N LYS A 12 -10.72 33.68 40.02
CA LYS A 12 -10.66 33.86 41.47
C LYS A 12 -9.23 33.83 41.94
N TRP A 13 -8.57 32.72 41.62
CA TRP A 13 -7.17 32.47 42.00
C TRP A 13 -6.23 33.48 41.38
N GLN A 14 -6.48 33.84 40.13
CA GLN A 14 -5.63 34.80 39.47
C GLN A 14 -5.51 36.04 40.38
N ARG A 15 -6.65 36.53 40.87
CA ARG A 15 -6.66 37.70 41.73
C ARG A 15 -5.93 37.42 43.01
N PHE A 16 -5.97 36.15 43.42
CA PHE A 16 -5.32 35.71 44.65
C PHE A 16 -3.82 35.80 44.60
N TRP A 17 -3.26 35.34 43.47
CA TRP A 17 -1.82 35.34 43.28
C TRP A 17 -1.35 36.78 43.14
N GLU A 18 -2.10 37.59 42.41
CA GLU A 18 -1.75 39.00 42.25
C GLU A 18 -1.76 39.76 43.56
N GLU A 19 -2.72 39.47 44.42
CA GLU A 19 -2.82 40.16 45.69
C GLU A 19 -1.66 39.84 46.58
N LYS A 20 -1.46 38.53 46.82
CA LYS A 20 -0.40 38.02 47.69
C LYS A 20 1.00 38.27 47.14
N GLY A 21 1.07 38.62 45.86
CA GLY A 21 2.34 38.91 45.21
C GLY A 21 3.40 37.85 45.41
N PHE A 22 3.21 36.71 44.77
CA PHE A 22 4.15 35.62 44.89
C PHE A 22 5.29 35.79 43.91
N MET A 23 5.01 36.37 42.75
CA MET A 23 6.07 36.56 41.78
C MET A 23 6.78 37.89 41.90
N LYS A 24 6.64 38.55 43.05
CA LYS A 24 7.30 39.82 43.25
C LYS A 24 8.78 39.50 43.21
N ALA A 25 9.50 40.16 42.32
CA ALA A 25 10.93 39.90 42.19
C ALA A 25 11.72 40.62 43.26
N LYS A 26 12.40 39.85 44.11
CA LYS A 26 13.20 40.43 45.20
C LYS A 26 14.25 41.39 44.63
N ASP A 27 14.49 42.52 45.29
CA ASP A 27 15.47 43.47 44.80
C ASP A 27 16.85 42.87 44.64
N LEU A 28 17.35 42.26 45.70
CA LEU A 28 18.67 41.61 45.68
C LEU A 28 18.58 40.18 46.17
N PRO A 29 18.62 39.20 45.25
CA PRO A 29 18.54 37.77 45.54
C PRO A 29 19.41 37.35 46.69
N GLY A 30 18.82 36.61 47.62
CA GLY A 30 19.55 36.14 48.79
C GLY A 30 20.56 35.03 48.49
N GLY A 31 20.65 34.07 49.41
CA GLY A 31 21.58 32.97 49.24
C GLY A 31 20.90 31.64 48.93
N ARG A 32 19.58 31.68 48.76
CA ARG A 32 18.82 30.48 48.45
C ARG A 32 19.01 30.16 46.95
N GLY A 33 19.67 31.07 46.24
CA GLY A 33 19.90 30.91 44.82
C GLY A 33 18.88 31.71 44.07
N LYS A 34 19.04 31.85 42.76
CA LYS A 34 18.06 32.62 42.00
C LYS A 34 17.94 32.22 40.54
N GLN A 35 16.73 32.34 40.00
CA GLN A 35 16.47 32.02 38.61
C GLN A 35 15.97 33.27 37.96
N TYR A 36 16.25 33.43 36.68
CA TYR A 36 15.80 34.58 35.92
C TYR A 36 15.18 34.05 34.63
N VAL A 37 13.89 33.75 34.64
CA VAL A 37 13.21 33.27 33.44
C VAL A 37 12.74 34.47 32.62
N LEU A 38 13.05 34.51 31.34
CA LEU A 38 12.63 35.64 30.55
C LEU A 38 12.15 35.34 29.14
N VAL A 39 10.97 35.85 28.77
CA VAL A 39 10.46 35.69 27.39
C VAL A 39 10.60 37.03 26.67
N MET A 40 11.10 37.00 25.44
CA MET A 40 11.32 38.21 24.69
C MET A 40 10.08 39.09 24.74
N PHE A 41 10.22 40.34 25.18
CA PHE A 41 9.06 41.20 25.24
C PHE A 41 8.48 41.45 23.85
N PRO A 42 7.13 41.51 23.75
CA PRO A 42 6.38 41.71 22.51
C PRO A 42 6.25 43.11 21.94
N TYR A 43 6.11 43.17 20.63
CA TYR A 43 5.95 44.43 19.91
C TYR A 43 4.49 44.68 20.03
N PRO A 44 4.09 45.64 20.85
CA PRO A 44 2.65 45.91 20.98
C PRO A 44 2.07 46.29 19.61
N SER A 45 1.37 45.34 18.99
CA SER A 45 0.78 45.56 17.67
C SER A 45 -0.22 44.44 17.34
N GLY A 46 -1.42 44.55 17.90
CA GLY A 46 -2.45 43.55 17.67
C GLY A 46 -2.94 42.97 18.97
N ASP A 47 -3.82 41.98 18.87
CA ASP A 47 -4.38 41.34 20.06
C ASP A 47 -3.86 39.90 20.11
N LEU A 48 -3.48 39.47 21.31
CA LEU A 48 -2.91 38.15 21.51
C LEU A 48 -3.84 36.98 21.22
N HIS A 49 -3.26 35.85 20.83
CA HIS A 49 -4.00 34.63 20.58
C HIS A 49 -3.12 33.45 20.94
N MET A 50 -3.67 32.26 20.89
CA MET A 50 -2.92 31.05 21.24
C MET A 50 -1.55 31.00 20.59
N GLY A 51 -1.46 31.49 19.35
CA GLY A 51 -0.17 31.49 18.68
C GLY A 51 0.92 32.20 19.48
N HIS A 52 0.54 33.27 20.16
CA HIS A 52 1.47 34.05 20.95
C HIS A 52 1.66 33.49 22.35
N LEU A 53 0.58 33.11 23.01
CA LEU A 53 0.66 32.59 24.38
C LEU A 53 1.58 31.40 24.60
N LYS A 54 1.96 30.67 23.55
CA LYS A 54 2.87 29.54 23.73
C LYS A 54 4.06 29.94 24.61
N ASN A 55 4.84 30.89 24.12
CA ASN A 55 5.98 31.36 24.89
C ASN A 55 5.63 31.73 26.30
N TYR A 56 5.01 32.88 26.51
CA TYR A 56 4.68 33.33 27.86
C TYR A 56 4.20 32.20 28.77
N THR A 57 3.50 31.21 28.23
CA THR A 57 3.06 30.10 29.07
C THR A 57 4.29 29.39 29.65
N MET A 58 5.15 28.92 28.73
CA MET A 58 6.42 28.27 29.04
C MET A 58 7.07 29.08 30.14
N GLY A 59 7.53 30.27 29.79
CA GLY A 59 8.12 31.10 30.83
C GLY A 59 7.40 30.95 32.17
N ASP A 60 6.07 30.93 32.15
CA ASP A 60 5.32 30.81 33.39
C ASP A 60 5.53 29.46 34.05
N VAL A 61 5.33 28.38 33.30
CA VAL A 61 5.52 27.05 33.85
C VAL A 61 6.83 27.00 34.61
N LEU A 62 7.90 27.26 33.85
CA LEU A 62 9.27 27.31 34.32
C LEU A 62 9.40 28.25 35.49
N ALA A 63 8.78 29.42 35.42
CA ALA A 63 8.84 30.38 36.51
C ALA A 63 8.14 29.91 37.79
N ARG A 64 6.99 29.25 37.65
CA ARG A 64 6.25 28.80 38.81
C ARG A 64 7.01 27.69 39.48
N PHE A 65 7.54 26.79 38.65
CA PHE A 65 8.33 25.63 39.11
C PHE A 65 9.46 26.08 40.01
N ARG A 66 10.38 26.83 39.43
CA ARG A 66 11.51 27.34 40.16
C ARG A 66 11.06 27.98 41.45
N ARG A 67 10.15 28.92 41.36
CA ARG A 67 9.67 29.57 42.56
C ARG A 67 9.23 28.54 43.60
N MET A 68 8.62 27.45 43.13
CA MET A 68 8.15 26.39 44.01
C MET A 68 9.30 25.69 44.73
N GLN A 69 10.41 25.51 44.01
CA GLN A 69 11.59 24.89 44.57
C GLN A 69 12.20 25.74 45.67
N GLY A 70 12.17 27.05 45.49
CA GLY A 70 12.72 27.92 46.50
C GLY A 70 13.53 29.06 45.91
N TYR A 71 14.05 28.85 44.69
CA TYR A 71 14.86 29.87 44.05
C TYR A 71 14.13 31.20 44.10
N GLU A 72 14.87 32.30 44.17
CA GLU A 72 14.27 33.61 44.14
C GLU A 72 14.06 33.86 42.64
N VAL A 73 12.82 33.86 42.18
CA VAL A 73 12.55 34.02 40.75
C VAL A 73 12.20 35.43 40.31
N LEU A 74 12.57 35.76 39.07
CA LEU A 74 12.30 37.05 38.49
C LEU A 74 11.79 36.77 37.10
N HIS A 75 10.46 36.87 36.97
CA HIS A 75 9.76 36.64 35.71
C HIS A 75 9.16 38.01 35.35
N PRO A 76 9.91 38.86 34.64
CA PRO A 76 9.51 40.19 34.23
C PRO A 76 8.77 40.23 32.91
N MET A 77 8.18 41.38 32.59
CA MET A 77 7.43 41.58 31.36
C MET A 77 7.23 43.08 31.07
N GLY A 78 7.38 43.48 29.82
CA GLY A 78 7.25 44.87 29.46
C GLY A 78 6.89 44.99 27.99
N TRP A 79 6.95 46.19 27.41
CA TRP A 79 6.56 46.34 26.01
C TRP A 79 7.60 47.01 25.10
N ASP A 80 7.83 46.39 23.94
CA ASP A 80 8.77 46.92 22.96
C ASP A 80 7.98 47.89 22.07
N ALA A 81 7.59 49.03 22.66
CA ALA A 81 6.77 50.06 22.02
C ALA A 81 7.31 50.86 20.85
N PHE A 82 8.48 51.48 21.01
CA PHE A 82 9.09 52.29 19.94
C PHE A 82 9.43 51.53 18.68
N GLY A 83 9.87 52.26 17.66
CA GLY A 83 10.25 51.65 16.40
C GLY A 83 9.18 51.47 15.35
N LEU A 84 9.56 50.82 14.24
CA LEU A 84 8.67 50.54 13.12
C LEU A 84 7.47 49.67 13.48
N PRO A 85 7.72 48.51 14.12
CA PRO A 85 6.66 47.57 14.52
C PRO A 85 5.36 48.27 14.93
N ALA A 86 5.41 49.06 15.99
CA ALA A 86 4.24 49.78 16.45
C ALA A 86 3.81 50.82 15.42
N GLU A 87 4.69 51.75 15.10
CA GLU A 87 4.36 52.80 14.13
C GLU A 87 3.74 52.23 12.86
N ASN A 88 4.35 51.20 12.30
CA ASN A 88 3.82 50.62 11.08
C ASN A 88 2.38 50.15 11.24
N ALA A 89 2.00 49.79 12.46
CA ALA A 89 0.65 49.32 12.76
C ALA A 89 -0.28 50.53 12.93
N ALA A 90 0.10 51.43 13.84
CA ALA A 90 -0.67 52.63 14.12
C ALA A 90 -0.90 53.46 12.86
N LEU A 91 -0.06 53.25 11.86
CA LEU A 91 -0.17 53.98 10.61
C LEU A 91 -1.09 53.29 9.64
N LYS A 92 -1.39 52.03 9.90
CA LYS A 92 -2.29 51.27 9.01
C LYS A 92 -3.75 51.46 9.43
N PHE A 93 -3.95 52.14 10.57
CA PHE A 93 -5.28 52.42 11.09
C PHE A 93 -5.49 53.91 11.36
N GLY A 94 -4.62 54.75 10.81
CA GLY A 94 -4.73 56.18 11.01
C GLY A 94 -4.88 56.59 12.47
N VAL A 95 -4.08 55.97 13.34
CA VAL A 95 -4.12 56.27 14.77
C VAL A 95 -2.77 56.79 15.27
N HIS A 96 -2.80 57.58 16.34
CA HIS A 96 -1.58 58.13 16.93
C HIS A 96 -0.88 57.02 17.72
N PRO A 97 0.44 56.83 17.53
CA PRO A 97 1.20 55.80 18.23
C PRO A 97 1.02 55.80 19.74
N LYS A 98 1.19 56.95 20.38
CA LYS A 98 1.05 56.99 21.82
C LYS A 98 -0.29 56.43 22.30
N ASP A 99 -1.31 56.51 21.46
CA ASP A 99 -2.64 56.01 21.84
C ASP A 99 -2.82 54.56 21.43
N TRP A 100 -2.32 54.22 20.24
CA TRP A 100 -2.41 52.87 19.73
C TRP A 100 -1.62 51.90 20.60
N THR A 101 -0.55 52.40 21.20
CA THR A 101 0.28 51.59 22.06
C THR A 101 -0.39 51.35 23.39
N TYR A 102 -0.49 52.37 24.22
CA TYR A 102 -1.08 52.17 25.54
C TYR A 102 -2.35 51.35 25.50
N ALA A 103 -3.01 51.34 24.34
CA ALA A 103 -4.24 50.59 24.15
C ALA A 103 -3.90 49.12 23.94
N ASN A 104 -3.03 48.85 22.97
CA ASN A 104 -2.58 47.49 22.68
C ASN A 104 -1.98 46.80 23.92
N ILE A 105 -1.35 47.58 24.78
CA ILE A 105 -0.76 47.07 26.00
C ILE A 105 -1.85 46.61 26.95
N ARG A 106 -2.89 47.43 27.08
CA ARG A 106 -4.00 47.12 27.97
C ARG A 106 -4.59 45.76 27.55
N GLN A 107 -4.88 45.62 26.26
CA GLN A 107 -5.45 44.38 25.73
C GLN A 107 -4.51 43.21 26.02
N ALA A 108 -3.21 43.44 25.85
CA ALA A 108 -2.21 42.42 26.10
C ALA A 108 -2.25 41.93 27.56
N LYS A 109 -1.91 42.81 28.49
CA LYS A 109 -1.91 42.41 29.90
C LYS A 109 -3.16 41.64 30.29
N GLU A 110 -4.29 41.96 29.65
CA GLU A 110 -5.58 41.31 29.95
C GLU A 110 -5.52 39.85 29.57
N SER A 111 -5.01 39.59 28.38
CA SER A 111 -4.86 38.22 27.90
C SER A 111 -3.94 37.47 28.85
N LEU A 112 -2.71 37.95 28.97
CA LEU A 112 -1.77 37.31 29.84
C LEU A 112 -2.40 36.96 31.18
N ARG A 113 -3.09 37.93 31.78
CA ARG A 113 -3.74 37.71 33.08
C ARG A 113 -4.79 36.60 33.03
N LEU A 114 -5.58 36.56 31.97
CA LEU A 114 -6.59 35.54 31.85
C LEU A 114 -5.97 34.16 31.79
N MET A 115 -4.82 34.05 31.13
CA MET A 115 -4.11 32.79 31.00
C MET A 115 -3.47 32.32 32.32
N GLY A 116 -3.67 33.07 33.37
CA GLY A 116 -3.13 32.67 34.65
C GLY A 116 -1.64 32.82 34.71
N ILE A 117 -1.11 33.71 33.89
CA ILE A 117 0.33 33.93 33.87
C ILE A 117 0.71 35.06 34.82
N LEU A 118 1.67 34.80 35.70
CA LEU A 118 2.10 35.85 36.62
C LEU A 118 3.45 36.48 36.26
N TYR A 119 3.65 37.74 36.68
CA TYR A 119 4.87 38.47 36.44
C TYR A 119 5.07 39.38 37.63
N ASP A 120 6.14 40.16 37.61
CA ASP A 120 6.44 41.14 38.67
C ASP A 120 6.28 42.47 37.97
N TRP A 121 5.03 42.90 37.82
CA TRP A 121 4.70 44.11 37.11
C TRP A 121 5.25 45.37 37.72
N ASP A 122 5.83 45.26 38.91
CA ASP A 122 6.43 46.44 39.50
C ASP A 122 7.70 46.79 38.72
N ARG A 123 8.04 45.97 37.72
CA ARG A 123 9.23 46.14 36.90
C ARG A 123 8.88 46.41 35.46
N GLU A 124 7.59 46.45 35.15
CA GLU A 124 7.14 46.71 33.79
C GLU A 124 7.91 47.87 33.16
N VAL A 125 8.34 47.71 31.92
CA VAL A 125 9.05 48.79 31.23
C VAL A 125 8.44 49.05 29.87
N THR A 126 8.25 50.33 29.54
CA THR A 126 7.69 50.70 28.25
C THR A 126 8.75 51.49 27.51
N THR A 127 9.35 50.87 26.50
CA THR A 127 10.42 51.51 25.75
C THR A 127 10.14 52.92 25.26
N CYS A 128 8.96 53.19 24.70
CA CYS A 128 8.68 54.51 24.18
C CYS A 128 8.55 55.65 25.18
N GLU A 129 8.60 55.36 26.47
CA GLU A 129 8.48 56.39 27.48
C GLU A 129 9.82 57.07 27.78
N PRO A 130 9.80 58.38 28.05
CA PRO A 130 11.01 59.14 28.35
C PRO A 130 11.79 58.51 29.48
N GLU A 131 11.07 58.09 30.50
CA GLU A 131 11.70 57.48 31.67
C GLU A 131 12.60 56.31 31.29
N TYR A 132 12.48 55.85 30.04
CA TYR A 132 13.29 54.74 29.56
C TYR A 132 14.18 55.14 28.41
N TYR A 133 13.60 55.53 27.27
CA TYR A 133 14.43 55.89 26.15
C TYR A 133 15.45 56.95 26.47
N ARG A 134 15.33 57.58 27.63
CA ARG A 134 16.32 58.59 28.01
C ARG A 134 17.67 57.88 28.09
N TRP A 135 17.69 56.74 28.77
CA TRP A 135 18.90 55.94 28.94
C TRP A 135 19.38 55.36 27.61
N ASN A 136 18.47 55.22 26.65
CA ASN A 136 18.88 54.74 25.34
C ASN A 136 19.88 55.75 24.83
N GLN A 137 19.64 57.02 25.18
CA GLN A 137 20.49 58.12 24.75
C GLN A 137 21.76 58.09 25.56
N TRP A 138 21.61 58.03 26.88
CA TRP A 138 22.77 57.96 27.77
C TRP A 138 23.78 56.96 27.25
N ILE A 139 23.31 55.78 26.83
CA ILE A 139 24.20 54.77 26.32
C ILE A 139 24.83 55.28 25.03
N PHE A 140 24.00 55.77 24.13
CA PHE A 140 24.49 56.28 22.86
C PHE A 140 25.66 57.23 23.06
N LEU A 141 25.60 57.99 24.14
CA LEU A 141 26.67 58.92 24.45
C LEU A 141 27.91 58.14 24.81
N LYS A 142 27.81 57.33 25.85
CA LYS A 142 28.94 56.53 26.28
C LYS A 142 29.60 55.81 25.12
N MET A 143 28.85 55.53 24.07
CA MET A 143 29.40 54.84 22.89
C MET A 143 30.09 55.84 21.98
N TRP A 144 29.67 57.09 22.04
CA TRP A 144 30.25 58.16 21.24
C TRP A 144 31.65 58.46 21.72
N GLU A 145 31.77 58.78 23.00
CA GLU A 145 33.05 59.10 23.59
C GLU A 145 34.02 57.96 23.34
N LYS A 146 33.51 56.73 23.33
CA LYS A 146 34.36 55.58 23.11
C LYS A 146 34.57 55.32 21.62
N GLY A 147 34.08 56.24 20.81
CA GLY A 147 34.24 56.12 19.37
C GLY A 147 33.62 54.91 18.71
N LEU A 148 32.60 54.33 19.34
CA LEU A 148 31.92 53.17 18.77
C LEU A 148 30.72 53.60 17.96
N ALA A 149 30.35 54.87 18.11
CA ALA A 149 29.22 55.47 17.39
C ALA A 149 29.77 56.47 16.41
N TYR A 150 29.10 56.69 15.29
CA TYR A 150 29.64 57.64 14.32
C TYR A 150 28.74 57.88 13.11
N ARG A 151 29.14 58.83 12.26
CA ARG A 151 28.41 59.17 11.04
C ARG A 151 29.28 58.90 9.83
N ALA A 152 28.65 58.63 8.70
CA ALA A 152 29.40 58.34 7.48
C ALA A 152 28.49 58.15 6.26
N LYS A 153 29.01 58.48 5.08
CA LYS A 153 28.23 58.34 3.86
C LYS A 153 28.17 56.89 3.38
N GLY A 154 28.01 56.70 2.07
CA GLY A 154 27.96 55.36 1.52
C GLY A 154 26.53 54.92 1.24
N LEU A 155 26.39 53.89 0.40
CA LEU A 155 25.10 53.34 0.05
C LEU A 155 24.44 52.55 1.18
N VAL A 156 23.21 52.96 1.52
CA VAL A 156 22.44 52.32 2.57
C VAL A 156 21.22 51.67 1.93
N ASN A 157 20.63 50.70 2.64
CA ASN A 157 19.44 50.02 2.11
C ASN A 157 18.20 50.85 2.40
N TRP A 158 17.38 51.07 1.39
CA TRP A 158 16.17 51.85 1.56
C TRP A 158 14.92 51.01 1.35
N CYS A 159 13.99 51.13 2.29
CA CYS A 159 12.72 50.42 2.22
C CYS A 159 11.65 51.44 1.81
N PRO A 160 11.18 51.36 0.56
CA PRO A 160 10.16 52.28 0.08
C PRO A 160 8.90 52.29 0.94
N LYS A 161 8.52 51.13 1.48
CA LYS A 161 7.35 51.04 2.33
C LYS A 161 7.58 51.71 3.68
N CYS A 162 8.66 51.33 4.35
CA CYS A 162 8.99 51.90 5.65
C CYS A 162 9.48 53.34 5.48
N GLN A 163 9.82 53.72 4.25
CA GLN A 163 10.32 55.07 3.96
C GLN A 163 11.46 55.44 4.89
N THR A 164 12.43 54.54 5.02
CA THR A 164 13.60 54.74 5.88
C THR A 164 14.66 53.68 5.58
N VAL A 165 15.86 53.89 6.11
CA VAL A 165 16.97 52.97 5.91
C VAL A 165 16.95 51.86 6.96
N LEU A 166 17.47 50.69 6.60
CA LEU A 166 17.50 49.54 7.50
C LEU A 166 18.91 48.97 7.63
N ALA A 167 19.18 48.29 8.74
CA ALA A 167 20.48 47.68 8.98
C ALA A 167 20.56 46.43 8.11
N ASN A 168 21.77 45.97 7.76
CA ASN A 168 21.92 44.79 6.92
C ASN A 168 21.25 43.58 7.54
N GLU A 169 21.21 43.56 8.87
CA GLU A 169 20.60 42.48 9.61
C GLU A 169 19.08 42.44 9.39
N GLN A 170 18.55 43.55 8.88
CA GLN A 170 17.11 43.68 8.63
C GLN A 170 16.74 43.44 7.17
N VAL A 171 17.63 42.77 6.44
CA VAL A 171 17.40 42.46 5.03
C VAL A 171 17.40 40.94 4.80
N VAL A 172 16.22 40.33 4.98
CA VAL A 172 16.04 38.89 4.81
C VAL A 172 15.64 38.53 3.38
N GLU A 173 16.38 37.60 2.77
CA GLU A 173 16.11 37.15 1.41
C GLU A 173 16.25 38.31 0.42
N GLY A 174 16.80 39.43 0.89
CA GLY A 174 16.95 40.59 0.03
C GLY A 174 15.72 41.47 0.07
N ARG A 175 14.88 41.26 1.08
CA ARG A 175 13.66 42.02 1.27
C ARG A 175 13.59 42.59 2.69
N CYS A 176 12.57 43.37 2.98
CA CYS A 176 12.42 43.96 4.31
C CYS A 176 12.11 42.82 5.28
N TRP A 177 12.49 42.98 6.54
CA TRP A 177 12.25 41.94 7.53
C TRP A 177 10.80 41.88 7.97
N ARG A 178 10.05 42.96 7.73
CA ARG A 178 8.64 43.06 8.08
C ARG A 178 7.74 43.00 6.84
N HIS A 179 8.28 43.46 5.70
CA HIS A 179 7.57 43.46 4.43
C HIS A 179 8.29 42.50 3.49
N GLU A 180 8.06 41.20 3.68
CA GLU A 180 8.71 40.17 2.87
C GLU A 180 8.15 40.09 1.45
N ASP A 181 7.85 41.24 0.87
CA ASP A 181 7.31 41.32 -0.49
C ASP A 181 7.84 42.58 -1.15
N THR A 182 8.32 43.50 -0.31
CA THR A 182 8.85 44.77 -0.76
C THR A 182 10.37 44.73 -0.91
N PRO A 183 10.87 44.78 -2.16
CA PRO A 183 12.32 44.75 -2.41
C PRO A 183 13.00 45.88 -1.67
N VAL A 184 14.32 45.91 -1.71
CA VAL A 184 15.06 46.96 -1.05
C VAL A 184 16.01 47.63 -2.03
N GLU A 185 16.09 48.95 -1.96
CA GLU A 185 16.96 49.73 -2.85
C GLU A 185 18.10 50.39 -2.06
N LYS A 186 19.01 51.03 -2.78
CA LYS A 186 20.13 51.70 -2.15
C LYS A 186 20.10 53.19 -2.44
N ARG A 187 20.48 54.00 -1.45
CA ARG A 187 20.49 55.47 -1.59
C ARG A 187 21.69 56.10 -0.88
N GLU A 188 22.36 57.01 -1.58
CA GLU A 188 23.53 57.69 -1.03
C GLU A 188 23.09 58.59 0.13
N LEU A 189 23.39 58.16 1.35
CA LEU A 189 23.02 58.93 2.54
C LEU A 189 24.05 58.83 3.67
N GLU A 190 24.14 59.89 4.48
CA GLU A 190 25.06 59.91 5.61
C GLU A 190 24.27 59.62 6.88
N GLN A 191 24.41 58.40 7.41
CA GLN A 191 23.69 58.00 8.62
C GLN A 191 24.60 57.70 9.80
N TRP A 192 24.00 57.41 10.94
CA TRP A 192 24.74 57.08 12.15
C TRP A 192 24.96 55.58 12.24
N TYR A 193 26.17 55.18 12.66
CA TYR A 193 26.48 53.77 12.79
C TYR A 193 26.97 53.40 14.17
N LEU A 194 26.97 52.10 14.46
CA LEU A 194 27.47 51.62 15.74
C LEU A 194 28.55 50.65 15.34
N ARG A 195 29.77 50.94 15.79
CA ARG A 195 30.94 50.13 15.44
C ARG A 195 30.94 48.77 16.10
N ILE A 196 29.91 47.97 15.81
CA ILE A 196 29.81 46.66 16.40
C ILE A 196 30.96 45.76 15.95
N THR A 197 31.51 46.02 14.75
CA THR A 197 32.61 45.21 14.25
C THR A 197 33.74 45.24 15.26
N ALA A 198 33.87 46.33 15.99
CA ALA A 198 34.92 46.45 16.99
C ALA A 198 34.90 45.27 17.93
N TYR A 199 33.79 44.53 17.94
CA TYR A 199 33.65 43.38 18.83
C TYR A 199 33.53 42.07 18.06
N ALA A 200 33.81 42.10 16.77
CA ALA A 200 33.68 40.89 15.95
C ALA A 200 34.43 39.73 16.55
N GLU A 201 35.67 39.95 16.96
CA GLU A 201 36.41 38.83 17.52
C GLU A 201 35.78 38.22 18.75
N ARG A 202 35.45 39.06 19.74
CA ARG A 202 34.82 38.59 20.97
C ARG A 202 33.44 37.97 20.72
N LEU A 203 32.61 38.64 19.93
CA LEU A 203 31.29 38.11 19.65
C LEU A 203 31.36 36.69 19.12
N LEU A 204 32.41 36.40 18.39
CA LEU A 204 32.58 35.08 17.83
C LEU A 204 33.30 34.14 18.79
N LYS A 205 34.28 34.68 19.50
CA LYS A 205 35.06 33.88 20.43
C LYS A 205 34.29 33.45 21.66
N ASP A 206 33.41 34.30 22.18
CA ASP A 206 32.65 33.96 23.38
C ASP A 206 31.42 33.09 23.13
N LEU A 207 31.30 32.58 21.90
CA LEU A 207 30.17 31.72 21.57
C LEU A 207 30.47 30.31 22.03
N GLU A 208 31.73 29.91 21.88
CA GLU A 208 32.17 28.57 22.23
C GLU A 208 31.59 27.95 23.50
N GLY A 209 31.85 28.56 24.63
CA GLY A 209 31.34 28.01 25.89
C GLY A 209 29.86 28.20 26.09
N LEU A 210 29.25 28.97 25.21
CA LEU A 210 27.83 29.27 25.29
C LEU A 210 26.99 28.04 25.05
N ASN A 211 26.00 27.83 25.90
CA ASN A 211 25.12 26.69 25.77
C ASN A 211 23.83 27.12 25.09
N TRP A 212 23.91 27.31 23.78
CA TRP A 212 22.76 27.74 22.99
C TRP A 212 22.40 26.65 21.98
N PRO A 213 21.28 26.80 21.27
CA PRO A 213 20.93 25.78 20.30
C PRO A 213 21.96 25.86 19.21
N GLU A 214 22.55 24.71 18.90
CA GLU A 214 23.58 24.63 17.87
C GLU A 214 23.16 25.36 16.61
N LYS A 215 21.85 25.42 16.37
CA LYS A 215 21.31 26.09 15.19
C LYS A 215 21.56 27.60 15.19
N VAL A 216 21.43 28.22 16.35
CA VAL A 216 21.61 29.65 16.47
C VAL A 216 23.05 30.06 16.39
N LYS A 217 23.90 29.41 17.18
CA LYS A 217 25.33 29.74 17.19
C LYS A 217 25.88 29.69 15.79
N ALA A 218 25.64 28.57 15.12
CA ALA A 218 26.12 28.38 13.77
C ALA A 218 25.74 29.53 12.85
N MET A 219 24.61 30.16 13.12
CA MET A 219 24.15 31.29 12.31
C MET A 219 24.93 32.54 12.62
N GLN A 220 25.34 32.71 13.87
CA GLN A 220 26.10 33.88 14.24
C GLN A 220 27.51 33.69 13.77
N ARG A 221 28.02 32.46 13.88
CA ARG A 221 29.37 32.18 13.43
C ARG A 221 29.44 32.59 11.96
N ALA A 222 28.46 32.13 11.20
CA ALA A 222 28.41 32.43 9.79
C ALA A 222 28.14 33.89 9.46
N TRP A 223 27.38 34.57 10.30
CA TRP A 223 27.04 35.97 10.03
C TRP A 223 28.21 36.89 10.31
N ILE A 224 29.02 36.51 11.29
CA ILE A 224 30.18 37.31 11.67
C ILE A 224 31.25 36.99 10.64
N GLY A 225 31.26 35.73 10.23
CA GLY A 225 32.19 35.26 9.22
C GLY A 225 33.63 35.76 9.26
N ARG A 226 34.41 35.19 10.17
CA ARG A 226 35.82 35.55 10.30
C ARG A 226 36.58 34.86 9.17
N SER A 227 37.63 35.53 8.70
CA SER A 227 38.48 34.99 7.64
C SER A 227 39.89 35.58 7.70
N GLU A 228 40.88 34.68 7.85
CA GLU A 228 42.28 35.08 7.94
C GLU A 228 42.81 35.17 6.52
N GLY A 229 43.66 36.16 6.28
CA GLY A 229 44.21 36.33 4.95
C GLY A 229 45.23 37.46 4.90
N ALA A 230 45.40 38.06 3.74
CA ALA A 230 46.37 39.13 3.61
C ALA A 230 45.84 40.33 2.85
N GLU A 231 46.29 41.52 3.27
CA GLU A 231 45.88 42.76 2.62
C GLU A 231 47.05 43.27 1.80
N ILE A 232 47.04 43.03 0.50
CA ILE A 232 48.12 43.49 -0.36
C ILE A 232 47.83 44.84 -1.01
N LEU A 233 48.89 45.60 -1.25
CA LEU A 233 48.76 46.92 -1.86
C LEU A 233 49.31 46.95 -3.28
N PHE A 234 48.48 47.41 -4.20
CA PHE A 234 48.87 47.49 -5.60
C PHE A 234 49.03 48.95 -6.01
N PRO A 235 50.24 49.36 -6.38
CA PRO A 235 50.46 50.74 -6.79
C PRO A 235 49.78 51.02 -8.13
N VAL A 236 49.26 52.22 -8.31
CA VAL A 236 48.62 52.57 -9.58
C VAL A 236 49.69 53.17 -10.50
N GLU A 237 49.66 52.78 -11.78
CA GLU A 237 50.64 53.26 -12.74
C GLU A 237 50.65 54.77 -12.86
N GLY A 238 51.80 55.36 -12.56
CA GLY A 238 51.95 56.80 -12.65
C GLY A 238 51.44 57.56 -11.44
N LYS A 239 50.23 57.20 -11.00
CA LYS A 239 49.62 57.84 -9.85
C LYS A 239 50.44 57.57 -8.59
N GLU A 240 50.10 58.29 -7.54
CA GLU A 240 50.77 58.19 -6.25
C GLU A 240 50.05 57.21 -5.31
N VAL A 241 48.74 57.09 -5.48
CA VAL A 241 47.89 56.22 -4.66
C VAL A 241 48.11 54.72 -4.83
N ARG A 242 47.83 53.97 -3.77
CA ARG A 242 47.96 52.53 -3.78
C ARG A 242 46.62 51.88 -3.43
N ILE A 243 46.31 50.78 -4.10
CA ILE A 243 45.04 50.05 -3.91
C ILE A 243 45.16 48.80 -3.02
N PRO A 244 44.45 48.79 -1.89
CA PRO A 244 44.48 47.64 -0.96
C PRO A 244 43.45 46.62 -1.37
N VAL A 245 43.86 45.34 -1.40
CA VAL A 245 42.95 44.25 -1.74
C VAL A 245 43.12 43.17 -0.68
N PHE A 246 42.05 42.44 -0.37
CA PHE A 246 42.16 41.38 0.62
C PHE A 246 42.25 40.05 -0.12
N THR A 247 42.90 39.07 0.47
CA THR A 247 43.01 37.75 -0.17
C THR A 247 43.41 36.64 0.76
N THR A 248 42.67 35.54 0.69
CA THR A 248 42.93 34.39 1.52
C THR A 248 43.84 33.46 0.78
N ARG A 249 44.42 33.95 -0.31
CA ARG A 249 45.33 33.14 -1.11
C ARG A 249 46.47 33.98 -1.64
N PRO A 250 47.20 34.64 -0.75
CA PRO A 250 48.34 35.48 -1.13
C PRO A 250 49.47 34.70 -1.80
N ASP A 251 49.44 33.38 -1.61
CA ASP A 251 50.45 32.51 -2.18
C ASP A 251 50.26 32.41 -3.68
N THR A 252 49.46 33.28 -4.25
CA THR A 252 49.22 33.25 -5.68
C THR A 252 49.41 34.62 -6.29
N LEU A 253 49.88 35.57 -5.46
CA LEU A 253 50.08 36.94 -5.90
C LEU A 253 50.73 37.01 -7.28
N PHE A 254 51.70 36.14 -7.51
CA PHE A 254 52.39 36.13 -8.79
C PHE A 254 51.48 35.70 -9.92
N GLY A 255 50.25 35.33 -9.59
CA GLY A 255 49.29 34.90 -10.60
C GLY A 255 48.26 35.96 -10.92
N ALA A 256 48.26 37.03 -10.15
CA ALA A 256 47.30 38.11 -10.34
C ALA A 256 47.52 38.79 -11.67
N THR A 257 46.54 38.71 -12.56
CA THR A 257 46.67 39.33 -13.87
C THR A 257 45.83 40.57 -14.02
N PHE A 258 45.05 40.93 -13.00
CA PHE A 258 44.25 42.15 -13.02
C PHE A 258 43.56 42.43 -11.71
N LEU A 259 43.10 43.66 -11.53
CA LEU A 259 42.40 44.05 -10.30
C LEU A 259 40.96 44.41 -10.63
N VAL A 260 40.08 44.27 -9.67
CA VAL A 260 38.69 44.60 -9.89
C VAL A 260 38.17 45.37 -8.69
N LEU A 261 37.72 46.60 -8.93
CA LEU A 261 37.19 47.43 -7.88
C LEU A 261 35.67 47.32 -7.87
N ALA A 262 35.08 47.54 -6.70
CA ALA A 262 33.64 47.48 -6.58
C ALA A 262 33.08 48.75 -7.22
N PRO A 263 31.98 48.62 -7.97
CA PRO A 263 31.37 49.77 -8.63
C PRO A 263 31.36 51.02 -7.76
N GLU A 264 30.91 50.85 -6.53
CA GLU A 264 30.81 51.96 -5.59
C GLU A 264 32.17 52.36 -5.01
N HIS A 265 33.22 51.66 -5.41
CA HIS A 265 34.54 51.98 -4.91
C HIS A 265 34.87 53.38 -5.42
N PRO A 266 35.48 54.22 -4.56
CA PRO A 266 35.86 55.59 -4.92
C PRO A 266 36.74 55.68 -6.18
N LEU A 267 37.83 54.91 -6.18
CA LEU A 267 38.78 54.90 -7.30
C LEU A 267 38.19 54.34 -8.59
N THR A 268 36.95 53.90 -8.56
CA THR A 268 36.34 53.37 -9.76
C THR A 268 36.09 54.49 -10.74
N LEU A 269 35.94 55.71 -10.23
CA LEU A 269 35.70 56.88 -11.09
C LEU A 269 36.87 57.85 -11.05
N GLU A 270 37.56 57.90 -9.93
CA GLU A 270 38.70 58.80 -9.81
C GLU A 270 39.86 58.31 -10.68
N LEU A 271 39.74 57.08 -11.17
CA LEU A 271 40.78 56.49 -12.02
C LEU A 271 40.26 56.24 -13.42
N ALA A 272 38.95 56.10 -13.57
CA ALA A 272 38.33 55.83 -14.86
C ALA A 272 38.77 56.83 -15.94
N ALA A 273 39.38 56.29 -17.00
CA ALA A 273 39.87 57.10 -18.09
C ALA A 273 38.73 57.85 -18.75
N PRO A 274 38.98 59.13 -19.12
CA PRO A 274 38.01 60.03 -19.76
C PRO A 274 37.34 59.44 -21.00
N GLU A 275 38.00 58.46 -21.61
CA GLU A 275 37.45 57.83 -22.81
C GLU A 275 36.58 56.64 -22.41
N LYS A 276 36.69 56.24 -21.14
CA LYS A 276 35.94 55.11 -20.60
C LYS A 276 34.84 55.60 -19.67
N ARG A 277 35.04 56.79 -19.10
CA ARG A 277 34.10 57.42 -18.18
C ARG A 277 32.62 57.28 -18.55
N GLU A 278 32.26 57.67 -19.77
CA GLU A 278 30.88 57.58 -20.22
C GLU A 278 30.30 56.17 -20.14
N GLU A 279 31.14 55.20 -19.77
CA GLU A 279 30.69 53.82 -19.66
C GLU A 279 30.81 53.33 -18.23
N VAL A 280 31.87 53.76 -17.54
CA VAL A 280 32.10 53.38 -16.16
C VAL A 280 31.00 54.01 -15.30
N LEU A 281 30.76 55.29 -15.52
CA LEU A 281 29.75 56.01 -14.77
C LEU A 281 28.35 55.51 -15.06
N ALA A 282 28.15 54.95 -16.24
CA ALA A 282 26.84 54.42 -16.61
C ALA A 282 26.62 53.05 -16.00
N TYR A 283 27.73 52.38 -15.67
CA TYR A 283 27.68 51.04 -15.07
C TYR A 283 27.39 51.14 -13.56
N VAL A 284 27.91 52.17 -12.93
CA VAL A 284 27.67 52.39 -11.50
C VAL A 284 26.18 52.66 -11.29
N GLU A 285 25.63 53.60 -12.05
CA GLU A 285 24.21 53.94 -11.97
C GLU A 285 23.31 52.79 -12.37
N ALA A 286 23.90 51.70 -12.84
CA ALA A 286 23.12 50.53 -13.23
C ALA A 286 23.11 49.55 -12.07
N ALA A 287 24.25 49.44 -11.40
CA ALA A 287 24.40 48.54 -10.26
C ALA A 287 23.70 49.11 -9.04
N LYS A 288 23.83 50.42 -8.84
CA LYS A 288 23.20 51.09 -7.71
C LYS A 288 21.68 50.97 -7.79
N ARG A 289 21.13 50.98 -9.00
CA ARG A 289 19.69 50.88 -9.20
C ARG A 289 19.17 49.44 -9.11
N LYS A 290 20.03 48.50 -9.47
CA LYS A 290 19.67 47.08 -9.42
C LYS A 290 19.47 46.70 -7.96
N THR A 291 18.88 45.54 -7.70
CA THR A 291 18.66 45.11 -6.32
C THR A 291 19.08 43.65 -6.09
N GLU A 292 18.81 43.14 -4.89
CA GLU A 292 19.15 41.78 -4.52
C GLU A 292 18.34 40.74 -5.29
N ILE A 293 17.04 40.96 -5.35
CA ILE A 293 16.14 40.05 -6.07
C ILE A 293 16.45 40.08 -7.57
N GLU A 294 17.00 41.20 -8.01
CA GLU A 294 17.36 41.37 -9.42
C GLU A 294 18.70 40.70 -9.73
N ARG A 295 19.68 40.93 -8.84
CA ARG A 295 21.01 40.35 -9.01
C ARG A 295 20.92 38.83 -9.07
N GLN A 296 20.17 38.26 -8.13
CA GLN A 296 19.98 36.81 -8.04
C GLN A 296 19.15 36.31 -9.22
N ALA A 297 18.66 37.25 -10.03
CA ALA A 297 17.85 36.93 -11.19
C ALA A 297 18.73 36.71 -12.42
N GLU A 298 19.90 37.35 -12.44
CA GLU A 298 20.83 37.23 -13.55
C GLU A 298 21.65 35.94 -13.43
N GLY A 299 21.78 35.45 -12.20
CA GLY A 299 22.54 34.24 -11.95
C GLY A 299 23.98 34.53 -11.62
N ARG A 300 24.88 33.67 -12.12
CA ARG A 300 26.31 33.83 -11.87
C ARG A 300 27.02 34.44 -13.09
N GLU A 301 26.26 35.07 -13.99
CA GLU A 301 26.82 35.68 -15.19
C GLU A 301 27.72 36.85 -14.84
N LYS A 302 29.02 36.69 -15.08
CA LYS A 302 29.99 37.74 -14.76
C LYS A 302 29.82 38.94 -15.67
N THR A 303 29.91 40.14 -15.10
CA THR A 303 29.75 41.37 -15.86
C THR A 303 30.55 42.51 -15.27
N GLY A 304 31.41 43.10 -16.08
CA GLY A 304 32.23 44.21 -15.62
C GLY A 304 32.63 45.17 -16.73
N VAL A 305 33.50 46.12 -16.39
CA VAL A 305 33.96 47.09 -17.36
C VAL A 305 35.42 47.44 -17.10
N PHE A 306 36.15 47.77 -18.15
CA PHE A 306 37.55 48.13 -17.97
C PHE A 306 37.68 49.61 -17.64
N LEU A 307 38.40 49.91 -16.56
CA LEU A 307 38.60 51.30 -16.12
C LEU A 307 39.54 52.14 -16.96
N GLY A 308 40.26 51.53 -17.89
CA GLY A 308 41.18 52.28 -18.72
C GLY A 308 42.35 52.81 -17.90
N ALA A 309 42.72 52.07 -16.85
CA ALA A 309 43.85 52.45 -16.01
C ALA A 309 44.60 51.18 -15.72
N TYR A 310 45.84 51.28 -15.27
CA TYR A 310 46.62 50.09 -14.96
C TYR A 310 47.15 50.12 -13.55
N ALA A 311 47.65 49.00 -13.07
CA ALA A 311 48.21 48.93 -11.73
C ALA A 311 49.51 48.17 -11.84
N LEU A 312 50.31 48.16 -10.78
CA LEU A 312 51.59 47.45 -10.81
C LEU A 312 51.59 46.26 -9.88
N ASN A 313 51.75 45.07 -10.43
CA ASN A 313 51.79 43.90 -9.57
C ASN A 313 53.02 43.97 -8.67
N PRO A 314 52.83 44.20 -7.37
CA PRO A 314 53.99 44.28 -6.48
C PRO A 314 54.83 42.98 -6.39
N ALA A 315 54.45 41.97 -7.16
CA ALA A 315 55.19 40.72 -7.13
C ALA A 315 56.13 40.66 -8.35
N THR A 316 55.57 40.57 -9.55
CA THR A 316 56.35 40.50 -10.76
C THR A 316 56.83 41.88 -11.17
N GLY A 317 56.07 42.88 -10.77
CA GLY A 317 56.43 44.25 -11.10
C GLY A 317 55.73 44.75 -12.34
N GLU A 318 55.22 43.84 -13.17
CA GLU A 318 54.53 44.24 -14.38
C GLU A 318 53.18 44.92 -14.18
N ARG A 319 52.59 45.36 -15.29
CA ARG A 319 51.31 46.06 -15.25
C ARG A 319 50.14 45.12 -15.51
N ILE A 320 49.01 45.40 -14.88
CA ILE A 320 47.80 44.61 -15.04
C ILE A 320 46.59 45.55 -15.06
N PRO A 321 45.73 45.41 -16.07
CA PRO A 321 44.57 46.29 -16.16
C PRO A 321 43.69 46.27 -14.91
N ILE A 322 42.96 47.37 -14.72
CA ILE A 322 42.07 47.51 -13.58
C ILE A 322 40.65 47.60 -14.08
N TRP A 323 39.82 46.65 -13.67
CA TRP A 323 38.42 46.63 -14.07
C TRP A 323 37.49 46.93 -12.91
N THR A 324 36.20 46.96 -13.21
CA THR A 324 35.18 47.22 -12.21
C THR A 324 33.98 46.31 -12.48
N ALA A 325 33.76 45.35 -11.59
CA ALA A 325 32.66 44.42 -11.75
C ALA A 325 31.75 44.44 -10.52
N ASP A 326 30.53 43.95 -10.67
CA ASP A 326 29.55 43.91 -9.57
C ASP A 326 29.73 42.67 -8.72
N TYR A 327 30.51 41.73 -9.21
CA TYR A 327 30.73 40.49 -8.48
C TYR A 327 31.63 40.69 -7.29
N VAL A 328 32.15 41.89 -7.18
CA VAL A 328 33.00 42.24 -6.07
C VAL A 328 32.19 43.21 -5.22
N LEU A 329 32.13 42.95 -3.91
CA LEU A 329 31.36 43.80 -3.00
C LEU A 329 32.21 44.84 -2.29
N PHE A 330 31.73 46.08 -2.23
CA PHE A 330 32.49 47.14 -1.56
C PHE A 330 32.40 47.02 -0.05
N GLY A 331 31.23 46.60 0.43
CA GLY A 331 31.02 46.46 1.86
C GLY A 331 31.78 45.29 2.48
N TYR A 332 32.82 44.84 1.79
CA TYR A 332 33.60 43.74 2.31
C TYR A 332 35.07 43.82 1.96
N GLY A 333 35.90 43.63 2.98
CA GLY A 333 37.33 43.65 2.79
C GLY A 333 37.88 45.01 2.42
N THR A 334 38.16 45.18 1.14
CA THR A 334 38.70 46.43 0.64
C THR A 334 37.90 46.88 -0.55
N GLY A 335 36.92 46.07 -0.92
CA GLY A 335 36.11 46.41 -2.06
C GLY A 335 36.93 46.24 -3.34
N ALA A 336 38.13 45.69 -3.19
CA ALA A 336 39.01 45.47 -4.33
C ALA A 336 39.63 44.11 -4.19
N ILE A 337 40.01 43.51 -5.32
CA ILE A 337 40.62 42.18 -5.32
C ILE A 337 41.67 42.01 -6.39
N MET A 338 42.57 41.06 -6.18
CA MET A 338 43.62 40.77 -7.17
C MET A 338 43.21 39.49 -7.89
N ALA A 339 42.58 39.65 -9.04
CA ALA A 339 42.11 38.51 -9.82
C ALA A 339 43.24 37.54 -10.17
N VAL A 340 43.00 36.25 -9.93
CA VAL A 340 43.98 35.22 -10.23
C VAL A 340 43.24 34.09 -10.94
N PRO A 341 42.70 34.37 -12.12
CA PRO A 341 41.94 33.40 -12.92
C PRO A 341 42.40 31.95 -12.83
N ALA A 342 43.70 31.76 -12.65
CA ALA A 342 44.26 30.41 -12.58
C ALA A 342 43.88 29.61 -11.35
N HIS A 343 43.47 30.28 -10.28
CA HIS A 343 43.14 29.56 -9.06
C HIS A 343 41.90 30.11 -8.35
N ASP A 344 40.85 30.34 -9.12
CA ASP A 344 39.60 30.84 -8.57
C ASP A 344 38.60 30.99 -9.70
N GLN A 345 37.74 29.99 -9.81
CA GLN A 345 36.71 29.93 -10.84
C GLN A 345 36.11 31.29 -11.15
N ARG A 346 35.55 31.96 -10.14
CA ARG A 346 34.94 33.27 -10.32
C ARG A 346 35.85 34.09 -11.20
N ASP A 347 37.05 34.38 -10.72
CA ASP A 347 38.01 35.15 -11.50
C ASP A 347 38.20 34.47 -12.86
N TYR A 348 38.57 33.19 -12.84
CA TYR A 348 38.75 32.44 -14.08
C TYR A 348 37.65 32.74 -15.07
N GLU A 349 36.42 32.42 -14.69
CA GLU A 349 35.30 32.65 -15.57
C GLU A 349 35.29 34.10 -16.06
N PHE A 350 35.48 35.04 -15.14
CA PHE A 350 35.48 36.46 -15.51
C PHE A 350 36.55 36.75 -16.54
N ALA A 351 37.65 36.02 -16.41
CA ALA A 351 38.76 36.18 -17.33
C ALA A 351 38.42 35.61 -18.70
N ARG A 352 37.96 34.37 -18.75
CA ARG A 352 37.64 33.75 -20.03
C ARG A 352 36.55 34.53 -20.78
N LYS A 353 35.75 35.30 -20.06
CA LYS A 353 34.70 36.06 -20.71
C LYS A 353 35.16 37.37 -21.33
N PHE A 354 35.88 38.18 -20.56
CA PHE A 354 36.39 39.46 -21.03
C PHE A 354 37.83 39.39 -21.52
N GLY A 355 38.14 38.35 -22.28
CA GLY A 355 39.47 38.17 -22.82
C GLY A 355 40.68 38.57 -21.98
N LEU A 356 40.70 38.22 -20.70
CA LEU A 356 41.83 38.55 -19.84
C LEU A 356 42.74 37.33 -19.70
N PRO A 357 44.02 37.56 -19.40
CA PRO A 357 45.06 36.52 -19.23
C PRO A 357 44.97 35.71 -17.99
N ILE A 358 45.33 34.43 -18.11
CA ILE A 358 45.29 33.50 -16.97
C ILE A 358 46.69 32.97 -16.75
N LYS A 359 47.28 33.27 -15.60
CA LYS A 359 48.65 32.81 -15.34
C LYS A 359 48.70 31.74 -14.26
N LYS A 360 49.37 30.63 -14.56
CA LYS A 360 49.48 29.54 -13.59
C LYS A 360 50.66 29.74 -12.63
N VAL A 361 50.41 29.58 -11.33
CA VAL A 361 51.47 29.73 -10.35
C VAL A 361 51.38 28.67 -9.26
N ILE A 362 50.41 27.78 -9.36
CA ILE A 362 50.25 26.70 -8.40
C ILE A 362 50.08 25.41 -9.17
N GLU A 363 51.11 24.56 -9.15
CA GLU A 363 51.05 23.29 -9.86
C GLU A 363 50.44 22.19 -8.98
N ARG A 364 49.70 21.30 -9.62
CA ARG A 364 49.04 20.19 -8.93
C ARG A 364 50.04 19.07 -8.65
N PRO A 365 50.11 18.59 -7.40
CA PRO A 365 51.01 17.52 -6.99
C PRO A 365 50.81 16.22 -7.77
N GLY A 366 51.90 15.75 -8.38
CA GLY A 366 51.87 14.52 -9.17
C GLY A 366 51.31 14.75 -10.56
N GLU A 367 50.02 14.49 -10.71
CA GLU A 367 49.30 14.67 -11.98
C GLU A 367 49.40 16.11 -12.47
N PRO A 368 50.26 16.39 -13.47
CA PRO A 368 50.44 17.74 -14.01
C PRO A 368 49.11 18.39 -14.42
N LEU A 369 49.10 19.72 -14.51
CA LEU A 369 47.90 20.45 -14.90
C LEU A 369 47.79 20.60 -16.40
N PRO A 370 46.64 20.19 -16.97
CA PRO A 370 46.38 20.25 -18.41
C PRO A 370 46.53 21.64 -19.00
N GLU A 371 47.55 21.81 -19.82
CA GLU A 371 47.79 23.08 -20.48
C GLU A 371 47.18 23.02 -21.88
N PRO A 372 46.37 24.01 -22.24
CA PRO A 372 45.99 25.16 -21.41
C PRO A 372 44.85 24.80 -20.44
N LEU A 373 44.73 25.56 -19.35
CA LEU A 373 43.69 25.34 -18.36
C LEU A 373 42.31 25.65 -18.90
N GLU A 374 41.32 24.85 -18.50
CA GLU A 374 39.95 25.06 -18.94
C GLU A 374 39.00 25.10 -17.75
N ARG A 375 39.60 25.24 -16.56
CA ARG A 375 38.87 25.34 -15.30
C ARG A 375 39.91 25.70 -14.24
N ALA A 376 39.53 26.49 -13.26
CA ALA A 376 40.48 26.88 -12.22
C ALA A 376 41.02 25.69 -11.44
N TYR A 377 41.95 25.97 -10.52
CA TYR A 377 42.54 24.96 -9.65
C TYR A 377 42.71 25.59 -8.30
N GLU A 378 41.72 25.41 -7.43
CA GLU A 378 41.73 26.00 -6.10
C GLU A 378 42.35 25.18 -4.98
N GLU A 379 42.81 23.96 -5.28
CA GLU A 379 43.42 23.11 -4.27
C GLU A 379 44.90 23.43 -4.07
N PRO A 380 45.48 23.08 -2.91
CA PRO A 380 46.89 23.33 -2.61
C PRO A 380 47.83 22.56 -3.54
N GLY A 381 48.98 23.15 -3.84
CA GLY A 381 49.94 22.51 -4.72
C GLY A 381 51.33 23.10 -4.53
N ILE A 382 52.17 22.94 -5.55
CA ILE A 382 53.53 23.46 -5.50
C ILE A 382 53.59 24.78 -6.25
N MET A 383 54.35 25.72 -5.73
CA MET A 383 54.45 27.03 -6.39
C MET A 383 55.43 27.01 -7.55
N VAL A 384 55.10 27.78 -8.57
CA VAL A 384 55.94 27.89 -9.76
C VAL A 384 55.66 29.24 -10.42
N ASN A 385 56.64 29.76 -11.17
CA ASN A 385 56.50 31.05 -11.84
C ASN A 385 56.22 32.14 -10.83
N SER A 386 56.62 31.90 -9.59
CA SER A 386 56.41 32.85 -8.51
C SER A 386 57.70 33.39 -7.92
N GLY A 387 58.67 33.73 -8.76
CA GLY A 387 59.92 34.27 -8.27
C GLY A 387 60.71 33.28 -7.42
N PRO A 388 61.39 33.76 -6.37
CA PRO A 388 62.18 32.90 -5.48
C PRO A 388 61.37 31.89 -4.70
N PHE A 389 60.05 32.04 -4.71
CA PHE A 389 59.16 31.16 -3.98
C PHE A 389 58.90 29.82 -4.67
N ASP A 390 59.43 29.64 -5.88
CA ASP A 390 59.21 28.41 -6.61
C ASP A 390 59.52 27.17 -5.79
N GLY A 391 58.82 26.08 -6.09
CA GLY A 391 59.02 24.83 -5.37
C GLY A 391 58.41 24.83 -3.99
N THR A 392 58.27 26.01 -3.39
CA THR A 392 57.70 26.13 -2.05
C THR A 392 56.25 25.63 -2.01
N GLU A 393 55.90 24.95 -0.92
CA GLU A 393 54.55 24.44 -0.74
C GLU A 393 53.52 25.57 -0.77
N SER A 394 52.26 25.22 -1.01
CA SER A 394 51.19 26.21 -1.07
C SER A 394 50.94 26.79 0.32
N GLU A 395 50.69 25.92 1.29
CA GLU A 395 50.41 26.32 2.66
C GLU A 395 51.53 27.15 3.29
N GLU A 396 52.73 26.63 3.22
CA GLU A 396 53.88 27.31 3.79
C GLU A 396 54.15 28.57 3.00
N GLY A 397 53.68 28.58 1.77
CA GLY A 397 53.87 29.74 0.91
C GLY A 397 53.21 30.97 1.48
N LYS A 398 51.90 30.86 1.72
CA LYS A 398 51.12 31.96 2.26
C LYS A 398 51.88 32.78 3.31
N ARG A 399 52.10 32.19 4.47
CA ARG A 399 52.80 32.88 5.55
C ARG A 399 54.14 33.48 5.14
N LYS A 400 54.82 32.86 4.18
CA LYS A 400 56.11 33.37 3.71
C LYS A 400 55.91 34.59 2.84
N VAL A 401 55.01 34.50 1.88
CA VAL A 401 54.73 35.63 1.00
C VAL A 401 54.23 36.81 1.81
N ILE A 402 53.46 36.54 2.86
CA ILE A 402 52.96 37.62 3.70
C ILE A 402 54.14 38.23 4.42
N ALA A 403 54.95 37.38 5.05
CA ALA A 403 56.14 37.81 5.79
C ALA A 403 57.07 38.59 4.87
N TRP A 404 56.98 38.27 3.58
CA TRP A 404 57.78 38.93 2.56
C TRP A 404 57.20 40.33 2.33
N LEU A 405 55.86 40.40 2.26
CA LEU A 405 55.17 41.67 2.04
C LEU A 405 55.41 42.62 3.20
N GLU A 406 55.17 42.13 4.40
CA GLU A 406 55.36 42.94 5.61
C GLU A 406 56.82 43.32 5.81
N GLU A 407 57.64 43.02 4.80
CA GLU A 407 59.06 43.35 4.86
C GLU A 407 59.34 44.54 3.95
N LYS A 408 58.72 44.55 2.78
CA LYS A 408 58.92 45.63 1.84
C LYS A 408 57.84 46.71 1.99
N GLY A 409 56.91 46.47 2.93
CA GLY A 409 55.83 47.42 3.16
C GLY A 409 54.85 47.43 2.01
N LEU A 410 54.65 46.25 1.41
CA LEU A 410 53.77 46.09 0.27
C LEU A 410 52.38 45.63 0.72
N GLY A 411 52.34 44.94 1.84
CA GLY A 411 51.09 44.46 2.37
C GLY A 411 51.23 44.01 3.80
N LYS A 412 50.31 43.18 4.26
CA LYS A 412 50.32 42.69 5.62
C LYS A 412 49.28 41.60 5.78
N GLY A 413 49.43 40.81 6.84
CA GLY A 413 48.47 39.76 7.10
C GLY A 413 47.31 40.38 7.86
N ARG A 414 46.08 40.19 7.38
CA ARG A 414 44.93 40.76 8.06
C ARG A 414 43.80 39.76 8.19
N VAL A 415 42.80 40.12 8.99
CA VAL A 415 41.64 39.27 9.21
C VAL A 415 40.39 40.12 9.11
N THR A 416 39.66 40.02 8.00
CA THR A 416 38.45 40.82 7.88
C THR A 416 37.29 39.99 8.37
N TYR A 417 36.15 40.63 8.51
CA TYR A 417 34.94 39.98 8.97
C TYR A 417 33.78 40.33 8.06
N ARG A 418 32.84 39.40 7.89
CA ARG A 418 31.68 39.67 7.08
C ARG A 418 30.80 40.65 7.83
N LEU A 419 30.73 40.49 9.15
CA LEU A 419 29.92 41.36 9.99
C LEU A 419 30.15 42.81 9.58
N ARG A 420 29.08 43.51 9.23
CA ARG A 420 29.15 44.91 8.82
C ARG A 420 28.64 45.79 9.96
N ASP A 421 29.21 46.97 10.11
CA ASP A 421 28.76 47.79 11.21
C ASP A 421 27.27 48.05 11.23
N TRP A 422 26.79 48.28 12.44
CA TRP A 422 25.38 48.50 12.73
C TRP A 422 24.90 49.90 12.38
N LEU A 423 23.93 49.99 11.47
CA LEU A 423 23.37 51.28 11.07
C LEU A 423 22.12 51.55 11.92
N ILE A 424 22.23 52.43 12.91
CA ILE A 424 21.11 52.67 13.79
C ILE A 424 20.27 53.92 13.66
N SER A 425 20.33 54.63 12.55
CA SER A 425 19.51 55.83 12.47
C SER A 425 18.35 55.65 11.52
N ARG A 426 17.17 56.05 11.97
CA ARG A 426 15.96 55.93 11.16
C ARG A 426 15.26 57.28 10.95
N GLN A 427 14.68 57.46 9.75
CA GLN A 427 13.95 58.68 9.42
C GLN A 427 12.47 58.46 9.70
N ARG A 428 12.16 58.18 10.94
CA ARG A 428 10.80 57.93 11.34
C ARG A 428 10.58 58.75 12.60
N TYR A 429 9.32 58.99 12.93
CA TYR A 429 9.01 59.79 14.10
C TYR A 429 9.09 58.98 15.38
N TRP A 430 8.30 57.92 15.45
CA TRP A 430 8.24 57.07 16.62
C TRP A 430 9.60 56.40 16.80
N GLY A 431 10.46 57.03 17.59
CA GLY A 431 11.79 56.50 17.83
C GLY A 431 12.58 57.32 18.84
N THR A 432 13.65 56.75 19.39
CA THR A 432 14.46 57.47 20.35
C THR A 432 15.33 58.51 19.66
N PRO A 433 15.19 59.79 20.05
CA PRO A 433 15.94 60.93 19.49
C PRO A 433 17.44 60.81 19.74
N ILE A 434 18.24 60.93 18.69
CA ILE A 434 19.68 60.84 18.82
C ILE A 434 20.20 62.07 19.55
N PRO A 435 20.88 61.90 20.70
CA PRO A 435 21.42 63.00 21.49
C PRO A 435 22.61 63.73 20.91
N MET A 436 22.52 64.07 19.63
CA MET A 436 23.59 64.79 18.95
C MET A 436 23.04 66.08 18.31
N VAL A 437 23.92 67.07 18.14
CA VAL A 437 23.53 68.34 17.55
C VAL A 437 24.53 68.70 16.46
N HIS A 438 24.13 69.60 15.56
CA HIS A 438 24.99 70.00 14.46
C HIS A 438 25.31 71.49 14.39
N CYS A 439 26.49 71.86 14.89
CA CYS A 439 26.96 73.24 14.87
C CYS A 439 27.73 73.46 13.55
N GLU A 440 27.86 74.71 13.13
CA GLU A 440 28.56 74.99 11.88
C GLU A 440 30.06 75.28 12.10
N ALA A 441 30.40 75.74 13.30
CA ALA A 441 31.79 76.04 13.62
C ALA A 441 32.43 74.91 14.43
N CYS A 442 31.65 74.25 15.27
CA CYS A 442 32.17 73.15 16.08
C CYS A 442 31.93 71.80 15.40
N GLY A 443 30.92 71.74 14.53
CA GLY A 443 30.60 70.51 13.82
C GLY A 443 29.57 69.63 14.52
N VAL A 444 29.84 68.33 14.61
CA VAL A 444 28.93 67.41 15.29
C VAL A 444 29.31 67.35 16.78
N VAL A 445 28.42 67.88 17.62
CA VAL A 445 28.68 67.92 19.05
C VAL A 445 27.64 67.13 19.85
N PRO A 446 28.10 66.34 20.82
CA PRO A 446 27.24 65.52 21.67
C PRO A 446 26.57 66.33 22.78
N VAL A 447 25.27 66.11 22.96
CA VAL A 447 24.49 66.79 23.99
C VAL A 447 25.00 66.40 25.37
N PRO A 448 24.94 67.33 26.34
CA PRO A 448 25.41 67.03 27.69
C PRO A 448 24.65 65.89 28.33
N GLU A 449 25.36 65.11 29.14
CA GLU A 449 24.78 63.96 29.83
C GLU A 449 23.67 64.36 30.80
N GLU A 450 23.84 65.51 31.45
CA GLU A 450 22.89 66.01 32.43
C GLU A 450 21.74 66.82 31.83
N GLU A 451 21.76 67.02 30.53
CA GLU A 451 20.70 67.78 29.87
C GLU A 451 19.66 66.78 29.35
N LEU A 452 19.97 65.49 29.48
CA LEU A 452 19.07 64.42 29.03
C LEU A 452 17.82 64.34 29.92
N PRO A 453 16.71 63.82 29.39
CA PRO A 453 16.55 63.28 28.04
C PRO A 453 16.35 64.33 26.98
N VAL A 454 16.06 63.87 25.77
CA VAL A 454 15.81 64.75 24.63
C VAL A 454 14.46 64.32 24.09
N LEU A 455 13.41 64.70 24.81
CA LEU A 455 12.05 64.33 24.42
C LEU A 455 11.76 64.47 22.94
N LEU A 456 10.74 63.77 22.50
CA LEU A 456 10.32 63.81 21.10
C LEU A 456 9.29 64.92 20.94
N PRO A 457 9.39 65.71 19.87
CA PRO A 457 8.44 66.79 19.64
C PRO A 457 7.03 66.24 19.75
N ASP A 458 6.17 66.91 20.51
CA ASP A 458 4.79 66.44 20.64
C ASP A 458 4.01 66.78 19.37
N LEU A 459 3.65 65.75 18.61
CA LEU A 459 2.91 65.94 17.37
C LEU A 459 1.60 65.19 17.36
N LYS A 460 0.50 65.89 17.15
CA LYS A 460 -0.82 65.27 17.13
C LYS A 460 -1.34 64.96 15.72
N ASP A 461 -1.01 65.83 14.76
CA ASP A 461 -1.45 65.65 13.37
C ASP A 461 -0.92 64.32 12.82
N VAL A 462 -1.81 63.34 12.72
CA VAL A 462 -1.44 62.02 12.20
C VAL A 462 -0.80 62.08 10.81
N GLU A 463 -1.33 62.91 9.92
CA GLU A 463 -0.77 63.02 8.56
C GLU A 463 0.56 63.75 8.58
N ASP A 464 0.96 64.21 9.77
CA ASP A 464 2.20 64.95 9.94
C ASP A 464 3.36 64.03 10.26
N ILE A 465 3.16 63.17 11.27
CA ILE A 465 4.18 62.22 11.70
C ILE A 465 4.23 61.00 10.78
N ARG A 466 4.17 61.24 9.47
CA ARG A 466 4.19 60.16 8.49
C ARG A 466 5.44 60.31 7.61
N PRO A 467 6.16 59.20 7.38
CA PRO A 467 7.38 59.20 6.56
C PRO A 467 7.10 59.41 5.07
N LYS A 468 7.83 60.35 4.46
CA LYS A 468 7.65 60.66 3.06
C LYS A 468 8.99 60.71 2.32
N GLY A 469 10.03 60.16 2.95
CA GLY A 469 11.35 60.17 2.34
C GLY A 469 12.37 60.80 3.26
N LYS A 470 11.92 61.73 4.10
CA LYS A 470 12.77 62.43 5.05
C LYS A 470 12.25 62.27 6.48
N SER A 471 13.04 62.71 7.46
CA SER A 471 12.64 62.59 8.85
C SER A 471 11.50 63.52 9.19
N PRO A 472 10.41 62.96 9.71
CA PRO A 472 9.25 63.80 10.08
C PRO A 472 9.61 64.91 11.05
N LEU A 473 10.78 64.80 11.67
CA LEU A 473 11.22 65.83 12.59
C LEU A 473 11.86 66.97 11.80
N GLU A 474 12.20 66.69 10.55
CA GLU A 474 12.83 67.68 9.66
C GLU A 474 11.79 68.70 9.20
N ALA A 475 10.79 68.94 10.03
CA ALA A 475 9.74 69.89 9.70
C ALA A 475 9.22 70.64 10.93
N HIS A 476 9.99 70.59 12.02
CA HIS A 476 9.59 71.27 13.23
C HIS A 476 10.74 72.02 13.89
N PRO A 477 11.02 73.23 13.39
CA PRO A 477 12.11 74.10 13.88
C PRO A 477 12.05 74.29 15.39
N GLU A 478 10.84 74.34 15.92
CA GLU A 478 10.62 74.52 17.35
C GLU A 478 11.43 73.49 18.15
N PHE A 479 11.87 72.44 17.46
CA PHE A 479 12.63 71.35 18.07
C PHE A 479 14.13 71.47 17.88
N TYR A 480 14.56 71.47 16.61
CA TYR A 480 15.98 71.52 16.30
C TYR A 480 16.65 72.88 16.35
N GLU A 481 15.87 73.96 16.28
CA GLU A 481 16.46 75.29 16.32
C GLU A 481 16.98 75.59 17.72
N THR A 482 17.93 74.78 18.17
CA THR A 482 18.50 74.98 19.48
C THR A 482 19.91 75.51 19.34
N THR A 483 20.59 75.70 20.47
CA THR A 483 21.96 76.22 20.46
C THR A 483 23.00 75.13 20.73
N CYS A 484 24.22 75.42 20.33
CA CYS A 484 25.34 74.50 20.54
C CYS A 484 25.83 74.67 21.98
N PRO A 485 25.96 73.56 22.73
CA PRO A 485 26.44 73.60 24.12
C PRO A 485 27.95 73.69 24.24
N LYS A 486 28.61 73.84 23.09
CA LYS A 486 30.07 73.95 23.02
C LYS A 486 30.47 75.42 22.97
N CYS A 487 30.13 76.06 21.85
CA CYS A 487 30.43 77.46 21.64
C CYS A 487 29.32 78.35 22.22
N GLY A 488 28.10 78.16 21.73
CA GLY A 488 26.98 78.94 22.22
C GLY A 488 26.20 79.54 21.07
N GLY A 489 26.62 79.23 19.85
CA GLY A 489 25.96 79.77 18.67
C GLY A 489 24.79 78.93 18.19
N PRO A 490 24.23 79.22 17.00
CA PRO A 490 23.10 78.46 16.48
C PRO A 490 23.49 77.06 16.02
N ALA A 491 22.77 76.07 16.53
CA ALA A 491 23.03 74.68 16.19
C ALA A 491 21.75 74.02 15.69
N LYS A 492 21.78 72.69 15.54
CA LYS A 492 20.61 71.95 15.07
C LYS A 492 20.66 70.50 15.56
N ARG A 493 19.61 70.07 16.27
CA ARG A 493 19.53 68.70 16.79
C ARG A 493 19.38 67.71 15.63
N ASP A 494 19.98 66.52 15.76
CA ASP A 494 19.87 65.55 14.70
C ASP A 494 18.41 65.11 14.63
N THR A 495 17.83 65.21 13.44
CA THR A 495 16.44 64.85 13.22
C THR A 495 16.16 63.36 13.18
N ASP A 496 17.22 62.56 13.01
CA ASP A 496 17.08 61.11 12.95
C ASP A 496 16.79 60.46 14.32
N THR A 497 16.31 59.23 14.28
CA THR A 497 15.99 58.51 15.51
C THR A 497 16.63 57.13 15.56
N MET A 498 16.85 56.63 16.77
CA MET A 498 17.44 55.32 17.00
C MET A 498 16.50 54.18 16.61
N ASP A 499 17.03 53.21 15.87
CA ASP A 499 16.22 52.07 15.45
C ASP A 499 15.68 51.30 16.67
N THR A 500 14.53 50.69 16.48
CA THR A 500 13.89 49.95 17.56
C THR A 500 14.83 49.02 18.30
N PHE A 501 15.53 48.15 17.57
CA PHE A 501 16.45 47.18 18.16
C PHE A 501 17.37 47.73 19.22
N PHE A 502 17.69 49.00 19.11
CA PHE A 502 18.57 49.61 20.10
C PHE A 502 18.01 49.42 21.50
N ASP A 503 16.79 49.86 21.71
CA ASP A 503 16.19 49.75 23.04
C ASP A 503 15.87 48.34 23.43
N SER A 504 15.81 47.45 22.44
CA SER A 504 15.51 46.08 22.73
C SER A 504 16.78 45.27 22.93
N SER A 505 17.90 45.95 23.09
CA SER A 505 19.18 45.26 23.26
C SER A 505 19.71 45.26 24.65
N TRP A 506 19.04 45.92 25.57
CA TRP A 506 19.56 45.93 26.95
C TRP A 506 18.46 45.97 27.96
N TYR A 507 17.24 45.75 27.49
CA TYR A 507 16.09 45.81 28.37
C TYR A 507 16.19 44.77 29.46
N TYR A 508 16.59 43.56 29.10
CA TYR A 508 16.72 42.51 30.10
C TYR A 508 17.47 43.03 31.31
N LEU A 509 18.31 44.04 31.10
CA LEU A 509 19.08 44.62 32.19
C LEU A 509 18.28 45.62 32.99
N ARG A 510 17.40 46.35 32.31
CA ARG A 510 16.59 47.35 32.99
C ARG A 510 15.65 46.71 34.02
N TYR A 511 15.08 45.57 33.67
CA TYR A 511 14.17 44.89 34.58
C TYR A 511 14.79 44.69 35.97
N THR A 512 16.12 44.66 36.05
CA THR A 512 16.74 44.41 37.34
C THR A 512 16.64 45.62 38.24
N ASP A 513 16.43 46.78 37.63
CA ASP A 513 16.30 48.04 38.34
C ASP A 513 15.60 49.00 37.37
N PRO A 514 14.27 48.84 37.22
CA PRO A 514 13.39 49.61 36.34
C PRO A 514 13.05 51.04 36.73
N HIS A 515 13.41 51.44 37.94
CA HIS A 515 13.10 52.78 38.39
C HIS A 515 14.31 53.60 38.78
N ASN A 516 15.38 53.47 38.02
CA ASN A 516 16.59 54.21 38.33
C ASN A 516 16.61 55.46 37.49
N ASP A 517 16.92 56.59 38.14
CA ASP A 517 16.97 57.89 37.49
C ASP A 517 18.39 58.46 37.53
N ARG A 518 19.35 57.60 37.81
CA ARG A 518 20.75 58.00 37.87
C ARG A 518 21.55 57.26 36.81
N LEU A 519 21.17 56.00 36.55
CA LEU A 519 21.86 55.17 35.57
C LEU A 519 20.87 54.25 34.91
N PRO A 520 21.22 53.69 33.75
CA PRO A 520 20.33 52.77 33.05
C PRO A 520 19.96 51.63 33.98
N PHE A 521 20.77 51.44 35.01
CA PHE A 521 20.57 50.40 36.01
C PHE A 521 21.72 50.38 37.01
N ASP A 522 21.45 49.95 38.22
CA ASP A 522 22.51 49.91 39.21
C ASP A 522 23.25 48.59 39.02
N PRO A 523 24.56 48.65 38.78
CA PRO A 523 25.34 47.43 38.58
C PRO A 523 25.10 46.41 39.66
N GLU A 524 25.08 46.87 40.91
CA GLU A 524 24.90 45.95 42.03
C GLU A 524 23.70 45.04 41.81
N LYS A 525 22.63 45.64 41.28
CA LYS A 525 21.39 44.93 41.02
C LYS A 525 21.62 43.97 39.87
N ALA A 526 21.73 44.52 38.67
CA ALA A 526 21.95 43.72 37.47
C ALA A 526 22.84 42.51 37.69
N ASN A 527 23.89 42.67 38.48
CA ASN A 527 24.82 41.57 38.75
C ASN A 527 24.21 40.46 39.58
N ALA A 528 23.25 40.82 40.43
CA ALA A 528 22.59 39.88 41.30
C ALA A 528 21.61 38.99 40.56
N TRP A 529 21.08 39.49 39.44
CA TRP A 529 20.12 38.71 38.66
C TRP A 529 20.69 38.13 37.39
N MET A 530 21.49 38.93 36.68
CA MET A 530 22.12 38.46 35.45
C MET A 530 22.99 37.27 35.78
N PRO A 531 23.23 36.40 34.82
CA PRO A 531 22.71 36.51 33.46
C PRO A 531 21.30 35.94 33.41
N VAL A 532 20.66 36.03 32.25
CA VAL A 532 19.32 35.49 32.10
C VAL A 532 19.56 33.99 32.15
N ASP A 533 18.87 33.29 33.02
CA ASP A 533 19.06 31.85 33.13
C ASP A 533 18.41 31.11 31.99
N GLN A 534 17.24 31.58 31.57
CA GLN A 534 16.53 30.92 30.48
C GLN A 534 15.82 31.97 29.65
N TYR A 535 16.05 31.99 28.35
CA TYR A 535 15.46 32.99 27.50
C TYR A 535 14.57 32.32 26.47
N ILE A 536 13.26 32.33 26.72
CA ILE A 536 12.34 31.70 25.79
C ILE A 536 12.00 32.64 24.65
N GLY A 537 12.16 32.18 23.42
CA GLY A 537 11.88 33.04 22.28
C GLY A 537 11.97 32.37 20.93
N GLY A 538 12.31 33.13 19.90
CA GLY A 538 12.38 32.56 18.56
C GLY A 538 13.76 32.53 17.90
N VAL A 539 13.81 31.99 16.69
CA VAL A 539 15.07 31.90 15.95
C VAL A 539 15.21 33.05 14.98
N GLU A 540 14.09 33.59 14.51
CA GLU A 540 14.14 34.70 13.57
C GLU A 540 15.00 35.85 14.09
N HIS A 541 15.31 35.84 15.39
CA HIS A 541 16.12 36.90 15.96
C HIS A 541 17.56 36.46 16.14
N ALA A 542 17.98 35.53 15.30
CA ALA A 542 19.34 35.00 15.37
C ALA A 542 20.37 36.08 15.09
N VAL A 543 20.38 36.59 13.88
CA VAL A 543 21.36 37.61 13.53
C VAL A 543 20.92 39.04 13.82
N LEU A 544 20.05 39.20 14.80
CA LEU A 544 19.58 40.53 15.14
C LEU A 544 19.70 40.78 16.62
N HIS A 545 18.60 40.57 17.32
CA HIS A 545 18.54 40.80 18.74
C HIS A 545 19.58 39.97 19.48
N LEU A 546 19.63 38.68 19.15
CA LEU A 546 20.57 37.76 19.79
C LEU A 546 22.03 38.08 19.51
N LEU A 547 22.26 39.05 18.65
CA LEU A 547 23.61 39.48 18.34
C LEU A 547 23.75 40.85 18.97
N TYR A 548 22.98 41.81 18.48
CA TYR A 548 23.01 43.15 19.01
C TYR A 548 23.05 43.17 20.56
N SER A 549 22.31 42.24 21.16
CA SER A 549 22.21 42.16 22.61
C SER A 549 23.53 41.85 23.27
N ARG A 550 24.29 40.95 22.65
CA ARG A 550 25.60 40.54 23.17
C ARG A 550 26.58 41.70 23.06
N PHE A 551 26.72 42.25 21.86
CA PHE A 551 27.58 43.39 21.69
C PHE A 551 27.23 44.41 22.78
N PHE A 552 25.96 44.77 22.90
CA PHE A 552 25.53 45.71 23.92
C PHE A 552 26.02 45.32 25.34
N THR A 553 25.93 44.05 25.70
CA THR A 553 26.34 43.63 27.04
C THR A 553 27.84 43.78 27.19
N LYS A 554 28.58 43.33 26.18
CA LYS A 554 30.03 43.42 26.21
C LYS A 554 30.47 44.85 26.40
N PHE A 555 29.93 45.74 25.59
CA PHE A 555 30.26 47.15 25.70
C PHE A 555 29.87 47.63 27.11
N LEU A 556 28.73 47.19 27.61
CA LEU A 556 28.33 47.62 28.94
C LEU A 556 29.29 47.02 29.95
N HIS A 557 29.88 45.88 29.59
CA HIS A 557 30.85 45.19 30.44
C HIS A 557 32.13 46.02 30.50
N ASP A 558 32.53 46.46 29.31
CA ASP A 558 33.71 47.26 29.16
C ASP A 558 33.59 48.63 29.85
N LEU A 559 32.42 48.94 30.41
CA LEU A 559 32.26 50.20 31.13
C LEU A 559 32.19 49.83 32.58
N GLY A 560 32.37 48.53 32.84
CA GLY A 560 32.35 48.04 34.19
C GLY A 560 31.03 48.11 34.93
N MET A 561 29.94 48.01 34.18
CA MET A 561 28.61 48.06 34.76
C MET A 561 27.98 46.68 34.88
N VAL A 562 28.48 45.73 34.12
CA VAL A 562 27.94 44.40 34.17
C VAL A 562 29.03 43.34 34.16
N LYS A 563 29.14 42.61 35.27
CA LYS A 563 30.13 41.57 35.41
C LYS A 563 30.15 40.52 34.30
N VAL A 564 29.00 39.96 33.94
CA VAL A 564 28.95 38.94 32.90
C VAL A 564 29.34 39.50 31.54
N GLU A 565 29.38 38.65 30.51
CA GLU A 565 29.73 39.07 29.14
C GLU A 565 28.79 38.56 28.07
N GLU A 566 27.93 37.61 28.46
CA GLU A 566 26.91 37.01 27.61
C GLU A 566 25.67 37.13 28.48
N PRO A 567 24.66 37.87 28.02
CA PRO A 567 23.41 38.11 28.74
C PRO A 567 22.51 36.89 28.90
N PHE A 568 22.46 36.05 27.90
CA PHE A 568 21.56 34.90 27.99
C PHE A 568 22.31 33.59 28.13
N GLN A 569 22.30 33.03 29.34
CA GLN A 569 22.99 31.79 29.58
C GLN A 569 22.23 30.73 28.84
N GLY A 570 20.95 30.61 29.14
CA GLY A 570 20.14 29.60 28.46
C GLY A 570 19.28 30.18 27.36
N LEU A 571 19.19 29.52 26.22
CA LEU A 571 18.41 30.06 25.16
C LEU A 571 17.43 29.05 24.63
N PHE A 572 16.25 28.97 25.21
CA PHE A 572 15.26 28.01 24.74
C PHE A 572 14.35 28.55 23.64
N THR A 573 14.35 27.93 22.46
CA THR A 573 13.46 28.40 21.39
C THR A 573 12.12 27.64 21.43
N GLN A 574 11.15 28.14 20.66
CA GLN A 574 9.83 27.55 20.60
C GLN A 574 9.47 27.38 19.16
N GLY A 575 8.43 26.60 18.88
CA GLY A 575 8.01 26.41 17.50
C GLY A 575 6.74 27.20 17.24
N MET A 576 6.41 27.44 15.98
CA MET A 576 5.22 28.21 15.64
C MET A 576 3.94 27.44 15.85
N VAL A 577 2.89 28.11 16.35
CA VAL A 577 1.61 27.45 16.58
C VAL A 577 0.89 27.44 15.26
N LEU A 578 0.10 26.42 14.99
CA LEU A 578 -0.62 26.36 13.73
C LEU A 578 -2.07 25.98 13.92
N ALA A 579 -2.87 26.22 12.90
CA ALA A 579 -4.28 25.90 12.99
C ALA A 579 -4.78 25.52 11.63
N TRP A 580 -5.77 24.63 11.62
CA TRP A 580 -6.31 24.21 10.34
C TRP A 580 -6.96 25.41 9.69
N THR A 581 -6.66 25.66 8.42
CA THR A 581 -7.22 26.83 7.76
C THR A 581 -8.17 26.57 6.59
N ASP A 582 -9.10 27.49 6.39
CA ASP A 582 -10.08 27.40 5.30
C ASP A 582 -9.41 27.95 4.07
N PHE A 583 -9.22 27.13 3.05
CA PHE A 583 -8.55 27.62 1.87
C PHE A 583 -9.48 27.86 0.71
N GLY A 584 -10.77 27.90 1.01
CA GLY A 584 -11.73 28.17 -0.05
C GLY A 584 -12.53 27.00 -0.55
N PRO A 585 -13.46 27.23 -1.50
CA PRO A 585 -14.30 26.18 -2.08
C PRO A 585 -13.61 25.34 -3.13
N VAL A 586 -14.18 24.17 -3.40
CA VAL A 586 -13.65 23.26 -4.39
C VAL A 586 -14.81 22.50 -5.01
N GLU A 587 -14.65 22.03 -6.24
CA GLU A 587 -15.72 21.29 -6.91
C GLU A 587 -15.32 19.82 -7.04
N VAL A 588 -15.75 19.00 -6.10
CA VAL A 588 -15.41 17.59 -6.12
C VAL A 588 -16.32 16.80 -7.04
N GLU A 589 -15.70 16.04 -7.94
CA GLU A 589 -16.44 15.18 -8.87
C GLU A 589 -15.77 13.81 -8.94
N GLY A 590 -16.33 12.86 -8.19
CA GLY A 590 -15.77 11.52 -8.14
C GLY A 590 -14.48 11.50 -7.34
N SER A 591 -13.38 11.19 -8.02
CA SER A 591 -12.07 11.15 -7.37
C SER A 591 -11.23 12.32 -7.89
N VAL A 592 -11.90 13.27 -8.54
CA VAL A 592 -11.24 14.47 -9.08
C VAL A 592 -11.66 15.69 -8.28
N VAL A 593 -10.70 16.52 -7.93
CA VAL A 593 -10.97 17.72 -7.14
C VAL A 593 -10.53 18.96 -7.90
N ARG A 594 -11.41 19.53 -8.70
CA ARG A 594 -11.06 20.72 -9.46
C ARG A 594 -10.85 21.90 -8.51
N LEU A 595 -9.91 22.76 -8.83
CA LEU A 595 -9.62 23.90 -7.98
C LEU A 595 -9.88 25.26 -8.63
N PRO A 596 -10.88 26.00 -8.12
CA PRO A 596 -11.19 27.32 -8.69
C PRO A 596 -10.01 28.23 -8.39
N GLU A 597 -9.71 29.16 -9.29
CA GLU A 597 -8.58 30.06 -9.11
C GLU A 597 -8.48 30.80 -7.78
N PRO A 598 -9.60 31.20 -7.18
CA PRO A 598 -9.51 31.92 -5.91
C PRO A 598 -8.76 31.09 -4.85
N THR A 599 -9.06 29.79 -4.83
CA THR A 599 -8.46 28.83 -3.90
C THR A 599 -7.04 28.48 -4.33
N ARG A 600 -6.90 27.83 -5.49
CA ARG A 600 -5.59 27.45 -6.02
C ARG A 600 -4.53 28.50 -5.76
N ILE A 601 -4.92 29.77 -5.83
CA ILE A 601 -3.99 30.84 -5.57
C ILE A 601 -3.57 30.88 -4.12
N ARG A 602 -4.53 30.78 -3.21
CA ARG A 602 -4.20 30.81 -1.79
C ARG A 602 -3.40 29.58 -1.37
N LEU A 603 -3.56 28.48 -2.10
CA LEU A 603 -2.82 27.26 -1.80
C LEU A 603 -1.40 27.39 -2.32
N GLU A 604 -1.15 28.44 -3.12
CA GLU A 604 0.17 28.68 -3.69
C GLU A 604 0.75 27.46 -4.38
N ILE A 605 0.03 26.94 -5.36
CA ILE A 605 0.48 25.78 -6.10
C ILE A 605 0.16 26.01 -7.59
N PRO A 606 0.76 25.22 -8.49
CA PRO A 606 0.51 25.37 -9.92
C PRO A 606 -0.73 24.62 -10.38
N GLU A 607 -0.85 23.39 -9.90
CA GLU A 607 -1.96 22.52 -10.25
C GLU A 607 -3.31 23.17 -9.98
N SER A 608 -4.26 22.95 -10.89
CA SER A 608 -5.60 23.49 -10.75
C SER A 608 -6.54 22.31 -10.79
N ALA A 609 -6.03 21.13 -10.46
CA ALA A 609 -6.83 19.92 -10.46
C ALA A 609 -6.11 18.78 -9.74
N LEU A 610 -6.56 18.45 -8.53
CA LEU A 610 -5.96 17.40 -7.73
C LEU A 610 -6.83 16.17 -7.69
N SER A 611 -6.59 15.34 -6.69
CA SER A 611 -7.36 14.13 -6.50
C SER A 611 -7.51 13.97 -5.00
N LEU A 612 -8.41 13.09 -4.58
CA LEU A 612 -8.62 12.89 -3.15
C LEU A 612 -7.37 12.39 -2.44
N GLU A 613 -6.38 11.96 -3.22
CA GLU A 613 -5.12 11.49 -2.67
C GLU A 613 -4.18 12.67 -2.46
N ASP A 614 -3.90 13.39 -3.54
CA ASP A 614 -3.01 14.55 -3.47
C ASP A 614 -3.37 15.46 -2.30
N VAL A 615 -4.64 15.44 -1.93
CA VAL A 615 -5.13 16.27 -0.85
C VAL A 615 -4.65 15.67 0.45
N ARG A 616 -4.81 14.36 0.61
CA ARG A 616 -4.39 13.64 1.81
C ARG A 616 -2.88 13.79 1.97
N LYS A 617 -2.17 13.39 0.93
CA LYS A 617 -0.72 13.44 0.87
C LYS A 617 -0.09 14.79 1.18
N MET A 618 -0.85 15.88 0.98
CA MET A 618 -0.31 17.21 1.27
C MET A 618 -0.82 17.67 2.62
N GLY A 619 -1.50 16.78 3.32
CA GLY A 619 -1.99 17.09 4.65
C GLY A 619 -3.22 17.93 4.73
N ALA A 620 -4.21 17.61 3.92
CA ALA A 620 -5.42 18.37 3.89
C ALA A 620 -6.68 17.58 3.83
N GLU A 621 -7.72 18.35 4.08
CA GLU A 621 -8.99 17.71 4.05
C GLU A 621 -10.08 18.58 3.49
N LEU A 622 -11.07 17.93 2.88
CA LEU A 622 -12.23 18.60 2.33
C LEU A 622 -13.36 18.49 3.35
N ARG A 623 -13.86 19.63 3.82
CA ARG A 623 -14.96 19.65 4.77
C ARG A 623 -16.14 20.36 4.12
N PRO A 624 -17.36 20.22 4.70
CA PRO A 624 -18.61 20.84 4.26
C PRO A 624 -18.61 22.25 4.85
N HIS A 625 -19.15 23.22 4.11
CA HIS A 625 -19.13 24.58 4.61
C HIS A 625 -20.53 25.12 4.82
N GLU A 626 -20.61 26.33 5.40
CA GLU A 626 -21.88 26.98 5.66
C GLU A 626 -22.54 27.52 4.39
N ASP A 627 -21.77 27.57 3.30
CA ASP A 627 -22.32 28.06 2.06
C ASP A 627 -22.88 26.92 1.23
N GLY A 628 -22.79 25.72 1.81
CA GLY A 628 -23.32 24.54 1.15
C GLY A 628 -22.41 23.88 0.15
N THR A 629 -21.13 24.26 0.17
CA THR A 629 -20.13 23.71 -0.73
C THR A 629 -18.98 23.10 0.07
N LEU A 630 -18.11 22.32 -0.60
CA LEU A 630 -16.96 21.70 0.08
C LEU A 630 -15.76 22.64 0.13
N HIS A 631 -15.08 22.64 1.26
CA HIS A 631 -13.92 23.51 1.39
C HIS A 631 -12.66 22.75 1.75
N LEU A 632 -11.55 23.07 1.07
CA LEU A 632 -10.28 22.43 1.30
C LEU A 632 -9.51 23.05 2.46
N TRP A 633 -9.45 22.34 3.58
CA TRP A 633 -8.75 22.83 4.76
C TRP A 633 -7.34 22.27 4.87
N LYS A 634 -6.47 22.99 5.56
CA LYS A 634 -5.09 22.59 5.72
C LYS A 634 -4.48 23.46 6.80
N PRO A 635 -3.54 22.93 7.58
CA PRO A 635 -2.98 23.79 8.62
C PRO A 635 -2.16 24.95 8.07
N ALA A 636 -1.98 25.98 8.89
CA ALA A 636 -1.22 27.14 8.47
C ALA A 636 -0.91 27.99 9.67
N VAL A 637 0.14 28.80 9.57
CA VAL A 637 0.56 29.62 10.69
C VAL A 637 -0.61 30.40 11.27
N MET A 638 -0.76 30.31 12.57
CA MET A 638 -1.84 31.01 13.22
C MET A 638 -1.49 32.47 13.35
N SER A 639 -1.86 33.26 12.35
CA SER A 639 -1.59 34.70 12.40
C SER A 639 -2.80 35.50 11.99
N LYS A 640 -2.80 36.77 12.40
CA LYS A 640 -3.88 37.71 12.08
C LYS A 640 -4.13 37.69 10.59
N SER A 641 -3.07 37.92 9.83
CA SER A 641 -3.17 37.91 8.39
C SER A 641 -3.97 36.71 7.89
N LYS A 642 -3.59 35.50 8.30
CA LYS A 642 -4.27 34.29 7.85
C LYS A 642 -5.70 34.22 8.36
N GLY A 643 -6.00 35.08 9.33
CA GLY A 643 -7.31 35.09 9.92
C GLY A 643 -7.68 33.69 10.34
N ASN A 644 -7.04 33.19 11.40
CA ASN A 644 -7.30 31.85 11.93
C ASN A 644 -6.87 31.76 13.35
N GLY A 645 -6.46 32.90 13.90
CA GLY A 645 -6.06 32.91 15.29
C GLY A 645 -7.13 32.46 16.28
N VAL A 646 -6.71 32.04 17.46
CA VAL A 646 -7.67 31.63 18.45
C VAL A 646 -7.56 32.64 19.57
N MET A 647 -8.24 33.78 19.44
CA MET A 647 -8.16 34.81 20.46
C MET A 647 -8.25 34.28 21.89
N VAL A 648 -7.37 34.77 22.74
CA VAL A 648 -7.33 34.30 24.11
C VAL A 648 -8.62 34.62 24.82
N GLY A 649 -8.91 35.92 24.93
CA GLY A 649 -10.12 36.36 25.61
C GLY A 649 -11.34 35.50 25.29
N PRO A 650 -11.80 35.54 24.05
CA PRO A 650 -12.95 34.73 23.70
C PRO A 650 -12.73 33.33 24.28
N PHE A 651 -11.87 32.54 23.63
CA PHE A 651 -11.56 31.18 24.06
C PHE A 651 -11.65 30.93 25.58
N VAL A 652 -10.93 31.71 26.37
CA VAL A 652 -10.99 31.50 27.79
C VAL A 652 -12.41 31.58 28.32
N LYS A 653 -13.21 32.51 27.80
CA LYS A 653 -14.58 32.67 28.28
C LYS A 653 -15.39 31.46 27.91
N GLU A 654 -15.29 31.02 26.67
CA GLU A 654 -16.03 29.86 26.23
C GLU A 654 -15.48 28.55 26.77
N GLN A 655 -14.20 28.51 27.13
CA GLN A 655 -13.60 27.29 27.66
C GLN A 655 -13.04 27.56 29.03
N GLY A 656 -11.71 27.68 29.10
CA GLY A 656 -11.00 27.93 30.35
C GLY A 656 -9.53 28.21 30.10
N ALA A 657 -8.82 28.67 31.13
CA ALA A 657 -7.41 28.95 30.97
C ALA A 657 -6.60 27.65 30.97
N ASP A 658 -6.49 27.00 32.13
CA ASP A 658 -5.76 25.75 32.26
C ASP A 658 -5.98 24.84 31.07
N ILE A 659 -7.12 24.95 30.42
CA ILE A 659 -7.36 24.11 29.27
C ILE A 659 -6.45 24.56 28.14
N ALA A 660 -6.36 25.86 27.95
CA ALA A 660 -5.52 26.40 26.89
C ALA A 660 -4.11 25.90 27.12
N ARG A 661 -3.63 26.08 28.35
CA ARG A 661 -2.30 25.64 28.76
C ARG A 661 -2.07 24.19 28.36
N ILE A 662 -2.61 23.25 29.11
CA ILE A 662 -2.43 21.85 28.75
C ILE A 662 -2.43 21.65 27.23
N THR A 663 -3.31 22.32 26.52
CA THR A 663 -3.38 22.14 25.07
C THR A 663 -2.10 22.55 24.38
N ILE A 664 -1.61 23.71 24.75
CA ILE A 664 -0.39 24.24 24.18
C ILE A 664 0.86 23.45 24.60
N LEU A 665 1.03 23.24 25.91
CA LEU A 665 2.18 22.50 26.42
C LEU A 665 2.31 21.05 25.93
N PHE A 666 1.22 20.29 26.06
CA PHE A 666 1.21 18.89 25.68
C PHE A 666 1.10 18.57 24.19
N ALA A 667 0.84 19.56 23.36
CA ALA A 667 0.67 19.32 21.93
C ALA A 667 1.82 18.60 21.27
N ALA A 668 3.06 19.04 21.52
CA ALA A 668 4.25 18.45 20.94
C ALA A 668 5.52 18.95 21.66
N PRO A 669 6.72 18.63 21.12
CA PRO A 669 7.90 19.13 21.82
C PRO A 669 7.98 20.62 21.56
N PRO A 670 8.08 21.41 22.63
CA PRO A 670 8.15 22.86 22.46
C PRO A 670 9.02 23.38 21.34
N GLU A 671 10.13 22.72 21.04
CA GLU A 671 11.01 23.20 19.98
C GLU A 671 10.35 23.00 18.65
N ASN A 672 9.49 21.99 18.57
CA ASN A 672 8.78 21.65 17.33
C ASN A 672 7.59 22.57 17.13
N GLU A 673 6.97 22.51 15.96
CA GLU A 673 5.81 23.36 15.71
C GLU A 673 4.52 22.58 15.91
N MET A 674 3.64 23.08 16.79
CA MET A 674 2.39 22.39 17.04
C MET A 674 1.30 22.87 16.11
N VAL A 675 0.17 22.19 16.15
CA VAL A 675 -0.98 22.54 15.35
C VAL A 675 -2.17 22.53 16.28
N TRP A 676 -2.51 23.70 16.84
CA TRP A 676 -3.64 23.86 17.75
C TRP A 676 -4.92 23.30 17.10
N THR A 677 -5.54 22.33 17.76
CA THR A 677 -6.74 21.74 17.18
C THR A 677 -7.86 21.47 18.16
N GLU A 678 -9.07 21.30 17.61
CA GLU A 678 -10.27 21.08 18.42
C GLU A 678 -10.04 19.89 19.30
N GLU A 679 -9.66 18.78 18.68
CA GLU A 679 -9.39 17.51 19.36
C GLU A 679 -8.44 17.70 20.56
N GLY A 680 -7.40 18.52 20.38
CA GLY A 680 -6.48 18.73 21.46
C GLY A 680 -7.13 19.39 22.66
N VAL A 681 -7.87 20.47 22.42
CA VAL A 681 -8.55 21.22 23.47
C VAL A 681 -9.42 20.25 24.26
N GLN A 682 -10.09 19.35 23.53
CA GLN A 682 -10.95 18.35 24.15
C GLN A 682 -10.12 17.56 25.14
N GLY A 683 -9.05 16.93 24.64
CA GLY A 683 -8.18 16.13 25.50
C GLY A 683 -7.79 16.86 26.78
N ALA A 684 -7.53 18.15 26.65
CA ALA A 684 -7.18 18.95 27.79
C ALA A 684 -8.34 18.95 28.77
N TRP A 685 -9.55 19.04 28.23
CA TRP A 685 -10.78 19.04 29.05
C TRP A 685 -10.87 17.73 29.82
N ARG A 686 -10.77 16.63 29.08
CA ARG A 686 -10.81 15.30 29.61
C ARG A 686 -9.74 15.15 30.70
N PHE A 687 -8.47 15.30 30.32
CA PHE A 687 -7.41 15.19 31.30
C PHE A 687 -7.73 15.97 32.56
N LEU A 688 -8.11 17.24 32.42
CA LEU A 688 -8.42 18.10 33.55
C LEU A 688 -9.60 17.62 34.39
N ASN A 689 -10.61 17.07 33.73
CA ASN A 689 -11.75 16.59 34.48
C ASN A 689 -11.35 15.40 35.31
N ARG A 690 -10.85 14.33 34.67
CA ARG A 690 -10.44 13.13 35.40
C ARG A 690 -9.60 13.48 36.63
N ILE A 691 -8.81 14.55 36.54
CA ILE A 691 -8.00 14.96 37.68
C ILE A 691 -8.97 15.45 38.74
N TYR A 692 -9.99 16.19 38.32
CA TYR A 692 -10.98 16.71 39.25
C TYR A 692 -11.73 15.60 39.96
N ARG A 693 -12.42 14.77 39.19
CA ARG A 693 -13.19 13.65 39.72
C ARG A 693 -12.39 12.88 40.77
N ARG A 694 -11.30 12.27 40.34
CA ARG A 694 -10.46 11.49 41.24
C ARG A 694 -10.30 12.13 42.61
N VAL A 695 -10.21 13.45 42.65
CA VAL A 695 -10.03 14.15 43.92
C VAL A 695 -11.36 14.55 44.54
N ALA A 696 -12.36 14.79 43.71
CA ALA A 696 -13.68 15.16 44.24
C ALA A 696 -14.38 13.94 44.85
N GLU A 697 -14.15 12.77 44.25
CA GLU A 697 -14.73 11.51 44.69
C GLU A 697 -14.12 11.00 45.98
N ASP A 698 -12.95 11.52 46.34
CA ASP A 698 -12.31 11.08 47.57
C ASP A 698 -12.15 12.22 48.55
N ARG A 699 -12.68 13.40 48.19
CA ARG A 699 -12.56 14.58 49.04
C ARG A 699 -12.90 14.29 50.50
N GLU A 700 -14.05 13.67 50.72
CA GLU A 700 -14.48 13.35 52.08
C GLU A 700 -13.52 12.32 52.66
N ALA A 701 -13.44 11.18 51.99
CA ALA A 701 -12.58 10.10 52.40
C ALA A 701 -11.16 10.57 52.74
N LEU A 702 -10.63 11.47 51.92
CA LEU A 702 -9.30 12.01 52.12
C LEU A 702 -9.24 12.95 53.29
N LEU A 703 -10.29 13.75 53.45
CA LEU A 703 -10.35 14.73 54.53
C LEU A 703 -10.18 14.15 55.92
N GLU A 704 -10.50 12.87 56.06
CA GLU A 704 -10.40 12.20 57.36
C GLU A 704 -9.23 11.21 57.44
N THR A 705 -8.31 11.30 56.49
CA THR A 705 -7.14 10.42 56.45
C THR A 705 -5.87 11.20 56.71
N SER A 706 -4.84 10.52 57.23
CA SER A 706 -3.57 11.17 57.50
C SER A 706 -2.58 10.81 56.41
N GLY A 707 -1.74 11.77 56.04
CA GLY A 707 -0.76 11.51 55.00
C GLY A 707 0.59 11.13 55.56
N VAL A 708 0.60 10.65 56.79
CA VAL A 708 1.83 10.24 57.44
C VAL A 708 1.92 8.72 57.43
N PHE A 709 3.11 8.20 57.16
CA PHE A 709 3.32 6.75 57.14
C PHE A 709 4.80 6.40 57.03
N GLN A 710 5.14 5.16 57.35
CA GLN A 710 6.52 4.70 57.29
C GLN A 710 6.80 4.17 55.90
N ALA A 711 7.84 4.69 55.26
CA ALA A 711 8.21 4.29 53.93
C ALA A 711 8.34 2.78 53.72
N GLU A 712 9.32 2.18 54.38
CA GLU A 712 9.61 0.75 54.27
C GLU A 712 8.47 -0.18 54.70
N ALA A 713 7.72 0.23 55.70
CA ALA A 713 6.60 -0.57 56.20
C ALA A 713 5.50 -0.70 55.17
N LEU A 714 5.82 -0.47 53.92
CA LEU A 714 4.84 -0.55 52.86
C LEU A 714 4.95 -1.86 52.13
N GLU A 715 3.81 -2.35 51.65
CA GLU A 715 3.76 -3.62 50.93
C GLU A 715 2.45 -3.69 50.18
N GLY A 716 2.46 -4.39 49.06
CA GLY A 716 1.23 -4.53 48.29
C GLY A 716 1.08 -3.42 47.30
N LYS A 717 -0.15 -3.17 46.86
CA LYS A 717 -0.44 -2.11 45.89
C LYS A 717 0.14 -0.79 46.40
N ASP A 718 0.06 -0.58 47.70
CA ASP A 718 0.58 0.62 48.30
C ASP A 718 2.05 0.75 47.94
N ARG A 719 2.87 -0.18 48.42
CA ARG A 719 4.31 -0.17 48.11
C ARG A 719 4.58 0.12 46.64
N GLU A 720 3.70 -0.40 45.78
CA GLU A 720 3.83 -0.23 44.35
C GLU A 720 3.52 1.20 43.98
N LEU A 721 2.28 1.61 44.26
CA LEU A 721 1.82 2.96 43.97
C LEU A 721 2.84 3.98 44.45
N TYR A 722 3.37 3.77 45.64
CA TYR A 722 4.37 4.69 46.19
C TYR A 722 5.60 4.75 45.30
N GLY A 723 5.94 3.63 44.69
CA GLY A 723 7.09 3.63 43.82
C GLY A 723 6.75 4.38 42.57
N LYS A 724 5.56 4.09 42.03
CA LYS A 724 5.07 4.74 40.81
C LYS A 724 5.07 6.26 40.95
N LEU A 725 4.71 6.73 42.14
CA LEU A 725 4.71 8.14 42.43
C LEU A 725 6.12 8.63 42.17
N HIS A 726 7.04 8.32 43.09
CA HIS A 726 8.44 8.74 42.95
C HIS A 726 9.06 8.47 41.56
N GLU A 727 8.65 7.38 40.94
CA GLU A 727 9.15 7.07 39.62
C GLU A 727 8.70 8.21 38.72
N THR A 728 7.47 8.69 38.97
CA THR A 728 6.88 9.79 38.22
C THR A 728 7.47 11.12 38.60
N LEU A 729 7.55 11.38 39.90
CA LEU A 729 8.13 12.63 40.34
C LEU A 729 9.48 12.87 39.63
N LYS A 730 10.26 11.80 39.50
CA LYS A 730 11.55 11.89 38.83
C LYS A 730 11.39 12.47 37.45
N LYS A 731 10.56 11.81 36.65
CA LYS A 731 10.30 12.23 35.28
C LYS A 731 9.80 13.68 35.18
N VAL A 732 8.75 14.00 35.94
CA VAL A 732 8.24 15.37 35.92
C VAL A 732 9.38 16.34 36.23
N THR A 733 9.98 16.18 37.39
CA THR A 733 11.08 17.04 37.82
C THR A 733 12.22 17.17 36.83
N GLU A 734 12.60 16.08 36.17
CA GLU A 734 13.70 16.15 35.22
C GLU A 734 13.25 16.91 34.01
N ASP A 735 12.14 16.47 33.43
CA ASP A 735 11.60 17.13 32.25
C ASP A 735 11.33 18.61 32.43
N LEU A 736 10.90 19.03 33.61
CA LEU A 736 10.68 20.45 33.83
C LEU A 736 12.00 21.16 33.70
N GLU A 737 13.05 20.60 34.29
CA GLU A 737 14.38 21.22 34.24
C GLU A 737 14.95 21.31 32.83
N ALA A 738 14.73 20.28 32.03
CA ALA A 738 15.24 20.26 30.68
C ALA A 738 14.33 21.03 29.67
N LEU A 739 13.18 21.51 30.15
CA LEU A 739 12.23 22.23 29.31
C LEU A 739 11.54 21.33 28.32
N ARG A 740 11.17 20.14 28.78
CA ARG A 740 10.45 19.18 27.95
C ARG A 740 9.08 19.01 28.58
N PHE A 741 8.31 20.08 28.55
CA PHE A 741 6.98 20.10 29.13
C PHE A 741 5.99 19.07 28.59
N ASN A 742 6.06 18.72 27.30
CA ASN A 742 5.13 17.74 26.76
C ASN A 742 5.25 16.45 27.53
N THR A 743 6.38 15.75 27.42
CA THR A 743 6.58 14.48 28.14
C THR A 743 6.44 14.65 29.65
N ALA A 744 6.66 15.86 30.12
CA ALA A 744 6.53 16.12 31.53
C ALA A 744 5.08 15.94 31.91
N ILE A 745 4.17 16.28 31.01
CA ILE A 745 2.75 16.16 31.29
C ILE A 745 2.34 14.76 30.96
N ALA A 746 2.85 14.23 29.87
CA ALA A 746 2.52 12.87 29.46
C ALA A 746 2.79 11.96 30.64
N ALA A 747 3.78 12.33 31.46
CA ALA A 747 4.10 11.53 32.60
C ALA A 747 3.05 11.72 33.69
N LEU A 748 2.53 12.94 33.81
CA LEU A 748 1.51 13.23 34.81
C LEU A 748 0.17 12.55 34.49
N MET A 749 -0.12 12.34 33.20
CA MET A 749 -1.36 11.72 32.81
C MET A 749 -1.26 10.25 33.11
N GLU A 750 -0.06 9.72 32.91
CA GLU A 750 0.24 8.30 33.13
C GLU A 750 0.05 7.94 34.59
N PHE A 751 0.55 8.77 35.48
CA PHE A 751 0.39 8.49 36.89
C PHE A 751 -1.08 8.56 37.23
N LEU A 752 -1.78 9.54 36.69
CA LEU A 752 -3.22 9.69 36.95
C LEU A 752 -3.96 8.39 36.71
N ASN A 753 -3.71 7.75 35.57
CA ASN A 753 -4.34 6.49 35.29
C ASN A 753 -3.91 5.51 36.39
N ALA A 754 -2.63 5.49 36.69
CA ALA A 754 -2.10 4.62 37.71
C ALA A 754 -2.88 4.76 39.00
N LEU A 755 -3.38 5.97 39.27
CA LEU A 755 -4.15 6.25 40.47
C LEU A 755 -5.56 5.71 40.34
N TYR A 756 -6.10 5.77 39.14
CA TYR A 756 -7.44 5.25 38.95
C TYR A 756 -7.43 3.73 39.12
N GLU A 757 -6.36 3.09 38.67
CA GLU A 757 -6.21 1.64 38.76
C GLU A 757 -5.95 1.23 40.19
N TYR A 758 -5.32 2.11 40.95
CA TYR A 758 -5.03 1.80 42.34
C TYR A 758 -6.25 1.92 43.21
N ARG A 759 -7.27 2.61 42.73
CA ARG A 759 -8.46 2.80 43.54
C ARG A 759 -9.55 1.76 43.30
N LYS A 760 -9.26 0.79 42.44
CA LYS A 760 -10.22 -0.26 42.16
C LYS A 760 -9.92 -1.50 43.00
N ASP A 761 -8.79 -1.46 43.71
CA ASP A 761 -8.38 -2.59 44.54
C ASP A 761 -7.79 -2.08 45.84
N ARG A 762 -8.01 -0.81 46.14
CA ARG A 762 -7.46 -0.26 47.37
C ARG A 762 -8.23 1.00 47.79
N PRO A 763 -8.33 1.24 49.10
CA PRO A 763 -9.05 2.42 49.56
C PRO A 763 -8.12 3.61 49.76
N VAL A 764 -8.73 4.75 50.10
CA VAL A 764 -7.99 5.96 50.33
C VAL A 764 -7.05 5.72 51.47
N THR A 765 -5.79 5.38 51.17
CA THR A 765 -4.79 5.10 52.18
C THR A 765 -3.84 6.28 52.37
N PRO A 766 -3.10 6.29 53.48
CA PRO A 766 -2.15 7.38 53.74
C PRO A 766 -1.21 7.57 52.56
N VAL A 767 -0.69 6.47 52.04
CA VAL A 767 0.21 6.57 50.92
C VAL A 767 -0.54 7.30 49.80
N TYR A 768 -1.80 6.93 49.55
CA TYR A 768 -2.60 7.56 48.50
C TYR A 768 -2.78 9.07 48.72
N ARG A 769 -3.10 9.47 49.95
CA ARG A 769 -3.26 10.88 50.21
C ARG A 769 -1.99 11.55 49.77
N THR A 770 -0.86 11.08 50.27
CA THR A 770 0.42 11.63 49.88
C THR A 770 0.50 11.70 48.34
N ALA A 771 0.09 10.63 47.68
CA ALA A 771 0.15 10.64 46.23
C ALA A 771 -0.58 11.85 45.68
N ILE A 772 -1.78 12.11 46.18
CA ILE A 772 -2.57 13.26 45.72
C ILE A 772 -1.87 14.57 46.03
N ARG A 773 -1.38 14.71 47.26
CA ARG A 773 -0.65 15.92 47.62
C ARG A 773 0.47 16.17 46.60
N TYR A 774 1.34 15.17 46.43
CA TYR A 774 2.45 15.25 45.49
C TYR A 774 1.99 15.58 44.07
N TYR A 775 0.90 14.97 43.65
CA TYR A 775 0.38 15.21 42.31
C TYR A 775 -0.05 16.66 42.15
N LEU A 776 -0.76 17.18 43.14
CA LEU A 776 -1.21 18.56 43.06
C LEU A 776 -0.05 19.53 42.94
N GLN A 777 1.06 19.22 43.63
CA GLN A 777 2.25 20.06 43.56
C GLN A 777 2.91 19.95 42.18
N MET A 778 2.86 18.77 41.58
CA MET A 778 3.47 18.58 40.29
C MET A 778 2.62 19.17 39.19
N LEU A 779 1.38 19.49 39.52
CA LEU A 779 0.45 20.03 38.52
C LEU A 779 0.55 21.54 38.45
N PHE A 780 0.73 22.13 39.62
CA PHE A 780 0.81 23.58 39.73
C PHE A 780 1.51 24.35 38.62
N PRO A 781 2.47 23.74 37.93
CA PRO A 781 3.04 24.61 36.92
C PRO A 781 2.26 24.64 35.62
N PHE A 782 1.55 23.57 35.32
CA PHE A 782 0.82 23.52 34.05
C PHE A 782 -0.64 23.98 34.18
N ALA A 783 -1.28 23.54 35.24
CA ALA A 783 -2.66 23.89 35.51
C ALA A 783 -2.61 24.43 36.91
N PRO A 784 -2.10 25.65 37.09
CA PRO A 784 -1.99 26.30 38.40
C PRO A 784 -3.30 26.55 39.08
N HIS A 785 -4.34 26.73 38.28
CA HIS A 785 -5.67 26.99 38.81
C HIS A 785 -6.29 25.74 39.42
N LEU A 786 -6.66 24.81 38.55
CA LEU A 786 -7.27 23.58 39.03
C LEU A 786 -6.42 22.97 40.13
N ALA A 787 -5.13 23.25 40.08
CA ALA A 787 -4.21 22.72 41.07
C ALA A 787 -4.36 23.41 42.41
N GLU A 788 -4.51 24.72 42.38
CA GLU A 788 -4.65 25.54 43.59
C GLU A 788 -5.97 25.27 44.25
N GLU A 789 -6.97 24.91 43.44
CA GLU A 789 -8.31 24.64 43.92
C GLU A 789 -8.31 23.40 44.77
N LEU A 790 -8.13 22.25 44.13
CA LEU A 790 -8.10 20.95 44.82
C LEU A 790 -7.13 20.94 46.01
N TRP A 791 -6.03 21.67 45.92
CA TRP A 791 -5.08 21.69 47.00
C TRP A 791 -5.69 22.25 48.25
N HIS A 792 -6.51 23.29 48.11
CA HIS A 792 -7.14 23.94 49.26
C HIS A 792 -8.21 23.13 49.97
N TRP A 793 -8.83 22.20 49.26
CA TRP A 793 -9.81 21.36 49.89
C TRP A 793 -9.21 20.62 51.09
N PHE A 794 -7.88 20.53 51.13
CA PHE A 794 -7.23 19.80 52.21
C PHE A 794 -6.21 20.61 52.96
N TRP A 795 -5.44 21.43 52.23
CA TRP A 795 -4.40 22.23 52.88
C TRP A 795 -4.67 23.73 52.88
N PRO A 796 -4.18 24.45 53.90
CA PRO A 796 -4.34 25.88 54.08
C PRO A 796 -3.68 26.79 53.06
N ASP A 797 -2.43 27.14 53.31
CA ASP A 797 -1.71 28.04 52.40
C ASP A 797 -1.55 27.62 50.94
N SER A 798 -1.26 28.61 50.09
CA SER A 798 -1.10 28.42 48.64
C SER A 798 -0.01 27.45 48.16
N LEU A 799 -0.28 26.76 47.05
CA LEU A 799 0.68 25.81 46.50
C LEU A 799 2.05 26.45 46.32
N PHE A 800 2.08 27.77 46.28
CA PHE A 800 3.33 28.47 46.11
C PHE A 800 4.26 28.23 47.28
N GLU A 801 3.72 28.12 48.48
CA GLU A 801 4.56 27.92 49.64
C GLU A 801 4.75 26.45 49.98
N ALA A 802 4.21 25.58 49.15
CA ALA A 802 4.30 24.14 49.37
C ALA A 802 5.70 23.57 49.16
N GLY A 803 6.44 24.15 48.23
CA GLY A 803 7.77 23.67 47.95
C GLY A 803 7.59 22.52 47.02
N TRP A 804 8.66 22.12 46.36
CA TRP A 804 8.62 21.00 45.43
C TRP A 804 8.97 19.66 46.11
N PRO A 805 8.19 18.61 45.83
CA PRO A 805 8.37 17.27 46.38
C PRO A 805 9.82 16.77 46.43
N GLU A 806 10.18 16.06 47.49
CA GLU A 806 11.52 15.54 47.65
C GLU A 806 11.60 14.12 47.10
N LEU A 807 12.52 13.87 46.17
CA LEU A 807 12.63 12.54 45.58
C LEU A 807 13.26 11.56 46.55
N ASP A 808 12.76 10.33 46.53
CA ASP A 808 13.25 9.26 47.39
C ASP A 808 13.87 8.16 46.53
N GLU A 809 15.13 8.35 46.17
CA GLU A 809 15.87 7.41 45.33
C GLU A 809 15.55 5.95 45.63
N LYS A 810 15.70 5.58 46.91
CA LYS A 810 15.47 4.22 47.37
C LYS A 810 14.11 3.67 46.98
N ALA A 811 13.18 4.55 46.65
CA ALA A 811 11.83 4.16 46.26
C ALA A 811 11.76 3.73 44.82
N LEU A 812 12.80 4.07 44.07
CA LEU A 812 12.86 3.73 42.67
C LEU A 812 13.30 2.30 42.50
N GLU A 813 14.08 1.79 43.45
CA GLU A 813 14.58 0.42 43.43
C GLU A 813 13.47 -0.57 43.14
N LYS A 814 13.67 -1.39 42.10
CA LYS A 814 12.66 -2.36 41.72
C LYS A 814 12.92 -3.74 42.29
N ASP A 815 11.79 -4.40 42.60
CA ASP A 815 11.79 -5.75 43.16
C ASP A 815 10.72 -6.58 42.45
N VAL A 816 11.17 -7.50 41.62
CA VAL A 816 10.29 -8.36 40.82
C VAL A 816 9.83 -7.60 39.59
N VAL A 817 10.76 -7.43 38.66
CA VAL A 817 10.55 -6.73 37.42
C VAL A 817 10.11 -7.76 36.41
N GLU A 818 9.44 -7.32 35.34
CA GLU A 818 9.03 -8.24 34.30
C GLU A 818 10.20 -8.40 33.34
N VAL A 819 10.57 -9.64 33.05
CA VAL A 819 11.68 -9.94 32.16
C VAL A 819 11.20 -10.56 30.87
N ALA A 820 11.86 -10.22 29.78
CA ALA A 820 11.48 -10.75 28.49
C ALA A 820 12.30 -11.98 28.18
N VAL A 821 11.64 -13.05 27.76
CA VAL A 821 12.36 -14.27 27.44
C VAL A 821 12.49 -14.38 25.95
N GLN A 822 13.72 -14.28 25.45
CA GLN A 822 13.89 -14.37 24.03
C GLN A 822 14.81 -15.52 23.62
N VAL A 823 14.48 -16.10 22.47
CA VAL A 823 15.26 -17.18 21.92
C VAL A 823 15.74 -16.85 20.50
N ASN A 824 17.06 -16.96 20.29
CA ASN A 824 17.69 -16.62 19.02
C ASN A 824 17.09 -15.29 18.56
N GLY A 825 17.22 -14.26 19.39
CA GLY A 825 16.74 -12.94 19.01
C GLY A 825 15.26 -12.62 18.86
N ARG A 826 14.38 -13.59 19.06
CA ARG A 826 12.97 -13.25 18.97
C ARG A 826 12.43 -13.26 20.39
N VAL A 827 11.51 -12.36 20.69
CA VAL A 827 10.90 -12.27 22.00
C VAL A 827 9.77 -13.28 22.09
N ARG A 828 10.07 -14.43 22.69
CA ARG A 828 9.11 -15.51 22.84
C ARG A 828 8.03 -15.27 23.91
N GLY A 829 8.39 -14.53 24.95
CA GLY A 829 7.47 -14.24 26.03
C GLY A 829 8.09 -13.45 27.17
N THR A 830 7.31 -13.24 28.23
CA THR A 830 7.76 -12.46 29.38
C THR A 830 7.38 -13.03 30.76
N ILE A 831 8.37 -13.27 31.62
CA ILE A 831 8.11 -13.80 32.97
C ILE A 831 8.23 -12.69 34.00
N HIS A 832 7.88 -12.97 35.24
CA HIS A 832 7.95 -11.97 36.29
C HIS A 832 8.78 -12.50 37.44
N ILE A 833 10.03 -12.09 37.53
CA ILE A 833 10.90 -12.58 38.58
C ILE A 833 11.73 -11.46 39.17
N PRO A 834 12.24 -11.62 40.40
CA PRO A 834 13.04 -10.57 41.01
C PRO A 834 14.18 -10.09 40.13
N LYS A 835 14.71 -8.92 40.47
CA LYS A 835 15.79 -8.32 39.71
C LYS A 835 17.09 -9.12 39.83
N ASP A 836 17.34 -9.66 41.02
CA ASP A 836 18.56 -10.43 41.29
C ASP A 836 18.37 -11.92 40.99
N ALA A 837 17.13 -12.31 40.73
CA ALA A 837 16.82 -13.70 40.46
C ALA A 837 17.94 -14.34 39.66
N PRO A 838 18.52 -15.42 40.18
CA PRO A 838 19.62 -16.17 39.55
C PRO A 838 19.20 -16.88 38.26
N LEU A 839 20.11 -16.91 37.29
CA LEU A 839 19.86 -17.53 35.99
C LEU A 839 19.00 -18.79 36.08
N GLU A 840 19.21 -19.56 37.14
CA GLU A 840 18.46 -20.80 37.31
C GLU A 840 17.01 -20.54 37.66
N VAL A 841 16.77 -19.45 38.39
CA VAL A 841 15.42 -19.10 38.81
C VAL A 841 14.59 -18.57 37.65
N ALA A 842 15.26 -17.83 36.77
CA ALA A 842 14.60 -17.26 35.61
C ALA A 842 14.35 -18.39 34.63
N ARG A 843 15.44 -19.07 34.27
CA ARG A 843 15.38 -20.19 33.34
C ARG A 843 14.16 -21.04 33.66
N ALA A 844 14.05 -21.41 34.92
CA ALA A 844 12.94 -22.22 35.38
C ALA A 844 11.59 -21.55 35.10
N GLU A 845 11.38 -20.38 35.70
CA GLU A 845 10.13 -19.68 35.51
C GLU A 845 9.85 -19.39 34.03
N ALA A 846 10.85 -19.63 33.20
CA ALA A 846 10.72 -19.39 31.76
C ALA A 846 10.20 -20.64 31.04
N LEU A 847 10.87 -21.76 31.28
CA LEU A 847 10.54 -23.05 30.68
C LEU A 847 9.06 -23.44 30.65
N LYS A 848 8.21 -22.66 31.31
CA LYS A 848 6.79 -22.95 31.33
C LYS A 848 5.94 -21.71 31.13
N VAL A 849 6.31 -20.91 30.12
CA VAL A 849 5.60 -19.67 29.83
C VAL A 849 4.10 -19.88 29.58
N ARG A 850 3.38 -18.79 29.36
CA ARG A 850 1.93 -18.85 29.13
C ARG A 850 1.55 -20.02 28.22
N ASN A 851 2.02 -19.97 26.97
CA ASN A 851 1.73 -21.04 26.02
C ASN A 851 2.94 -21.96 25.85
N VAL A 852 3.88 -21.88 26.79
CA VAL A 852 5.11 -22.69 26.77
C VAL A 852 5.84 -22.43 25.46
N ARG A 853 5.60 -21.25 24.90
CA ARG A 853 6.20 -20.83 23.64
C ARG A 853 7.71 -21.08 23.65
N ALA A 854 8.33 -20.87 24.80
CA ALA A 854 9.78 -21.06 24.92
C ALA A 854 10.17 -22.47 24.52
N HIS A 855 9.26 -23.41 24.75
CA HIS A 855 9.50 -24.81 24.41
C HIS A 855 9.16 -25.05 22.95
N LEU A 856 8.05 -24.47 22.50
CA LEU A 856 7.63 -24.61 21.12
C LEU A 856 8.78 -24.29 20.16
N GLU A 857 9.99 -24.04 20.68
CA GLU A 857 11.10 -23.65 19.83
C GLU A 857 12.47 -23.84 20.42
N GLY A 858 12.55 -24.05 21.71
CA GLY A 858 13.84 -24.22 22.33
C GLY A 858 13.95 -25.67 22.71
N LYS A 859 14.38 -26.50 21.77
CA LYS A 859 14.54 -27.93 22.00
C LYS A 859 15.97 -28.42 21.75
N GLU A 860 16.92 -27.49 21.81
CA GLU A 860 18.33 -27.80 21.58
C GLU A 860 19.26 -27.02 22.53
N VAL A 861 19.29 -25.70 22.39
CA VAL A 861 20.13 -24.80 23.21
C VAL A 861 21.63 -25.10 23.17
N VAL A 862 22.43 -24.05 23.36
CA VAL A 862 23.89 -24.17 23.33
C VAL A 862 24.52 -23.19 24.32
N LYS A 863 23.98 -21.97 24.35
CA LYS A 863 24.47 -20.91 25.25
C LYS A 863 23.28 -20.03 25.66
N GLU A 864 23.33 -19.49 26.88
CA GLU A 864 22.25 -18.64 27.37
C GLU A 864 22.80 -17.35 27.99
N ILE A 865 22.19 -16.23 27.64
CA ILE A 865 22.61 -14.95 28.19
C ILE A 865 21.51 -14.40 29.08
N TYR A 866 21.91 -13.94 30.26
CA TYR A 866 20.97 -13.38 31.23
C TYR A 866 21.39 -11.99 31.65
N VAL A 867 20.44 -11.07 31.63
CA VAL A 867 20.70 -9.71 32.05
C VAL A 867 19.66 -9.38 33.11
N PRO A 868 20.07 -9.37 34.39
CA PRO A 868 19.22 -9.08 35.54
C PRO A 868 18.06 -8.13 35.21
N GLY A 869 18.37 -7.12 34.43
CA GLY A 869 17.37 -6.14 34.04
C GLY A 869 16.07 -6.72 33.55
N LYS A 870 15.98 -6.92 32.24
CA LYS A 870 14.76 -7.46 31.67
C LYS A 870 14.97 -8.35 30.46
N ILE A 871 15.90 -9.29 30.52
CA ILE A 871 16.10 -10.16 29.37
C ILE A 871 16.82 -11.47 29.63
N LEU A 872 16.42 -12.48 28.88
CA LEU A 872 17.02 -13.81 28.97
C LEU A 872 16.95 -14.46 27.60
N ASN A 873 18.11 -14.64 26.98
CA ASN A 873 18.13 -15.25 25.65
C ASN A 873 18.72 -16.65 25.66
N LEU A 874 18.04 -17.53 24.95
CA LEU A 874 18.43 -18.93 24.83
C LEU A 874 18.90 -19.21 23.40
N VAL A 875 20.21 -19.31 23.20
CA VAL A 875 20.76 -19.59 21.88
C VAL A 875 20.55 -21.07 21.54
N VAL A 876 19.60 -21.35 20.65
CA VAL A 876 19.30 -22.71 20.24
C VAL A 876 20.32 -23.19 19.22
N MET C 1 -9.95 4.80 -49.19
CA MET C 1 -9.75 3.37 -48.83
C MET C 1 -10.96 2.79 -48.09
N GLU C 2 -11.40 1.63 -48.55
CA GLU C 2 -12.54 0.92 -47.96
C GLU C 2 -12.29 0.57 -46.49
N LYS C 3 -13.22 -0.15 -45.89
CA LYS C 3 -13.06 -0.53 -44.49
C LYS C 3 -13.58 -1.94 -44.23
N TYR C 4 -13.15 -2.52 -43.12
CA TYR C 4 -13.56 -3.86 -42.73
C TYR C 4 -15.06 -3.91 -42.46
N ASN C 5 -15.79 -4.60 -43.33
CA ASN C 5 -17.24 -4.72 -43.17
C ASN C 5 -17.65 -6.18 -43.05
N PRO C 6 -17.97 -6.63 -41.83
CA PRO C 6 -18.37 -8.02 -41.61
C PRO C 6 -19.59 -8.46 -42.42
N HIS C 7 -20.75 -7.88 -42.15
CA HIS C 7 -22.00 -8.25 -42.83
C HIS C 7 -21.82 -8.37 -44.33
N ALA C 8 -20.80 -7.73 -44.85
CA ALA C 8 -20.53 -7.75 -46.29
C ALA C 8 -19.97 -9.08 -46.76
N ILE C 9 -19.06 -9.64 -45.99
CA ILE C 9 -18.41 -10.88 -46.40
C ILE C 9 -18.70 -12.15 -45.62
N GLU C 10 -18.93 -12.04 -44.31
CA GLU C 10 -19.17 -13.25 -43.53
C GLU C 10 -20.21 -14.22 -44.10
N ALA C 11 -21.50 -13.94 -43.93
CA ALA C 11 -22.54 -14.84 -44.44
C ALA C 11 -22.29 -15.35 -45.88
N LYS C 12 -21.47 -14.61 -46.63
CA LYS C 12 -21.13 -14.97 -48.00
C LYS C 12 -20.28 -16.24 -48.01
N TRP C 13 -19.15 -16.16 -47.30
CA TRP C 13 -18.20 -17.25 -47.19
C TRP C 13 -18.80 -18.48 -46.54
N GLN C 14 -19.60 -18.28 -45.50
CA GLN C 14 -20.22 -19.40 -44.81
C GLN C 14 -20.90 -20.28 -45.84
N ARG C 15 -21.68 -19.66 -46.73
CA ARG C 15 -22.39 -20.39 -47.78
C ARG C 15 -21.39 -21.06 -48.71
N PHE C 16 -20.24 -20.41 -48.88
CA PHE C 16 -19.20 -20.93 -49.75
C PHE C 16 -18.57 -22.22 -49.24
N TRP C 17 -18.30 -22.26 -47.95
CA TRP C 17 -17.71 -23.43 -47.34
C TRP C 17 -18.72 -24.57 -47.36
N GLU C 18 -19.97 -24.25 -47.07
CA GLU C 18 -21.03 -25.26 -47.06
C GLU C 18 -21.24 -25.88 -48.44
N GLU C 19 -21.19 -25.05 -49.47
CA GLU C 19 -21.38 -25.53 -50.84
C GLU C 19 -20.27 -26.48 -51.25
N LYS C 20 -19.03 -25.98 -51.18
CA LYS C 20 -17.84 -26.75 -51.56
C LYS C 20 -17.59 -27.96 -50.68
N GLY C 21 -18.26 -28.01 -49.54
CA GLY C 21 -18.12 -29.12 -48.61
C GLY C 21 -16.69 -29.47 -48.25
N PHE C 22 -16.05 -28.60 -47.49
CA PHE C 22 -14.67 -28.82 -47.10
C PHE C 22 -14.57 -29.71 -45.87
N MET C 23 -15.56 -29.60 -44.99
CA MET C 23 -15.54 -30.43 -43.80
C MET C 23 -16.27 -31.75 -43.95
N LYS C 24 -16.53 -32.15 -45.20
CA LYS C 24 -17.20 -33.41 -45.46
C LYS C 24 -16.25 -34.48 -44.92
N ALA C 25 -16.74 -35.29 -43.99
CA ALA C 25 -15.92 -36.33 -43.39
C ALA C 25 -15.82 -37.54 -44.29
N LYS C 26 -14.60 -37.84 -44.74
CA LYS C 26 -14.37 -38.97 -45.61
C LYS C 26 -14.85 -40.26 -44.94
N ASP C 27 -15.48 -41.16 -45.71
CA ASP C 27 -15.97 -42.41 -45.13
C ASP C 27 -14.88 -43.22 -44.46
N LEU C 28 -13.80 -43.47 -45.19
CA LEU C 28 -12.67 -44.23 -44.66
C LEU C 28 -11.37 -43.45 -44.87
N PRO C 29 -10.82 -42.86 -43.80
CA PRO C 29 -9.58 -42.09 -43.82
C PRO C 29 -8.44 -42.77 -44.55
N GLY C 30 -7.82 -42.02 -45.47
CA GLY C 30 -6.72 -42.56 -46.24
C GLY C 30 -5.45 -42.78 -45.43
N GLY C 31 -4.30 -42.50 -46.07
CA GLY C 31 -3.02 -42.68 -45.41
C GLY C 31 -2.34 -41.36 -45.08
N ARG C 32 -3.03 -40.25 -45.33
CA ARG C 32 -2.48 -38.94 -45.04
C ARG C 32 -2.60 -38.68 -43.52
N GLY C 33 -3.29 -39.58 -42.84
CA GLY C 33 -3.49 -39.46 -41.40
C GLY C 33 -4.89 -38.91 -41.20
N LYS C 34 -5.36 -38.89 -39.96
CA LYS C 34 -6.69 -38.38 -39.68
C LYS C 34 -6.86 -37.86 -38.26
N GLN C 35 -7.70 -36.84 -38.13
CA GLN C 35 -8.00 -36.23 -36.85
C GLN C 35 -9.48 -36.34 -36.65
N TYR C 36 -9.88 -36.50 -35.39
CA TYR C 36 -11.29 -36.61 -35.03
C TYR C 36 -11.54 -35.59 -33.91
N VAL C 37 -11.92 -34.37 -34.27
CA VAL C 37 -12.20 -33.34 -33.26
C VAL C 37 -13.66 -33.47 -32.87
N LEU C 38 -13.97 -33.51 -31.58
CA LEU C 38 -15.35 -33.65 -31.19
C LEU C 38 -15.75 -32.88 -29.94
N VAL C 39 -16.87 -32.14 -30.03
CA VAL C 39 -17.39 -31.39 -28.88
C VAL C 39 -18.67 -32.08 -28.44
N MET C 40 -18.79 -32.32 -27.13
CA MET C 40 -19.95 -33.00 -26.58
C MET C 40 -21.23 -32.43 -27.18
N PHE C 41 -22.06 -33.27 -27.79
CA PHE C 41 -23.28 -32.75 -28.37
C PHE C 41 -24.18 -32.17 -27.29
N PRO C 42 -24.90 -31.09 -27.61
CA PRO C 42 -25.80 -30.37 -26.70
C PRO C 42 -27.20 -30.93 -26.49
N TYR C 43 -27.73 -30.64 -25.30
CA TYR C 43 -29.08 -31.03 -24.92
C TYR C 43 -29.93 -29.95 -25.54
N PRO C 44 -30.67 -30.26 -26.60
CA PRO C 44 -31.50 -29.21 -27.20
C PRO C 44 -32.52 -28.72 -26.16
N SER C 45 -32.25 -27.54 -25.60
CA SER C 45 -33.13 -26.94 -24.59
C SER C 45 -32.78 -25.47 -24.36
N GLY C 46 -33.23 -24.61 -25.28
CA GLY C 46 -32.96 -23.20 -25.17
C GLY C 46 -32.29 -22.67 -26.42
N ASP C 47 -31.91 -21.40 -26.40
CA ASP C 47 -31.26 -20.80 -27.55
C ASP C 47 -29.80 -20.50 -27.16
N LEU C 48 -28.89 -20.76 -28.10
CA LEU C 48 -27.45 -20.57 -27.87
C LEU C 48 -27.02 -19.12 -27.66
N HIS C 49 -25.93 -18.96 -26.91
CA HIS C 49 -25.35 -17.66 -26.64
C HIS C 49 -23.85 -17.85 -26.49
N MET C 50 -23.12 -16.74 -26.40
CA MET C 50 -21.68 -16.79 -26.26
C MET C 50 -21.22 -17.80 -25.22
N GLY C 51 -21.98 -17.95 -24.15
CA GLY C 51 -21.61 -18.90 -23.11
C GLY C 51 -21.44 -20.30 -23.67
N HIS C 52 -22.28 -20.64 -24.64
CA HIS C 52 -22.24 -21.95 -25.27
C HIS C 52 -21.23 -22.05 -26.40
N LEU C 53 -21.21 -21.05 -27.27
CA LEU C 53 -20.31 -21.08 -28.41
C LEU C 53 -18.82 -21.25 -28.12
N LYS C 54 -18.38 -21.01 -26.88
CA LYS C 54 -16.96 -21.18 -26.56
C LYS C 54 -16.48 -22.53 -27.10
N ASN C 55 -17.08 -23.60 -26.62
CA ASN C 55 -16.71 -24.94 -27.06
C ASN C 55 -16.70 -25.06 -28.56
N TYR C 56 -17.88 -25.19 -29.16
CA TYR C 56 -17.97 -25.35 -30.60
C TYR C 56 -16.96 -24.50 -31.39
N THR C 57 -16.61 -23.34 -30.88
CA THR C 57 -15.64 -22.51 -31.58
C THR C 57 -14.33 -23.27 -31.60
N MET C 58 -13.86 -23.60 -30.40
CA MET C 58 -12.62 -24.35 -30.19
C MET C 58 -12.61 -25.49 -31.19
N GLY C 59 -13.53 -26.42 -31.00
CA GLY C 59 -13.61 -27.54 -31.92
C GLY C 59 -13.37 -27.07 -33.35
N ASP C 60 -13.98 -25.96 -33.74
CA ASP C 60 -13.82 -25.44 -35.09
C ASP C 60 -12.40 -25.01 -35.38
N VAL C 61 -11.86 -24.14 -34.53
CA VAL C 61 -10.49 -23.70 -34.74
C VAL C 61 -9.62 -24.92 -35.06
N LEU C 62 -9.56 -25.82 -34.07
CA LEU C 62 -8.80 -27.05 -34.11
C LEU C 62 -9.15 -27.84 -35.36
N ALA C 63 -10.41 -27.91 -35.69
CA ALA C 63 -10.84 -28.64 -36.87
C ALA C 63 -10.35 -28.01 -38.17
N ARG C 64 -10.41 -26.69 -38.27
CA ARG C 64 -9.97 -26.02 -39.49
C ARG C 64 -8.48 -26.18 -39.66
N PHE C 65 -7.76 -26.00 -38.56
CA PHE C 65 -6.31 -26.13 -38.53
C PHE C 65 -5.86 -27.46 -39.12
N ARG C 66 -6.21 -28.55 -38.44
CA ARG C 66 -5.86 -29.88 -38.88
C ARG C 66 -6.20 -30.06 -40.35
N ARG C 67 -7.44 -29.77 -40.71
CA ARG C 67 -7.85 -29.89 -42.09
C ARG C 67 -6.87 -29.15 -43.01
N MET C 68 -6.38 -27.99 -42.55
CA MET C 68 -5.44 -27.17 -43.30
C MET C 68 -4.11 -27.89 -43.49
N GLN C 69 -3.68 -28.60 -42.45
CA GLN C 69 -2.43 -29.33 -42.51
C GLN C 69 -2.50 -30.46 -43.51
N GLY C 70 -3.66 -31.09 -43.62
CA GLY C 70 -3.81 -32.19 -44.56
C GLY C 70 -4.56 -33.37 -43.98
N TYR C 71 -4.51 -33.53 -42.66
CA TYR C 71 -5.21 -34.63 -42.01
C TYR C 71 -6.63 -34.70 -42.53
N GLU C 72 -7.20 -35.91 -42.55
CA GLU C 72 -8.57 -36.10 -42.98
C GLU C 72 -9.34 -35.82 -41.69
N VAL C 73 -10.08 -34.72 -41.65
CA VAL C 73 -10.80 -34.35 -40.44
C VAL C 73 -12.27 -34.73 -40.40
N LEU C 74 -12.74 -35.02 -39.20
CA LEU C 74 -14.13 -35.37 -38.96
C LEU C 74 -14.57 -34.56 -37.76
N HIS C 75 -15.31 -33.50 -38.05
CA HIS C 75 -15.86 -32.59 -37.05
C HIS C 75 -17.37 -32.76 -37.15
N PRO C 76 -17.92 -33.72 -36.42
CA PRO C 76 -19.36 -34.03 -36.42
C PRO C 76 -20.16 -33.22 -35.41
N MET C 77 -21.48 -33.29 -35.53
CA MET C 77 -22.39 -32.59 -34.64
C MET C 77 -23.81 -33.17 -34.73
N GLY C 78 -24.46 -33.31 -33.58
CA GLY C 78 -25.80 -33.87 -33.52
C GLY C 78 -26.54 -33.37 -32.28
N TRP C 79 -27.69 -33.96 -31.97
CA TRP C 79 -28.46 -33.49 -30.81
C TRP C 79 -28.84 -34.56 -29.78
N ASP C 80 -28.58 -34.25 -28.51
CA ASP C 80 -28.89 -35.17 -27.40
C ASP C 80 -30.34 -34.90 -27.01
N ALA C 81 -31.26 -35.24 -27.90
CA ALA C 81 -32.69 -35.02 -27.74
C ALA C 81 -33.46 -35.70 -26.62
N PHE C 82 -33.39 -37.03 -26.57
CA PHE C 82 -34.12 -37.79 -25.54
C PHE C 82 -33.74 -37.45 -24.10
N GLY C 83 -34.47 -38.06 -23.17
CA GLY C 83 -34.18 -37.86 -21.76
C GLY C 83 -34.86 -36.69 -21.07
N LEU C 84 -34.52 -36.51 -19.79
CA LEU C 84 -35.08 -35.44 -18.95
C LEU C 84 -34.78 -34.04 -19.49
N PRO C 85 -33.49 -33.74 -19.79
CA PRO C 85 -33.09 -32.42 -20.30
C PRO C 85 -34.12 -31.75 -21.19
N ALA C 86 -34.43 -32.40 -22.32
CA ALA C 86 -35.41 -31.87 -23.25
C ALA C 86 -36.81 -31.88 -22.62
N GLU C 87 -37.27 -33.07 -22.22
CA GLU C 87 -38.61 -33.20 -21.63
C GLU C 87 -38.83 -32.19 -20.51
N ASN C 88 -37.88 -32.05 -19.59
CA ASN C 88 -38.02 -31.09 -18.50
C ASN C 88 -38.23 -29.67 -18.99
N ALA C 89 -37.71 -29.37 -20.18
CA ALA C 89 -37.87 -28.04 -20.78
C ALA C 89 -39.23 -27.93 -21.48
N ALA C 90 -39.51 -28.88 -22.37
CA ALA C 90 -40.77 -28.91 -23.10
C ALA C 90 -41.97 -28.96 -22.15
N LEU C 91 -41.72 -29.39 -20.92
CA LEU C 91 -42.78 -29.48 -19.91
C LEU C 91 -42.96 -28.19 -19.13
N LYS C 92 -41.97 -27.30 -19.22
CA LYS C 92 -42.03 -26.02 -18.52
C LYS C 92 -42.73 -24.98 -19.40
N PHE C 93 -43.02 -25.35 -20.65
CA PHE C 93 -43.70 -24.46 -21.58
C PHE C 93 -44.95 -25.11 -22.19
N GLY C 94 -45.40 -26.20 -21.58
CA GLY C 94 -46.58 -26.90 -22.08
C GLY C 94 -46.53 -27.23 -23.57
N VAL C 95 -45.37 -27.70 -24.03
CA VAL C 95 -45.20 -28.04 -25.44
C VAL C 95 -44.84 -29.51 -25.59
N HIS C 96 -45.16 -30.08 -26.75
CA HIS C 96 -44.85 -31.48 -27.06
C HIS C 96 -43.36 -31.59 -27.36
N PRO C 97 -42.67 -32.58 -26.75
CA PRO C 97 -41.24 -32.77 -26.98
C PRO C 97 -40.82 -32.86 -28.44
N LYS C 98 -41.50 -33.70 -29.22
CA LYS C 98 -41.14 -33.85 -30.63
C LYS C 98 -41.14 -32.52 -31.37
N ASP C 99 -41.96 -31.57 -30.91
CA ASP C 99 -42.03 -30.26 -31.55
C ASP C 99 -41.03 -29.28 -30.94
N TRP C 100 -40.90 -29.32 -29.62
CA TRP C 100 -39.98 -28.45 -28.89
C TRP C 100 -38.53 -28.74 -29.28
N THR C 101 -38.28 -29.99 -29.62
CA THR C 101 -36.95 -30.41 -30.01
C THR C 101 -36.62 -29.93 -31.41
N TYR C 102 -37.25 -30.52 -32.42
CA TYR C 102 -36.95 -30.12 -33.79
C TYR C 102 -36.88 -28.62 -33.97
N ALA C 103 -37.53 -27.88 -33.08
CA ALA C 103 -37.54 -26.42 -33.12
C ALA C 103 -36.23 -25.91 -32.54
N ASN C 104 -35.92 -26.35 -31.33
CA ASN C 104 -34.68 -25.95 -30.65
C ASN C 104 -33.43 -26.27 -31.50
N ILE C 105 -33.51 -27.35 -32.26
CA ILE C 105 -32.42 -27.78 -33.15
C ILE C 105 -32.24 -26.77 -34.28
N ARG C 106 -33.36 -26.36 -34.88
CA ARG C 106 -33.33 -25.39 -35.98
C ARG C 106 -32.62 -24.13 -35.50
N GLN C 107 -33.05 -23.61 -34.34
CA GLN C 107 -32.47 -22.39 -33.76
C GLN C 107 -30.97 -22.61 -33.53
N ALA C 108 -30.62 -23.79 -33.04
CA ALA C 108 -29.22 -24.12 -32.78
C ALA C 108 -28.36 -24.07 -34.03
N LYS C 109 -28.66 -24.93 -35.01
CA LYS C 109 -27.88 -24.97 -36.23
C LYS C 109 -27.69 -23.58 -36.83
N GLU C 110 -28.68 -22.71 -36.65
CA GLU C 110 -28.62 -21.34 -37.17
C GLU C 110 -27.50 -20.56 -36.52
N SER C 111 -27.44 -20.64 -35.19
CA SER C 111 -26.40 -19.96 -34.43
C SER C 111 -25.05 -20.46 -34.91
N LEU C 112 -24.84 -21.76 -34.75
CA LEU C 112 -23.57 -22.37 -35.14
C LEU C 112 -23.16 -21.89 -36.52
N ARG C 113 -24.09 -21.91 -37.47
CA ARG C 113 -23.80 -21.47 -38.84
C ARG C 113 -23.36 -20.02 -38.89
N LEU C 114 -24.03 -19.16 -38.13
CA LEU C 114 -23.68 -17.74 -38.12
C LEU C 114 -22.28 -17.52 -37.61
N MET C 115 -21.87 -18.33 -36.64
CA MET C 115 -20.55 -18.23 -36.05
C MET C 115 -19.45 -18.73 -36.99
N GLY C 116 -19.84 -19.11 -38.21
CA GLY C 116 -18.88 -19.59 -39.18
C GLY C 116 -18.25 -20.91 -38.79
N ILE C 117 -19.03 -21.71 -38.07
CA ILE C 117 -18.56 -23.01 -37.63
C ILE C 117 -19.03 -24.07 -38.62
N LEU C 118 -18.11 -24.88 -39.09
CA LEU C 118 -18.45 -25.95 -40.03
C LEU C 118 -18.45 -27.34 -39.41
N TYR C 119 -19.25 -28.22 -39.98
CA TYR C 119 -19.36 -29.60 -39.54
C TYR C 119 -19.66 -30.43 -40.76
N ASP C 120 -19.81 -31.74 -40.57
CA ASP C 120 -20.15 -32.67 -41.66
C ASP C 120 -21.56 -33.12 -41.30
N TRP C 121 -22.52 -32.27 -41.63
CA TRP C 121 -23.92 -32.53 -41.32
C TRP C 121 -24.52 -33.77 -41.96
N ASP C 122 -23.79 -34.39 -42.87
CA ASP C 122 -24.28 -35.60 -43.48
C ASP C 122 -24.23 -36.72 -42.44
N ARG C 123 -23.69 -36.40 -41.27
CA ARG C 123 -23.56 -37.36 -40.16
C ARG C 123 -24.41 -36.98 -38.96
N GLU C 124 -25.14 -35.88 -39.06
CA GLU C 124 -26.00 -35.42 -37.98
C GLU C 124 -26.81 -36.58 -37.40
N VAL C 125 -26.88 -36.66 -36.08
CA VAL C 125 -27.66 -37.72 -35.44
C VAL C 125 -28.59 -37.12 -34.39
N THR C 126 -29.82 -37.59 -34.38
CA THR C 126 -30.81 -37.10 -33.42
C THR C 126 -31.22 -38.27 -32.55
N THR C 127 -30.74 -38.29 -31.32
CA THR C 127 -31.03 -39.39 -30.41
C THR C 127 -32.48 -39.83 -30.30
N CYS C 128 -33.42 -38.88 -30.21
CA CYS C 128 -34.81 -39.26 -30.05
C CYS C 128 -35.50 -39.91 -31.25
N GLU C 129 -34.81 -40.02 -32.38
CA GLU C 129 -35.39 -40.64 -33.57
C GLU C 129 -35.26 -42.16 -33.57
N PRO C 130 -36.26 -42.87 -34.09
CA PRO C 130 -36.24 -44.33 -34.15
C PRO C 130 -34.98 -44.84 -34.84
N GLU C 131 -34.65 -44.20 -35.95
CA GLU C 131 -33.47 -44.57 -36.73
C GLU C 131 -32.21 -44.64 -35.88
N TYR C 132 -32.29 -44.10 -34.67
CA TYR C 132 -31.15 -44.11 -33.76
C TYR C 132 -31.43 -44.90 -32.47
N TYR C 133 -32.38 -44.44 -31.67
CA TYR C 133 -32.65 -45.14 -30.42
C TYR C 133 -32.95 -46.61 -30.62
N ARG C 134 -33.19 -47.03 -31.86
CA ARG C 134 -33.44 -48.44 -32.13
C ARG C 134 -32.20 -49.22 -31.67
N TRP C 135 -31.04 -48.73 -32.06
CA TRP C 135 -29.78 -49.34 -31.71
C TRP C 135 -29.48 -49.23 -30.22
N ASN C 136 -30.11 -48.27 -29.55
CA ASN C 136 -29.93 -48.12 -28.11
C ASN C 136 -30.46 -49.40 -27.51
N GLN C 137 -31.51 -49.92 -28.15
CA GLN C 137 -32.15 -51.14 -27.72
C GLN C 137 -31.27 -52.31 -28.11
N TRP C 138 -30.88 -52.37 -29.38
CA TRP C 138 -30.02 -53.44 -29.86
C TRP C 138 -28.89 -53.67 -28.87
N ILE C 139 -28.27 -52.59 -28.41
CA ILE C 139 -27.18 -52.72 -27.45
C ILE C 139 -27.71 -53.32 -26.16
N PHE C 140 -28.81 -52.75 -25.68
CA PHE C 140 -29.40 -53.22 -24.44
C PHE C 140 -29.58 -54.73 -24.46
N LEU C 141 -29.90 -55.25 -25.64
CA LEU C 141 -30.08 -56.68 -25.78
C LEU C 141 -28.74 -57.36 -25.59
N LYS C 142 -27.77 -57.02 -26.43
CA LYS C 142 -26.46 -57.61 -26.33
C LYS C 142 -25.92 -57.61 -24.90
N MET C 143 -26.38 -56.65 -24.10
CA MET C 143 -25.93 -56.56 -22.71
C MET C 143 -26.71 -57.53 -21.84
N TRP C 144 -27.94 -57.84 -22.28
CA TRP C 144 -28.81 -58.76 -21.56
C TRP C 144 -28.26 -60.16 -21.65
N GLU C 145 -28.06 -60.64 -22.86
CA GLU C 145 -27.54 -61.98 -23.10
C GLU C 145 -26.22 -62.14 -22.34
N LYS C 146 -25.44 -61.06 -22.27
CA LYS C 146 -24.16 -61.13 -21.58
C LYS C 146 -24.33 -60.94 -20.07
N GLY C 147 -25.58 -60.87 -19.63
CA GLY C 147 -25.89 -60.72 -18.22
C GLY C 147 -25.39 -59.45 -17.54
N LEU C 148 -25.18 -58.40 -18.32
CA LEU C 148 -24.69 -57.13 -17.78
C LEU C 148 -25.86 -56.22 -17.46
N ALA C 149 -27.03 -56.60 -17.97
CA ALA C 149 -28.28 -55.86 -17.75
C ALA C 149 -29.17 -56.73 -16.85
N TYR C 150 -30.01 -56.11 -16.04
CA TYR C 150 -30.86 -56.89 -15.16
C TYR C 150 -31.87 -56.07 -14.35
N ARG C 151 -32.73 -56.77 -13.64
CA ARG C 151 -33.75 -56.14 -12.78
C ARG C 151 -33.52 -56.54 -11.33
N ALA C 152 -33.94 -55.68 -10.40
CA ALA C 152 -33.75 -55.97 -8.98
C ALA C 152 -34.41 -54.91 -8.10
N LYS C 153 -34.80 -55.32 -6.89
CA LYS C 153 -35.44 -54.41 -5.94
C LYS C 153 -34.41 -53.53 -5.23
N GLY C 154 -34.75 -53.09 -4.02
CA GLY C 154 -33.83 -52.24 -3.27
C GLY C 154 -34.19 -50.77 -3.35
N LEU C 155 -33.69 -49.98 -2.41
CA LEU C 155 -33.96 -48.55 -2.38
C LEU C 155 -33.24 -47.76 -3.47
N VAL C 156 -34.04 -47.01 -4.23
CA VAL C 156 -33.52 -46.20 -5.32
C VAL C 156 -33.75 -44.73 -4.97
N ASN C 157 -32.99 -43.84 -5.60
CA ASN C 157 -33.15 -42.41 -5.35
C ASN C 157 -34.31 -41.86 -6.16
N TRP C 158 -35.20 -41.12 -5.49
CA TRP C 158 -36.35 -40.56 -6.17
C TRP C 158 -36.31 -39.04 -6.18
N CYS C 159 -36.54 -38.46 -7.36
CA CYS C 159 -36.55 -37.03 -7.53
C CYS C 159 -38.01 -36.60 -7.67
N PRO C 160 -38.57 -35.97 -6.62
CA PRO C 160 -39.97 -35.52 -6.65
C PRO C 160 -40.29 -34.62 -7.84
N LYS C 161 -39.33 -33.78 -8.23
CA LYS C 161 -39.54 -32.88 -9.36
C LYS C 161 -39.55 -33.64 -10.69
N CYS C 162 -38.53 -34.45 -10.92
CA CYS C 162 -38.43 -35.24 -12.15
C CYS C 162 -39.44 -36.38 -12.12
N GLN C 163 -39.98 -36.67 -10.94
CA GLN C 163 -40.95 -37.74 -10.77
C GLN C 163 -40.43 -39.04 -11.38
N THR C 164 -39.21 -39.40 -11.02
CA THR C 164 -38.57 -40.61 -11.50
C THR C 164 -37.30 -40.89 -10.72
N VAL C 165 -36.76 -42.10 -10.89
CA VAL C 165 -35.53 -42.50 -10.20
C VAL C 165 -34.28 -42.06 -10.98
N LEU C 166 -33.19 -41.82 -10.26
CA LEU C 166 -31.94 -41.39 -10.87
C LEU C 166 -30.78 -42.30 -10.46
N ALA C 167 -29.74 -42.33 -11.29
CA ALA C 167 -28.54 -43.13 -10.99
C ALA C 167 -27.74 -42.39 -9.92
N ASN C 168 -26.93 -43.11 -9.14
CA ASN C 168 -26.15 -42.49 -8.07
C ASN C 168 -25.27 -41.38 -8.62
N GLU C 169 -24.85 -41.55 -9.88
CA GLU C 169 -23.99 -40.59 -10.55
C GLU C 169 -24.74 -39.27 -10.78
N GLN C 170 -26.05 -39.33 -10.69
CA GLN C 170 -26.91 -38.16 -10.90
C GLN C 170 -27.36 -37.49 -9.60
N VAL C 171 -26.61 -37.76 -8.53
CA VAL C 171 -26.90 -37.19 -7.22
C VAL C 171 -25.72 -36.35 -6.72
N VAL C 172 -25.71 -35.08 -7.10
CA VAL C 172 -24.66 -34.13 -6.72
C VAL C 172 -25.00 -33.38 -5.44
N GLU C 173 -24.09 -33.41 -4.47
CA GLU C 173 -24.28 -32.73 -3.18
C GLU C 173 -25.49 -33.30 -2.44
N GLY C 174 -26.01 -34.42 -2.93
CA GLY C 174 -27.18 -35.03 -2.31
C GLY C 174 -28.46 -34.48 -2.89
N ARG C 175 -28.34 -33.82 -4.05
CA ARG C 175 -29.48 -33.24 -4.74
C ARG C 175 -29.52 -33.71 -6.19
N CYS C 176 -30.55 -33.32 -6.92
CA CYS C 176 -30.68 -33.70 -8.32
C CYS C 176 -29.58 -33.00 -9.10
N TRP C 177 -29.13 -33.60 -10.20
CA TRP C 177 -28.07 -33.00 -10.99
C TRP C 177 -28.56 -31.82 -11.83
N ARG C 178 -29.87 -31.74 -12.03
CA ARG C 178 -30.50 -30.67 -12.81
C ARG C 178 -31.24 -29.69 -11.89
N HIS C 179 -31.74 -30.21 -10.78
CA HIS C 179 -32.48 -29.41 -9.80
C HIS C 179 -31.64 -29.35 -8.52
N GLU C 180 -30.62 -28.50 -8.51
CA GLU C 180 -29.72 -28.38 -7.36
C GLU C 180 -30.37 -27.64 -6.19
N ASP C 181 -31.66 -27.90 -5.96
CA ASP C 181 -32.39 -27.27 -4.86
C ASP C 181 -33.40 -28.27 -4.33
N THR C 182 -33.68 -29.28 -5.15
CA THR C 182 -34.64 -30.33 -4.82
C THR C 182 -33.95 -31.56 -4.21
N PRO C 183 -34.17 -31.81 -2.91
CA PRO C 183 -33.55 -32.96 -2.23
C PRO C 183 -33.93 -34.25 -2.94
N VAL C 184 -33.34 -35.37 -2.50
CA VAL C 184 -33.65 -36.65 -3.11
C VAL C 184 -34.08 -37.64 -2.03
N GLU C 185 -35.12 -38.41 -2.32
CA GLU C 185 -35.63 -39.40 -1.39
C GLU C 185 -35.40 -40.82 -1.92
N LYS C 186 -35.76 -41.81 -1.10
CA LYS C 186 -35.59 -43.21 -1.48
C LYS C 186 -36.95 -43.92 -1.50
N ARG C 187 -37.12 -44.81 -2.47
CA ARG C 187 -38.36 -45.58 -2.62
C ARG C 187 -38.12 -47.02 -3.04
N GLU C 188 -38.79 -47.95 -2.36
CA GLU C 188 -38.64 -49.38 -2.67
C GLU C 188 -39.22 -49.67 -4.05
N LEU C 189 -38.34 -49.89 -5.03
CA LEU C 189 -38.76 -50.17 -6.40
C LEU C 189 -37.84 -51.14 -7.12
N GLU C 190 -38.40 -51.91 -8.06
CA GLU C 190 -37.63 -52.88 -8.83
C GLU C 190 -37.36 -52.27 -10.20
N GLN C 191 -36.12 -51.82 -10.42
CA GLN C 191 -35.74 -51.21 -11.69
C GLN C 191 -34.68 -52.00 -12.47
N TRP C 192 -34.36 -51.52 -13.67
CA TRP C 192 -33.35 -52.14 -14.52
C TRP C 192 -31.98 -51.54 -14.25
N TYR C 193 -30.97 -52.41 -14.19
CA TYR C 193 -29.61 -51.95 -13.94
C TYR C 193 -28.64 -52.37 -15.03
N LEU C 194 -27.48 -51.75 -15.05
CA LEU C 194 -26.43 -52.10 -15.99
C LEU C 194 -25.24 -52.44 -15.11
N ARG C 195 -24.79 -53.69 -15.20
CA ARG C 195 -23.70 -54.19 -14.38
C ARG C 195 -22.35 -53.57 -14.72
N ILE C 196 -22.26 -52.25 -14.61
CA ILE C 196 -21.03 -51.55 -14.93
C ILE C 196 -19.91 -51.97 -13.98
N THR C 197 -20.25 -52.38 -12.77
CA THR C 197 -19.24 -52.80 -11.81
C THR C 197 -18.40 -53.91 -12.42
N ALA C 198 -19.01 -54.70 -13.29
CA ALA C 198 -18.32 -55.80 -13.94
C ALA C 198 -17.04 -55.32 -14.60
N TYR C 199 -16.93 -54.02 -14.82
CA TYR C 199 -15.76 -53.42 -15.44
C TYR C 199 -14.99 -52.50 -14.51
N ALA C 200 -15.32 -52.54 -13.23
CA ALA C 200 -14.64 -51.68 -12.28
C ALA C 200 -13.13 -51.77 -12.40
N GLU C 201 -12.58 -52.98 -12.41
CA GLU C 201 -11.12 -53.11 -12.48
C GLU C 201 -10.52 -52.49 -13.73
N ARG C 202 -11.08 -52.77 -14.90
CA ARG C 202 -10.58 -52.21 -16.15
C ARG C 202 -10.77 -50.70 -16.20
N LEU C 203 -11.97 -50.23 -15.86
CA LEU C 203 -12.24 -48.80 -15.88
C LEU C 203 -11.22 -48.03 -15.08
N LEU C 204 -10.72 -48.64 -14.03
CA LEU C 204 -9.73 -47.98 -13.20
C LEU C 204 -8.32 -48.24 -13.70
N LYS C 205 -8.08 -49.45 -14.20
CA LYS C 205 -6.75 -49.84 -14.68
C LYS C 205 -6.36 -49.18 -15.99
N ASP C 206 -7.31 -48.97 -16.87
CA ASP C 206 -7.02 -48.35 -18.15
C ASP C 206 -6.94 -46.82 -18.11
N LEU C 207 -6.93 -46.25 -16.91
CA LEU C 207 -6.84 -44.80 -16.77
C LEU C 207 -5.40 -44.39 -16.85
N GLU C 208 -4.52 -45.20 -16.25
CA GLU C 208 -3.10 -44.91 -16.19
C GLU C 208 -2.44 -44.30 -17.42
N GLY C 209 -2.47 -45.03 -18.53
CA GLY C 209 -1.83 -44.51 -19.73
C GLY C 209 -2.62 -43.41 -20.41
N LEU C 210 -3.83 -43.16 -19.91
CA LEU C 210 -4.72 -42.15 -20.48
C LEU C 210 -4.16 -40.75 -20.26
N ASN C 211 -4.18 -39.95 -21.32
CA ASN C 211 -3.69 -38.60 -21.24
C ASN C 211 -4.87 -37.65 -21.09
N TRP C 212 -5.39 -37.59 -19.87
CA TRP C 212 -6.53 -36.75 -19.54
C TRP C 212 -6.11 -35.73 -18.50
N PRO C 213 -6.98 -34.75 -18.21
CA PRO C 213 -6.60 -33.76 -17.21
C PRO C 213 -6.54 -34.48 -15.89
N GLU C 214 -5.41 -34.34 -15.20
CA GLU C 214 -5.20 -34.98 -13.93
C GLU C 214 -6.41 -34.81 -13.01
N LYS C 215 -7.14 -33.72 -13.20
CA LYS C 215 -8.32 -33.42 -12.39
C LYS C 215 -9.45 -34.43 -12.61
N VAL C 216 -9.66 -34.83 -13.86
CA VAL C 216 -10.73 -35.76 -14.18
C VAL C 216 -10.42 -37.18 -13.75
N LYS C 217 -9.24 -37.66 -14.11
CA LYS C 217 -8.85 -39.01 -13.76
C LYS C 217 -9.00 -39.24 -12.28
N ALA C 218 -8.40 -38.33 -11.51
CA ALA C 218 -8.44 -38.43 -10.05
C ALA C 218 -9.86 -38.56 -9.52
N MET C 219 -10.83 -38.01 -10.25
CA MET C 219 -12.23 -38.08 -9.83
C MET C 219 -12.81 -39.45 -10.12
N GLN C 220 -12.37 -40.07 -11.22
CA GLN C 220 -12.87 -41.39 -11.57
C GLN C 220 -12.18 -42.39 -10.65
N ARG C 221 -10.91 -42.19 -10.39
CA ARG C 221 -10.21 -43.10 -9.50
C ARG C 221 -10.98 -43.14 -8.20
N ALA C 222 -11.31 -41.96 -7.69
CA ALA C 222 -12.03 -41.85 -6.44
C ALA C 222 -13.46 -42.34 -6.50
N TRP C 223 -14.11 -42.18 -7.64
CA TRP C 223 -15.49 -42.60 -7.76
C TRP C 223 -15.63 -44.10 -7.86
N ILE C 224 -14.64 -44.75 -8.44
CA ILE C 224 -14.64 -46.19 -8.59
C ILE C 224 -14.20 -46.75 -7.25
N GLY C 225 -13.28 -46.03 -6.62
CA GLY C 225 -12.79 -46.41 -5.31
C GLY C 225 -12.52 -47.87 -5.01
N ARG C 226 -11.40 -48.37 -5.52
CA ARG C 226 -11.01 -49.76 -5.30
C ARG C 226 -10.46 -49.86 -3.88
N SER C 227 -10.65 -51.02 -3.26
CA SER C 227 -10.15 -51.27 -1.91
C SER C 227 -9.96 -52.76 -1.66
N GLU C 228 -8.74 -53.12 -1.33
CA GLU C 228 -8.39 -54.50 -1.06
C GLU C 228 -8.67 -54.77 0.40
N GLY C 229 -9.18 -55.97 0.69
CA GLY C 229 -9.49 -56.32 2.06
C GLY C 229 -9.95 -57.76 2.18
N ALA C 230 -10.76 -58.04 3.20
CA ALA C 230 -11.24 -59.38 3.42
C ALA C 230 -12.73 -59.47 3.74
N GLU C 231 -13.37 -60.53 3.26
CA GLU C 231 -14.79 -60.73 3.51
C GLU C 231 -14.93 -61.86 4.51
N ILE C 232 -15.15 -61.51 5.78
CA ILE C 232 -15.30 -62.52 6.82
C ILE C 232 -16.76 -62.88 7.07
N LEU C 233 -16.98 -64.12 7.47
CA LEU C 233 -18.32 -64.63 7.74
C LEU C 233 -18.54 -64.87 9.22
N PHE C 234 -19.59 -64.27 9.76
CA PHE C 234 -19.93 -64.42 11.18
C PHE C 234 -21.20 -65.25 11.32
N PRO C 235 -21.10 -66.42 11.96
CA PRO C 235 -22.27 -67.28 12.14
C PRO C 235 -23.24 -66.64 13.14
N VAL C 236 -24.54 -66.78 12.90
CA VAL C 236 -25.51 -66.24 13.83
C VAL C 236 -25.83 -67.31 14.90
N GLU C 237 -25.91 -66.89 16.15
CA GLU C 237 -26.17 -67.81 17.25
C GLU C 237 -27.46 -68.60 17.08
N GLY C 238 -27.33 -69.93 17.04
CA GLY C 238 -28.49 -70.79 16.89
C GLY C 238 -28.96 -70.94 15.46
N LYS C 239 -29.06 -69.81 14.75
CA LYS C 239 -29.49 -69.82 13.37
C LYS C 239 -28.51 -70.57 12.49
N GLU C 240 -28.92 -70.82 11.27
CA GLU C 240 -28.12 -71.54 10.28
C GLU C 240 -27.35 -70.58 9.38
N VAL C 241 -27.91 -69.38 9.17
CA VAL C 241 -27.31 -68.36 8.31
C VAL C 241 -26.01 -67.73 8.84
N ARG C 242 -25.19 -67.25 7.90
CA ARG C 242 -23.93 -66.62 8.24
C ARG C 242 -23.90 -65.20 7.63
N ILE C 243 -23.33 -64.26 8.38
CA ILE C 243 -23.27 -62.86 7.95
C ILE C 243 -21.91 -62.43 7.39
N PRO C 244 -21.87 -62.00 6.12
CA PRO C 244 -20.62 -61.56 5.49
C PRO C 244 -20.37 -60.09 5.76
N VAL C 245 -19.14 -59.77 6.14
CA VAL C 245 -18.75 -58.38 6.40
C VAL C 245 -17.43 -58.13 5.68
N PHE C 246 -17.23 -56.90 5.21
CA PHE C 246 -15.98 -56.57 4.53
C PHE C 246 -15.09 -55.83 5.51
N THR C 247 -13.78 -55.97 5.34
CA THR C 247 -12.84 -55.28 6.22
C THR C 247 -11.43 -55.15 5.68
N THR C 248 -10.92 -53.94 5.72
CA THR C 248 -9.58 -53.68 5.24
C THR C 248 -8.60 -53.84 6.40
N ARG C 249 -9.08 -54.42 7.49
CA ARG C 249 -8.22 -54.62 8.67
C ARG C 249 -8.56 -55.92 9.35
N PRO C 250 -8.51 -57.02 8.60
CA PRO C 250 -8.81 -58.35 9.13
C PRO C 250 -7.84 -58.77 10.24
N ASP C 251 -6.72 -58.08 10.31
CA ASP C 251 -5.71 -58.37 11.33
C ASP C 251 -6.17 -57.93 12.71
N THR C 252 -7.45 -57.62 12.84
CA THR C 252 -8.01 -57.18 14.11
C THR C 252 -9.26 -57.97 14.44
N LEU C 253 -9.57 -58.97 13.64
CA LEU C 253 -10.75 -59.81 13.85
C LEU C 253 -10.94 -60.18 15.32
N PHE C 254 -9.84 -60.49 16.00
CA PHE C 254 -9.92 -60.86 17.40
C PHE C 254 -10.35 -59.68 18.28
N GLY C 255 -10.51 -58.52 17.65
CA GLY C 255 -10.92 -57.34 18.38
C GLY C 255 -12.37 -56.96 18.15
N ALA C 256 -13.01 -57.64 17.22
CA ALA C 256 -14.40 -57.37 16.93
C ALA C 256 -15.27 -57.74 18.12
N THR C 257 -15.96 -56.73 18.66
CA THR C 257 -16.83 -56.94 19.80
C THR C 257 -18.30 -56.88 19.45
N PHE C 258 -18.61 -56.59 18.19
CA PHE C 258 -20.00 -56.56 17.74
C PHE C 258 -20.13 -56.34 16.24
N LEU C 259 -21.31 -56.62 15.70
CA LEU C 259 -21.54 -56.43 14.28
C LEU C 259 -22.61 -55.39 14.10
N VAL C 260 -22.62 -54.74 12.95
CA VAL C 260 -23.62 -53.73 12.67
C VAL C 260 -24.11 -53.88 11.24
N LEU C 261 -25.41 -54.11 11.11
CA LEU C 261 -26.01 -54.28 9.80
C LEU C 261 -26.62 -52.95 9.38
N ALA C 262 -26.70 -52.75 8.07
CA ALA C 262 -27.28 -51.53 7.54
C ALA C 262 -28.79 -51.65 7.72
N PRO C 263 -29.43 -50.56 8.11
CA PRO C 263 -30.88 -50.54 8.33
C PRO C 263 -31.63 -51.32 7.25
N GLU C 264 -31.32 -51.04 6.00
CA GLU C 264 -31.98 -51.71 4.89
C GLU C 264 -31.51 -53.14 4.67
N HIS C 265 -30.56 -53.58 5.48
CA HIS C 265 -30.05 -54.94 5.36
C HIS C 265 -31.20 -55.89 5.66
N PRO C 266 -31.34 -56.96 4.88
CA PRO C 266 -32.42 -57.94 5.07
C PRO C 266 -32.49 -58.53 6.49
N LEU C 267 -31.37 -59.03 6.97
CA LEU C 267 -31.27 -59.64 8.30
C LEU C 267 -31.50 -58.67 9.44
N THR C 268 -31.69 -57.40 9.13
CA THR C 268 -31.91 -56.41 10.17
C THR C 268 -33.28 -56.62 10.80
N LEU C 269 -34.20 -57.22 10.05
CA LEU C 269 -35.54 -57.50 10.56
C LEU C 269 -35.79 -59.00 10.69
N GLU C 270 -35.16 -59.78 9.83
CA GLU C 270 -35.34 -61.23 9.87
C GLU C 270 -34.66 -61.80 11.12
N LEU C 271 -33.87 -60.98 11.79
CA LEU C 271 -33.17 -61.39 13.00
C LEU C 271 -33.64 -60.60 14.22
N ALA C 272 -34.17 -59.40 13.99
CA ALA C 272 -34.65 -58.55 15.06
C ALA C 272 -35.61 -59.27 16.00
N ALA C 273 -35.22 -59.34 17.27
CA ALA C 273 -36.02 -60.00 18.29
C ALA C 273 -37.39 -59.35 18.42
N PRO C 274 -38.44 -60.18 18.59
CA PRO C 274 -39.84 -59.73 18.72
C PRO C 274 -40.06 -58.67 19.80
N GLU C 275 -39.15 -58.61 20.76
CA GLU C 275 -39.26 -57.62 21.83
C GLU C 275 -38.55 -56.34 21.42
N LYS C 276 -37.76 -56.42 20.36
CA LYS C 276 -37.00 -55.28 19.85
C LYS C 276 -37.62 -54.76 18.55
N ARG C 277 -38.33 -55.64 17.86
CA ARG C 277 -38.99 -55.34 16.59
C ARG C 277 -39.67 -53.96 16.53
N GLU C 278 -40.54 -53.68 17.48
CA GLU C 278 -41.26 -52.40 17.50
C GLU C 278 -40.35 -51.19 17.52
N GLU C 279 -39.04 -51.44 17.61
CA GLU C 279 -38.06 -50.36 17.64
C GLU C 279 -37.13 -50.42 16.42
N VAL C 280 -36.78 -51.64 16.02
CA VAL C 280 -35.92 -51.85 14.86
C VAL C 280 -36.66 -51.41 13.62
N LEU C 281 -37.92 -51.85 13.51
CA LEU C 281 -38.74 -51.51 12.37
C LEU C 281 -39.05 -50.02 12.31
N ALA C 282 -39.07 -49.37 13.47
CA ALA C 282 -39.35 -47.95 13.52
C ALA C 282 -38.12 -47.14 13.15
N TYR C 283 -36.96 -47.76 13.29
CA TYR C 283 -35.68 -47.11 12.98
C TYR C 283 -35.42 -47.15 11.47
N VAL C 284 -35.83 -48.24 10.83
CA VAL C 284 -35.67 -48.38 9.38
C VAL C 284 -36.51 -47.32 8.69
N GLU C 285 -37.79 -47.22 9.06
CA GLU C 285 -38.70 -46.24 8.48
C GLU C 285 -38.29 -44.80 8.80
N ALA C 286 -37.27 -44.65 9.64
CA ALA C 286 -36.79 -43.32 10.00
C ALA C 286 -35.61 -42.98 9.10
N ALA C 287 -34.77 -43.98 8.84
CA ALA C 287 -33.60 -43.81 7.99
C ALA C 287 -34.01 -43.72 6.53
N LYS C 288 -34.97 -44.54 6.13
CA LYS C 288 -35.46 -44.56 4.77
C LYS C 288 -36.08 -43.22 4.40
N ARG C 289 -36.72 -42.56 5.37
CA ARG C 289 -37.37 -41.28 5.13
C ARG C 289 -36.39 -40.11 5.18
N LYS C 290 -35.31 -40.27 5.94
CA LYS C 290 -34.30 -39.24 6.07
C LYS C 290 -33.61 -39.10 4.71
N THR C 291 -32.84 -38.03 4.52
CA THR C 291 -32.15 -37.82 3.25
C THR C 291 -30.67 -37.44 3.44
N GLU C 292 -30.00 -37.15 2.33
CA GLU C 292 -28.58 -36.77 2.35
C GLU C 292 -28.36 -35.44 3.03
N ILE C 293 -29.15 -34.44 2.66
CA ILE C 293 -29.05 -33.11 3.24
C ILE C 293 -29.40 -33.15 4.73
N GLU C 294 -30.22 -34.11 5.10
CA GLU C 294 -30.65 -34.28 6.49
C GLU C 294 -29.58 -35.01 7.30
N ARG C 295 -29.02 -36.08 6.73
CA ARG C 295 -27.98 -36.87 7.39
C ARG C 295 -26.78 -35.97 7.71
N GLN C 296 -26.36 -35.20 6.71
CA GLN C 296 -25.23 -34.29 6.86
C GLN C 296 -25.57 -33.15 7.81
N ALA C 297 -26.83 -33.09 8.23
CA ALA C 297 -27.30 -32.06 9.14
C ALA C 297 -27.11 -32.50 10.59
N GLU C 298 -27.10 -33.81 10.83
CA GLU C 298 -26.92 -34.35 12.18
C GLU C 298 -25.45 -34.38 12.56
N GLY C 299 -24.59 -34.43 11.54
CA GLY C 299 -23.16 -34.45 11.77
C GLY C 299 -22.63 -35.86 11.84
N ARG C 300 -21.66 -36.08 12.73
CA ARG C 300 -21.06 -37.40 12.91
C ARG C 300 -21.61 -38.11 14.14
N GLU C 301 -22.78 -37.67 14.62
CA GLU C 301 -23.42 -38.26 15.80
C GLU C 301 -23.86 -39.70 15.51
N LYS C 302 -23.19 -40.67 16.15
CA LYS C 302 -23.51 -42.07 15.95
C LYS C 302 -24.88 -42.42 16.52
N THR C 303 -25.65 -43.21 15.77
CA THR C 303 -26.98 -43.60 16.19
C THR C 303 -27.37 -44.97 15.67
N GLY C 304 -27.72 -45.88 16.58
CA GLY C 304 -28.11 -47.21 16.18
C GLY C 304 -29.07 -47.88 17.16
N VAL C 305 -29.35 -49.16 16.92
CA VAL C 305 -30.25 -49.91 17.77
C VAL C 305 -29.77 -51.34 17.88
N PHE C 306 -30.05 -51.98 19.02
CA PHE C 306 -29.65 -53.36 19.21
C PHE C 306 -30.71 -54.29 18.64
N LEU C 307 -30.28 -55.24 17.82
CA LEU C 307 -31.18 -56.19 17.19
C LEU C 307 -31.72 -57.29 18.10
N GLY C 308 -31.17 -57.41 19.30
CA GLY C 308 -31.64 -58.44 20.20
C GLY C 308 -31.26 -59.83 19.71
N ALA C 309 -30.16 -59.91 18.96
CA ALA C 309 -29.66 -61.17 18.44
C ALA C 309 -28.17 -61.18 18.63
N TYR C 310 -27.53 -62.34 18.56
CA TYR C 310 -26.10 -62.42 18.76
C TYR C 310 -25.45 -63.09 17.57
N ALA C 311 -24.13 -63.00 17.48
CA ALA C 311 -23.36 -63.64 16.41
C ALA C 311 -22.16 -64.31 17.07
N LEU C 312 -21.46 -65.14 16.31
CA LEU C 312 -20.31 -65.84 16.87
C LEU C 312 -19.02 -65.37 16.22
N ASN C 313 -18.13 -64.80 17.01
CA ASN C 313 -16.88 -64.35 16.45
C ASN C 313 -16.08 -65.54 15.98
N PRO C 314 -15.92 -65.70 14.66
CA PRO C 314 -15.16 -66.85 14.14
C PRO C 314 -13.69 -66.89 14.55
N ALA C 315 -13.27 -65.92 15.35
CA ALA C 315 -11.88 -65.89 15.79
C ALA C 315 -11.77 -66.45 17.21
N THR C 316 -12.35 -65.74 18.18
CA THR C 316 -12.33 -66.17 19.58
C THR C 316 -13.40 -67.23 19.84
N GLY C 317 -14.44 -67.20 19.02
CA GLY C 317 -15.52 -68.15 19.17
C GLY C 317 -16.66 -67.62 20.02
N GLU C 318 -16.40 -66.59 20.82
CA GLU C 318 -17.42 -66.03 21.69
C GLU C 318 -18.54 -65.29 20.97
N ARG C 319 -19.53 -64.87 21.74
CA ARG C 319 -20.69 -64.16 21.19
C ARG C 319 -20.52 -62.65 21.26
N ILE C 320 -21.11 -61.95 20.29
CA ILE C 320 -21.04 -60.50 20.23
C ILE C 320 -22.37 -59.99 19.70
N PRO C 321 -22.97 -59.03 20.40
CA PRO C 321 -24.27 -58.49 19.96
C PRO C 321 -24.28 -57.96 18.54
N ILE C 322 -25.45 -57.97 17.93
CA ILE C 322 -25.62 -57.48 16.58
C ILE C 322 -26.52 -56.26 16.59
N TRP C 323 -25.99 -55.14 16.15
CA TRP C 323 -26.76 -53.90 16.12
C TRP C 323 -27.07 -53.47 14.72
N THR C 324 -27.77 -52.36 14.61
CA THR C 324 -28.13 -51.80 13.32
C THR C 324 -28.02 -50.29 13.40
N ALA C 325 -27.07 -49.73 12.66
CA ALA C 325 -26.86 -48.29 12.66
C ALA C 325 -26.90 -47.74 11.23
N ASP C 326 -27.11 -46.44 11.10
CA ASP C 326 -27.17 -45.79 9.79
C ASP C 326 -25.80 -45.38 9.29
N TYR C 327 -24.80 -45.47 10.17
CA TYR C 327 -23.44 -45.11 9.79
C TYR C 327 -22.82 -46.17 8.91
N VAL C 328 -23.53 -47.26 8.72
CA VAL C 328 -23.08 -48.34 7.87
C VAL C 328 -23.98 -48.32 6.65
N LEU C 329 -23.38 -48.33 5.46
CA LEU C 329 -24.16 -48.27 4.21
C LEU C 329 -24.39 -49.64 3.61
N PHE C 330 -25.61 -49.90 3.15
CA PHE C 330 -25.92 -51.21 2.56
C PHE C 330 -25.39 -51.30 1.14
N GLY C 331 -25.44 -50.18 0.42
CA GLY C 331 -24.96 -50.15 -0.95
C GLY C 331 -23.44 -50.28 -1.08
N TYR C 332 -22.80 -50.81 -0.04
CA TYR C 332 -21.36 -50.95 -0.09
C TYR C 332 -20.86 -52.17 0.67
N GLY C 333 -19.98 -52.92 0.02
CA GLY C 333 -19.41 -54.10 0.62
C GLY C 333 -20.41 -55.20 0.86
N THR C 334 -20.81 -55.34 2.11
CA THR C 334 -21.76 -56.38 2.50
C THR C 334 -22.88 -55.75 3.29
N GLY C 335 -22.79 -54.45 3.49
CA GLY C 335 -23.81 -53.76 4.27
C GLY C 335 -23.69 -54.15 5.74
N ALA C 336 -22.64 -54.90 6.06
CA ALA C 336 -22.41 -55.33 7.43
C ALA C 336 -20.95 -55.18 7.75
N ILE C 337 -20.65 -54.97 9.03
CA ILE C 337 -19.26 -54.79 9.45
C ILE C 337 -18.98 -55.40 10.81
N MET C 338 -17.71 -55.69 11.07
CA MET C 338 -17.30 -56.25 12.35
C MET C 338 -16.67 -55.12 13.15
N ALA C 339 -17.45 -54.48 14.00
CA ALA C 339 -16.97 -53.36 14.81
C ALA C 339 -15.76 -53.74 15.65
N VAL C 340 -14.73 -52.90 15.60
CA VAL C 340 -13.51 -53.11 16.37
C VAL C 340 -13.15 -51.78 17.02
N PRO C 341 -14.01 -51.28 17.93
CA PRO C 341 -13.82 -50.01 18.64
C PRO C 341 -12.39 -49.67 18.97
N ALA C 342 -11.56 -50.68 19.23
CA ALA C 342 -10.17 -50.46 19.61
C ALA C 342 -9.29 -49.91 18.51
N HIS C 343 -9.66 -50.10 17.25
CA HIS C 343 -8.84 -49.64 16.14
C HIS C 343 -9.63 -49.00 15.00
N ASP C 344 -10.57 -48.14 15.36
CA ASP C 344 -11.38 -47.43 14.39
C ASP C 344 -12.32 -46.50 15.09
N GLN C 345 -11.93 -45.23 15.12
CA GLN C 345 -12.70 -44.17 15.78
C GLN C 345 -14.20 -44.35 15.63
N ARG C 346 -14.68 -44.38 14.39
CA ARG C 346 -16.10 -44.54 14.16
C ARG C 346 -16.65 -45.60 15.12
N ASP C 347 -16.19 -46.84 14.95
CA ASP C 347 -16.62 -47.91 15.82
C ASP C 347 -16.39 -47.50 17.26
N TYR C 348 -15.16 -47.13 17.59
CA TYR C 348 -14.84 -46.69 18.94
C TYR C 348 -15.91 -45.78 19.49
N GLU C 349 -16.11 -44.65 18.84
CA GLU C 349 -17.11 -43.69 19.25
C GLU C 349 -18.47 -44.35 19.43
N PHE C 350 -18.88 -45.15 18.45
CA PHE C 350 -20.17 -45.83 18.54
C PHE C 350 -20.21 -46.71 19.76
N ALA C 351 -19.07 -47.29 20.11
CA ALA C 351 -18.97 -48.14 21.26
C ALA C 351 -19.09 -47.35 22.57
N ARG C 352 -18.32 -46.28 22.71
CA ARG C 352 -18.35 -45.50 23.93
C ARG C 352 -19.74 -44.88 24.18
N LYS C 353 -20.52 -44.74 23.11
CA LYS C 353 -21.85 -44.16 23.24
C LYS C 353 -22.92 -45.15 23.70
N PHE C 354 -22.99 -46.30 23.04
CA PHE C 354 -23.97 -47.33 23.39
C PHE C 354 -23.39 -48.40 24.29
N GLY C 355 -22.63 -48.00 25.29
CA GLY C 355 -22.04 -48.92 26.23
C GLY C 355 -21.54 -50.27 25.74
N LEU C 356 -20.85 -50.30 24.60
CA LEU C 356 -20.32 -51.55 24.05
C LEU C 356 -18.84 -51.71 24.43
N PRO C 357 -18.35 -52.95 24.52
CA PRO C 357 -16.97 -53.27 24.88
C PRO C 357 -15.94 -52.95 23.81
N ILE C 358 -14.75 -52.57 24.27
CA ILE C 358 -13.63 -52.23 23.40
C ILE C 358 -12.47 -53.16 23.74
N LYS C 359 -12.08 -54.02 22.80
CA LYS C 359 -10.99 -54.97 23.04
C LYS C 359 -9.75 -54.60 22.24
N LYS C 360 -8.61 -54.55 22.92
CA LYS C 360 -7.35 -54.21 22.27
C LYS C 360 -6.67 -55.44 21.69
N VAL C 361 -6.23 -55.34 20.44
CA VAL C 361 -5.56 -56.46 19.79
C VAL C 361 -4.37 -56.01 18.94
N ILE C 362 -4.11 -54.70 18.94
CA ILE C 362 -2.99 -54.16 18.18
C ILE C 362 -2.22 -53.22 19.09
N GLU C 363 -1.06 -53.65 19.58
CA GLU C 363 -0.26 -52.81 20.47
C GLU C 363 0.63 -51.87 19.68
N ARG C 364 0.84 -50.67 20.22
CA ARG C 364 1.67 -49.66 19.59
C ARG C 364 3.15 -49.93 19.87
N PRO C 365 3.97 -49.93 18.80
CA PRO C 365 5.41 -50.18 18.89
C PRO C 365 6.15 -49.21 19.81
N GLY C 366 6.83 -49.78 20.80
CA GLY C 366 7.58 -48.98 21.76
C GLY C 366 6.70 -48.42 22.85
N GLU C 367 6.26 -47.18 22.66
CA GLU C 367 5.38 -46.47 23.60
C GLU C 367 4.08 -47.24 23.80
N PRO C 368 3.93 -47.94 24.94
CA PRO C 368 2.72 -48.71 25.22
C PRO C 368 1.44 -47.88 25.09
N LEU C 369 0.31 -48.55 24.90
CA LEU C 369 -0.97 -47.87 24.77
C LEU C 369 -1.61 -47.62 26.13
N PRO C 370 -1.99 -46.36 26.40
CA PRO C 370 -2.62 -45.95 27.66
C PRO C 370 -3.89 -46.72 27.98
N GLU C 371 -3.83 -47.52 29.04
CA GLU C 371 -4.98 -48.30 29.45
C GLU C 371 -5.65 -47.52 30.58
N PRO C 372 -6.97 -47.30 30.48
CA PRO C 372 -7.82 -47.73 29.37
C PRO C 372 -7.75 -46.76 28.20
N LEU C 373 -8.09 -47.24 27.01
CA LEU C 373 -8.06 -46.40 25.80
C LEU C 373 -9.12 -45.32 25.83
N GLU C 374 -8.78 -44.15 25.32
CA GLU C 374 -9.74 -43.05 25.29
C GLU C 374 -9.85 -42.46 23.89
N ARG C 375 -9.31 -43.21 22.92
CA ARG C 375 -9.32 -42.86 21.51
C ARG C 375 -8.79 -44.07 20.75
N ALA C 376 -9.31 -44.32 19.56
CA ALA C 376 -8.87 -45.48 18.79
C ALA C 376 -7.38 -45.44 18.46
N TYR C 377 -6.89 -46.50 17.82
CA TYR C 377 -5.50 -46.60 17.39
C TYR C 377 -5.51 -47.30 16.06
N GLU C 378 -5.56 -46.51 14.98
CA GLU C 378 -5.62 -47.04 13.64
C GLU C 378 -4.28 -47.31 12.92
N GLU C 379 -3.16 -47.01 13.58
CA GLU C 379 -1.83 -47.23 12.98
C GLU C 379 -1.36 -48.68 13.19
N PRO C 380 -0.42 -49.15 12.35
CA PRO C 380 0.11 -50.51 12.44
C PRO C 380 0.88 -50.75 13.74
N GLY C 381 0.84 -51.97 14.24
CA GLY C 381 1.54 -52.30 15.46
C GLY C 381 1.74 -53.79 15.60
N ILE C 382 1.95 -54.25 16.83
CA ILE C 382 2.14 -55.67 17.09
C ILE C 382 0.84 -56.28 17.56
N MET C 383 0.56 -57.50 17.12
CA MET C 383 -0.67 -58.17 17.51
C MET C 383 -0.57 -58.80 18.91
N VAL C 384 -1.69 -58.79 19.62
CA VAL C 384 -1.77 -59.35 20.96
C VAL C 384 -3.22 -59.73 21.22
N ASN C 385 -3.44 -60.68 22.13
CA ASN C 385 -4.79 -61.12 22.46
C ASN C 385 -5.50 -61.62 21.21
N SER C 386 -4.72 -62.04 20.22
CA SER C 386 -5.28 -62.54 18.96
C SER C 386 -4.92 -64.01 18.68
N GLY C 387 -5.03 -64.85 19.70
CA GLY C 387 -4.73 -66.26 19.53
C GLY C 387 -3.27 -66.54 19.17
N PRO C 388 -3.03 -67.51 18.28
CA PRO C 388 -1.67 -67.87 17.86
C PRO C 388 -0.95 -66.78 17.08
N PHE C 389 -1.69 -65.77 16.65
CA PHE C 389 -1.14 -64.66 15.87
C PHE C 389 -0.38 -63.64 16.70
N ASP C 390 -0.38 -63.79 18.02
CA ASP C 390 0.31 -62.83 18.88
C ASP C 390 1.74 -62.57 18.44
N GLY C 391 2.22 -61.37 18.73
CA GLY C 391 3.58 -61.00 18.37
C GLY C 391 3.75 -60.70 16.89
N THR C 392 2.90 -61.30 16.06
CA THR C 392 2.95 -61.10 14.62
C THR C 392 2.72 -59.64 14.23
N GLU C 393 3.46 -59.16 13.24
CA GLU C 393 3.31 -57.79 12.78
C GLU C 393 1.90 -57.52 12.28
N SER C 394 1.53 -56.25 12.19
CA SER C 394 0.20 -55.87 11.73
C SER C 394 0.03 -56.17 10.25
N GLU C 395 0.96 -55.67 9.43
CA GLU C 395 0.93 -55.86 7.98
C GLU C 395 0.96 -57.32 7.57
N GLU C 396 1.94 -58.05 8.09
CA GLU C 396 2.08 -59.46 7.78
C GLU C 396 0.89 -60.23 8.36
N GLY C 397 0.28 -59.65 9.39
CA GLY C 397 -0.85 -60.29 10.00
C GLY C 397 -1.99 -60.47 9.03
N LYS C 398 -2.43 -59.36 8.44
CA LYS C 398 -3.53 -59.38 7.48
C LYS C 398 -3.54 -60.59 6.57
N ARG C 399 -2.57 -60.65 5.68
CA ARG C 399 -2.48 -61.78 4.74
C ARG C 399 -2.49 -63.15 5.42
N LYS C 400 -1.96 -63.23 6.64
CA LYS C 400 -1.93 -64.49 7.37
C LYS C 400 -3.31 -64.85 7.87
N VAL C 401 -3.96 -63.90 8.53
CA VAL C 401 -5.30 -64.12 9.05
C VAL C 401 -6.26 -64.45 7.91
N ILE C 402 -6.06 -63.83 6.75
CA ILE C 402 -6.91 -64.11 5.60
C ILE C 402 -6.64 -65.54 5.15
N ALA C 403 -5.35 -65.87 5.00
CA ALA C 403 -4.92 -67.21 4.58
C ALA C 403 -5.44 -68.25 5.57
N TRP C 404 -5.63 -67.80 6.80
CA TRP C 404 -6.14 -68.65 7.87
C TRP C 404 -7.64 -68.86 7.65
N LEU C 405 -8.33 -67.78 7.30
CA LEU C 405 -9.77 -67.83 7.06
C LEU C 405 -10.09 -68.72 5.84
N GLU C 406 -9.39 -68.45 4.73
CA GLU C 406 -9.58 -69.22 3.51
C GLU C 406 -9.17 -70.67 3.69
N GLU C 407 -8.87 -71.05 4.93
CA GLU C 407 -8.47 -72.42 5.23
C GLU C 407 -9.62 -73.14 5.94
N LYS C 408 -10.28 -72.43 6.85
CA LYS C 408 -11.40 -73.01 7.58
C LYS C 408 -12.72 -72.68 6.91
N GLY C 409 -12.65 -71.94 5.80
CA GLY C 409 -13.86 -71.58 5.08
C GLY C 409 -14.70 -70.58 5.86
N LEU C 410 -14.00 -69.72 6.59
CA LEU C 410 -14.63 -68.69 7.42
C LEU C 410 -14.76 -67.36 6.69
N GLY C 411 -13.84 -67.14 5.75
CA GLY C 411 -13.86 -65.92 4.98
C GLY C 411 -12.97 -66.04 3.77
N LYS C 412 -12.56 -64.90 3.22
CA LYS C 412 -11.71 -64.88 2.04
C LYS C 412 -11.23 -63.46 1.78
N GLY C 413 -10.19 -63.33 0.99
CA GLY C 413 -9.69 -62.02 0.66
C GLY C 413 -10.49 -61.51 -0.51
N ARG C 414 -11.04 -60.31 -0.40
CA ARG C 414 -11.83 -59.76 -1.49
C ARG C 414 -11.49 -58.31 -1.75
N VAL C 415 -12.00 -57.79 -2.86
CA VAL C 415 -11.76 -56.41 -3.26
C VAL C 415 -13.08 -55.81 -3.71
N THR C 416 -13.67 -54.96 -2.88
CA THR C 416 -14.93 -54.34 -3.27
C THR C 416 -14.63 -53.01 -3.91
N TYR C 417 -15.66 -52.43 -4.52
CA TYR C 417 -15.51 -51.15 -5.19
C TYR C 417 -16.64 -50.23 -4.77
N ARG C 418 -16.35 -48.93 -4.71
CA ARG C 418 -17.37 -47.95 -4.34
C ARG C 418 -18.35 -47.83 -5.48
N LEU C 419 -17.83 -47.92 -6.70
CA LEU C 419 -18.66 -47.84 -7.90
C LEU C 419 -19.88 -48.73 -7.71
N ARG C 420 -21.05 -48.14 -7.87
CA ARG C 420 -22.30 -48.88 -7.73
C ARG C 420 -22.90 -49.08 -9.10
N ASP C 421 -23.55 -50.21 -9.32
CA ASP C 421 -24.11 -50.46 -10.64
C ASP C 421 -25.00 -49.35 -11.16
N TRP C 422 -25.04 -49.28 -12.48
CA TRP C 422 -25.78 -48.27 -13.20
C TRP C 422 -27.27 -48.54 -13.28
N LEU C 423 -28.08 -47.64 -12.74
CA LEU C 423 -29.54 -47.78 -12.78
C LEU C 423 -30.05 -47.01 -14.00
N ILE C 424 -30.42 -47.73 -15.06
CA ILE C 424 -30.86 -47.06 -16.27
C ILE C 424 -32.32 -46.99 -16.65
N SER C 425 -33.24 -47.26 -15.73
CA SER C 425 -34.64 -47.18 -16.11
C SER C 425 -35.32 -45.94 -15.53
N ARG C 426 -36.07 -45.25 -16.39
CA ARG C 426 -36.77 -44.04 -15.98
C ARG C 426 -38.27 -44.12 -16.26
N GLN C 427 -39.08 -43.57 -15.35
CA GLN C 427 -40.54 -43.56 -15.49
C GLN C 427 -40.95 -42.25 -16.13
N ARG C 428 -40.45 -42.03 -17.34
CA ARG C 428 -40.76 -40.82 -18.08
C ARG C 428 -41.14 -41.25 -19.47
N TYR C 429 -41.82 -40.38 -20.20
CA TYR C 429 -42.26 -40.72 -21.55
C TYR C 429 -41.13 -40.58 -22.56
N TRP C 430 -40.60 -39.37 -22.66
CA TRP C 430 -39.53 -39.07 -23.61
C TRP C 430 -38.29 -39.88 -23.23
N GLY C 431 -38.17 -41.06 -23.82
CA GLY C 431 -37.03 -41.94 -23.54
C GLY C 431 -37.04 -43.19 -24.41
N THR C 432 -35.90 -43.86 -24.50
CA THR C 432 -35.81 -45.06 -25.32
C THR C 432 -36.51 -46.23 -24.61
N PRO C 433 -37.49 -46.85 -25.27
CA PRO C 433 -38.26 -47.99 -24.75
C PRO C 433 -37.39 -49.21 -24.51
N ILE C 434 -37.46 -49.77 -23.30
CA ILE C 434 -36.68 -50.97 -22.98
C ILE C 434 -37.24 -52.16 -23.75
N PRO C 435 -36.40 -52.81 -24.58
CA PRO C 435 -36.81 -53.97 -25.38
C PRO C 435 -37.04 -55.26 -24.61
N MET C 436 -37.79 -55.17 -23.51
CA MET C 436 -38.10 -56.34 -22.71
C MET C 436 -39.61 -56.45 -22.52
N VAL C 437 -40.08 -57.68 -22.29
CA VAL C 437 -41.50 -57.94 -22.09
C VAL C 437 -41.70 -58.78 -20.83
N HIS C 438 -42.91 -58.78 -20.30
CA HIS C 438 -43.21 -59.53 -19.07
C HIS C 438 -44.32 -60.57 -19.21
N CYS C 439 -43.91 -61.82 -19.38
CA CYS C 439 -44.84 -62.95 -19.50
C CYS C 439 -45.09 -63.49 -18.08
N GLU C 440 -46.20 -64.19 -17.88
CA GLU C 440 -46.50 -64.73 -16.56
C GLU C 440 -45.97 -66.17 -16.38
N ALA C 441 -45.82 -66.89 -17.49
CA ALA C 441 -45.32 -68.26 -17.44
C ALA C 441 -43.82 -68.34 -17.78
N CYS C 442 -43.37 -67.46 -18.67
CA CYS C 442 -41.96 -67.43 -19.06
C CYS C 442 -41.18 -66.42 -18.22
N GLY C 443 -41.87 -65.40 -17.71
CA GLY C 443 -41.22 -64.38 -16.90
C GLY C 443 -40.75 -63.18 -17.71
N VAL C 444 -39.52 -62.73 -17.45
CA VAL C 444 -38.97 -61.59 -18.18
C VAL C 444 -38.27 -62.11 -19.44
N VAL C 445 -38.85 -61.78 -20.59
CA VAL C 445 -38.31 -62.24 -21.87
C VAL C 445 -37.87 -61.09 -22.75
N PRO C 446 -36.69 -61.22 -23.39
CA PRO C 446 -36.13 -60.20 -24.29
C PRO C 446 -36.77 -60.22 -25.68
N VAL C 447 -37.13 -59.05 -26.19
CA VAL C 447 -37.73 -58.93 -27.51
C VAL C 447 -36.72 -59.37 -28.57
N PRO C 448 -37.21 -59.96 -29.68
CA PRO C 448 -36.33 -60.42 -30.75
C PRO C 448 -35.53 -59.27 -31.36
N GLU C 449 -34.29 -59.58 -31.75
CA GLU C 449 -33.38 -58.60 -32.35
C GLU C 449 -33.91 -58.04 -33.67
N GLU C 450 -34.58 -58.90 -34.44
CA GLU C 450 -35.12 -58.53 -35.73
C GLU C 450 -36.51 -57.89 -35.67
N GLU C 451 -37.08 -57.82 -34.48
CA GLU C 451 -38.40 -57.23 -34.32
C GLU C 451 -38.25 -55.74 -33.97
N LEU C 452 -36.99 -55.34 -33.75
CA LEU C 452 -36.65 -53.96 -33.40
C LEU C 452 -36.89 -53.03 -34.58
N PRO C 453 -37.14 -51.73 -34.32
CA PRO C 453 -37.21 -51.10 -33.00
C PRO C 453 -38.51 -51.32 -32.27
N VAL C 454 -38.65 -50.66 -31.13
CA VAL C 454 -39.84 -50.73 -30.31
C VAL C 454 -40.28 -49.28 -30.12
N LEU C 455 -40.84 -48.70 -31.19
CA LEU C 455 -41.29 -47.32 -31.17
C LEU C 455 -42.02 -46.92 -29.91
N LEU C 456 -42.04 -45.61 -29.66
CA LEU C 456 -42.72 -45.07 -28.49
C LEU C 456 -44.17 -44.78 -28.88
N PRO C 457 -45.12 -45.10 -27.97
CA PRO C 457 -46.53 -44.84 -28.26
C PRO C 457 -46.71 -43.39 -28.67
N ASP C 458 -47.41 -43.14 -29.77
CA ASP C 458 -47.60 -41.77 -30.21
C ASP C 458 -48.66 -41.10 -29.33
N LEU C 459 -48.22 -40.13 -28.51
CA LEU C 459 -49.12 -39.41 -27.61
C LEU C 459 -49.09 -37.91 -27.86
N LYS C 460 -50.26 -37.33 -28.13
CA LYS C 460 -50.36 -35.90 -28.40
C LYS C 460 -50.79 -35.09 -27.17
N ASP C 461 -51.66 -35.67 -26.34
CA ASP C 461 -52.15 -35.00 -25.14
C ASP C 461 -50.98 -34.64 -24.21
N VAL C 462 -50.62 -33.36 -24.17
CA VAL C 462 -49.52 -32.90 -23.33
C VAL C 462 -49.71 -33.22 -21.85
N GLU C 463 -50.94 -33.09 -21.34
CA GLU C 463 -51.20 -33.41 -19.93
C GLU C 463 -51.18 -34.91 -19.69
N ASP C 464 -51.02 -35.67 -20.77
CA ASP C 464 -50.99 -37.12 -20.70
C ASP C 464 -49.58 -37.66 -20.47
N ILE C 465 -48.64 -37.21 -21.31
CA ILE C 465 -47.25 -37.61 -21.22
C ILE C 465 -46.50 -36.88 -20.11
N ARG C 466 -47.16 -36.73 -18.96
CA ARG C 466 -46.57 -36.04 -17.82
C ARG C 466 -46.39 -37.02 -16.66
N PRO C 467 -45.21 -37.00 -16.01
CA PRO C 467 -44.92 -37.88 -14.88
C PRO C 467 -45.70 -37.52 -13.61
N LYS C 468 -46.32 -38.54 -13.00
CA LYS C 468 -47.12 -38.33 -11.80
C LYS C 468 -46.77 -39.37 -10.74
N GLY C 469 -45.64 -40.03 -10.90
CA GLY C 469 -45.22 -41.03 -9.93
C GLY C 469 -44.99 -42.37 -10.60
N LYS C 470 -45.69 -42.61 -11.70
CA LYS C 470 -45.57 -43.84 -12.48
C LYS C 470 -45.22 -43.55 -13.94
N SER C 471 -44.90 -44.59 -14.69
CA SER C 471 -44.55 -44.43 -16.10
C SER C 471 -45.75 -44.02 -16.94
N PRO C 472 -45.64 -42.89 -17.64
CA PRO C 472 -46.74 -42.42 -18.49
C PRO C 472 -47.19 -43.47 -19.50
N LEU C 473 -46.35 -44.48 -19.72
CA LEU C 473 -46.70 -45.54 -20.65
C LEU C 473 -47.59 -46.56 -19.94
N GLU C 474 -47.60 -46.50 -18.61
CA GLU C 474 -48.41 -47.39 -17.79
C GLU C 474 -49.89 -47.00 -17.86
N ALA C 475 -50.29 -46.42 -18.98
CA ALA C 475 -51.68 -45.98 -19.18
C ALA C 475 -52.14 -46.14 -20.63
N HIS C 476 -51.41 -46.93 -21.40
CA HIS C 476 -51.77 -47.15 -22.79
C HIS C 476 -51.65 -48.61 -23.21
N PRO C 477 -52.67 -49.41 -22.88
CA PRO C 477 -52.74 -50.85 -23.19
C PRO C 477 -52.44 -51.14 -24.65
N GLU C 478 -52.85 -50.23 -25.53
CA GLU C 478 -52.63 -50.38 -26.96
C GLU C 478 -51.16 -50.63 -27.26
N PHE C 479 -50.31 -50.34 -26.28
CA PHE C 479 -48.86 -50.50 -26.42
C PHE C 479 -48.33 -51.79 -25.81
N TYR C 480 -48.53 -51.95 -24.50
CA TYR C 480 -48.03 -53.11 -23.79
C TYR C 480 -48.83 -54.39 -23.89
N GLU C 481 -50.10 -54.29 -24.26
CA GLU C 481 -50.91 -55.49 -24.38
C GLU C 481 -50.47 -56.30 -25.59
N THR C 482 -49.23 -56.74 -25.58
CA THR C 482 -48.70 -57.54 -26.68
C THR C 482 -48.54 -58.97 -26.22
N THR C 483 -48.02 -59.83 -27.11
CA THR C 483 -47.83 -61.23 -26.80
C THR C 483 -46.37 -61.57 -26.54
N CYS C 484 -46.16 -62.69 -25.85
CA CYS C 484 -44.82 -63.17 -25.54
C CYS C 484 -44.28 -63.89 -26.77
N PRO C 485 -43.05 -63.54 -27.21
CA PRO C 485 -42.42 -64.17 -28.37
C PRO C 485 -41.74 -65.50 -28.04
N LYS C 486 -41.95 -65.94 -26.80
CA LYS C 486 -41.38 -67.21 -26.33
C LYS C 486 -42.42 -68.31 -26.44
N CYS C 487 -43.47 -68.18 -25.62
CA CYS C 487 -44.56 -69.15 -25.60
C CYS C 487 -45.64 -68.79 -26.64
N GLY C 488 -46.19 -67.58 -26.53
CA GLY C 488 -47.20 -67.14 -27.47
C GLY C 488 -48.43 -66.61 -26.75
N GLY C 489 -48.38 -66.63 -25.42
CA GLY C 489 -49.50 -66.16 -24.61
C GLY C 489 -49.48 -64.66 -24.35
N PRO C 490 -50.36 -64.17 -23.47
CA PRO C 490 -50.42 -62.73 -23.16
C PRO C 490 -49.23 -62.25 -22.34
N ALA C 491 -48.58 -61.20 -22.86
CA ALA C 491 -47.42 -60.62 -22.19
C ALA C 491 -47.61 -59.13 -21.99
N LYS C 492 -46.55 -58.44 -21.57
CA LYS C 492 -46.61 -57.01 -21.34
C LYS C 492 -45.24 -56.35 -21.49
N ARG C 493 -45.13 -55.37 -22.39
CA ARG C 493 -43.89 -54.66 -22.63
C ARG C 493 -43.51 -53.82 -21.42
N ASP C 494 -42.22 -53.72 -21.12
CA ASP C 494 -41.79 -52.93 -19.98
C ASP C 494 -42.14 -51.48 -20.27
N THR C 495 -42.85 -50.86 -19.34
CA THR C 495 -43.29 -49.48 -19.49
C THR C 495 -42.18 -48.45 -19.25
N ASP C 496 -41.08 -48.89 -18.61
CA ASP C 496 -39.96 -48.00 -18.31
C ASP C 496 -39.13 -47.64 -19.55
N THR C 497 -38.33 -46.58 -19.42
CA THR C 497 -37.51 -46.14 -20.53
C THR C 497 -36.05 -45.94 -20.12
N MET C 498 -35.16 -46.03 -21.09
CA MET C 498 -33.72 -45.87 -20.87
C MET C 498 -33.34 -44.43 -20.57
N ASP C 499 -32.53 -44.24 -19.54
CA ASP C 499 -32.11 -42.91 -19.17
C ASP C 499 -31.35 -42.26 -20.32
N THR C 500 -31.42 -40.94 -20.39
CA THR C 500 -30.74 -40.19 -21.44
C THR C 500 -29.28 -40.60 -21.67
N PHE C 501 -28.48 -40.58 -20.61
CA PHE C 501 -27.06 -40.93 -20.71
C PHE C 501 -26.75 -42.17 -21.53
N PHE C 502 -27.69 -43.11 -21.57
CA PHE C 502 -27.47 -44.32 -22.33
C PHE C 502 -27.13 -43.98 -23.78
N ASP C 503 -28.01 -43.25 -24.44
CA ASP C 503 -27.78 -42.89 -25.83
C ASP C 503 -26.61 -41.93 -26.01
N SER C 504 -26.23 -41.24 -24.95
CA SER C 504 -25.14 -40.30 -25.03
C SER C 504 -23.83 -40.98 -24.66
N SER C 505 -23.83 -42.30 -24.62
CA SER C 505 -22.63 -43.05 -24.25
C SER C 505 -21.92 -43.73 -25.39
N TRP C 506 -22.45 -43.64 -26.59
CA TRP C 506 -21.79 -44.28 -27.72
C TRP C 506 -22.03 -43.52 -29.00
N TYR C 507 -22.57 -42.32 -28.88
CA TYR C 507 -22.86 -41.55 -30.06
C TYR C 507 -21.61 -41.25 -30.87
N TYR C 508 -20.53 -40.90 -30.17
CA TYR C 508 -19.28 -40.62 -30.86
C TYR C 508 -18.96 -41.72 -31.87
N LEU C 509 -19.47 -42.92 -31.62
CA LEU C 509 -19.25 -44.04 -32.52
C LEU C 509 -20.20 -44.02 -33.70
N ARG C 510 -21.43 -43.58 -33.47
CA ARG C 510 -22.41 -43.54 -34.54
C ARG C 510 -21.99 -42.58 -35.64
N TYR C 511 -21.42 -41.44 -35.28
CA TYR C 511 -20.98 -40.47 -36.27
C TYR C 511 -20.08 -41.07 -37.35
N THR C 512 -19.41 -42.17 -37.03
CA THR C 512 -18.51 -42.79 -37.99
C THR C 512 -19.28 -43.47 -39.10
N ASP C 513 -20.54 -43.81 -38.80
CA ASP C 513 -21.42 -44.48 -39.75
C ASP C 513 -22.84 -44.24 -39.25
N PRO C 514 -23.37 -43.03 -39.48
CA PRO C 514 -24.70 -42.56 -39.07
C PRO C 514 -25.91 -43.10 -39.80
N HIS C 515 -25.69 -43.79 -40.91
CA HIS C 515 -26.80 -44.32 -41.68
C HIS C 515 -26.79 -45.84 -41.84
N ASN C 516 -26.43 -46.54 -40.79
CA ASN C 516 -26.39 -47.98 -40.86
C ASN C 516 -27.69 -48.53 -40.30
N ASP C 517 -28.26 -49.47 -41.03
CA ASP C 517 -29.52 -50.11 -40.65
C ASP C 517 -29.35 -51.60 -40.37
N ARG C 518 -28.10 -52.01 -40.17
CA ARG C 518 -27.76 -53.39 -39.91
C ARG C 518 -27.12 -53.50 -38.53
N LEU C 519 -26.33 -52.49 -38.17
CA LEU C 519 -25.63 -52.44 -36.89
C LEU C 519 -25.53 -51.00 -36.38
N PRO C 520 -25.28 -50.84 -35.08
CA PRO C 520 -25.16 -49.50 -34.52
C PRO C 520 -24.10 -48.73 -35.29
N PHE C 521 -23.22 -49.48 -35.96
CA PHE C 521 -22.13 -48.92 -36.75
C PHE C 521 -21.27 -50.02 -37.33
N ASP C 522 -20.66 -49.77 -38.48
CA ASP C 522 -19.81 -50.79 -39.09
C ASP C 522 -18.44 -50.68 -38.44
N PRO C 523 -17.96 -51.76 -37.80
CA PRO C 523 -16.66 -51.75 -37.14
C PRO C 523 -15.56 -51.20 -38.03
N GLU C 524 -15.55 -51.61 -39.28
CA GLU C 524 -14.53 -51.16 -40.23
C GLU C 524 -14.41 -49.63 -40.21
N LYS C 525 -15.56 -48.97 -40.19
CA LYS C 525 -15.62 -47.52 -40.15
C LYS C 525 -15.09 -47.01 -38.80
N ALA C 526 -15.89 -47.21 -37.76
CA ALA C 526 -15.52 -46.79 -36.42
C ALA C 526 -14.04 -46.95 -36.11
N ASN C 527 -13.42 -48.02 -36.58
CA ASN C 527 -12.00 -48.26 -36.33
C ASN C 527 -11.11 -47.31 -37.08
N ALA C 528 -11.58 -46.84 -38.23
CA ALA C 528 -10.82 -45.91 -39.07
C ALA C 528 -10.76 -44.51 -38.48
N TRP C 529 -11.78 -44.13 -37.72
CA TRP C 529 -11.84 -42.81 -37.11
C TRP C 529 -11.48 -42.80 -35.63
N MET C 530 -12.01 -43.75 -34.88
CA MET C 530 -11.73 -43.84 -33.45
C MET C 530 -10.24 -43.97 -33.29
N PRO C 531 -9.70 -43.57 -32.14
CA PRO C 531 -10.47 -42.99 -31.05
C PRO C 531 -10.68 -41.52 -31.33
N VAL C 532 -11.42 -40.83 -30.45
CA VAL C 532 -11.63 -39.41 -30.57
C VAL C 532 -10.26 -38.82 -30.24
N ASP C 533 -9.72 -38.00 -31.14
CA ASP C 533 -8.41 -37.43 -30.93
C ASP C 533 -8.44 -36.31 -29.91
N GLN C 534 -9.50 -35.52 -29.96
CA GLN C 534 -9.65 -34.41 -29.03
C GLN C 534 -11.12 -34.24 -28.67
N TYR C 535 -11.42 -34.27 -27.39
CA TYR C 535 -12.80 -34.15 -26.95
C TYR C 535 -12.97 -32.87 -26.13
N ILE C 536 -13.52 -31.83 -26.75
CA ILE C 536 -13.74 -30.58 -26.04
C ILE C 536 -15.03 -30.62 -25.27
N GLY C 537 -14.97 -30.33 -23.97
CA GLY C 537 -16.17 -30.36 -23.16
C GLY C 537 -15.99 -29.85 -21.75
N GLY C 538 -16.80 -30.37 -20.82
CA GLY C 538 -16.72 -29.93 -19.45
C GLY C 538 -16.28 -30.96 -18.42
N VAL C 539 -16.17 -30.53 -17.17
CA VAL C 539 -15.76 -31.40 -16.08
C VAL C 539 -16.97 -31.96 -15.35
N GLU C 540 -18.07 -31.24 -15.37
CA GLU C 540 -19.27 -31.71 -14.68
C GLU C 540 -19.67 -33.13 -15.13
N HIS C 541 -19.10 -33.59 -16.25
CA HIS C 541 -19.43 -34.92 -16.73
C HIS C 541 -18.36 -35.92 -16.38
N ALA C 542 -17.62 -35.64 -15.31
CA ALA C 542 -16.55 -36.52 -14.88
C ALA C 542 -17.04 -37.91 -14.52
N VAL C 543 -17.85 -38.00 -13.47
CA VAL C 543 -18.35 -39.30 -13.04
C VAL C 543 -19.64 -39.73 -13.72
N LEU C 544 -19.88 -39.24 -14.93
CA LEU C 544 -21.10 -39.59 -15.64
C LEU C 544 -20.79 -40.07 -17.04
N HIS C 545 -20.91 -39.16 -17.98
CA HIS C 545 -20.65 -39.46 -19.38
C HIS C 545 -19.24 -40.00 -19.59
N LEU C 546 -18.26 -39.30 -19.05
CA LEU C 546 -16.85 -39.70 -19.17
C LEU C 546 -16.54 -41.03 -18.51
N LEU C 547 -17.52 -41.61 -17.85
CA LEU C 547 -17.33 -42.90 -17.22
C LEU C 547 -18.19 -43.87 -18.02
N TYR C 548 -19.50 -43.63 -18.01
CA TYR C 548 -20.44 -44.45 -18.75
C TYR C 548 -19.97 -44.74 -20.17
N SER C 549 -19.34 -43.73 -20.79
CA SER C 549 -18.86 -43.86 -22.17
C SER C 549 -17.77 -44.89 -22.31
N ARG C 550 -16.87 -44.93 -21.32
CA ARG C 550 -15.77 -45.88 -21.34
C ARG C 550 -16.32 -47.29 -21.20
N PHE C 551 -17.06 -47.52 -20.13
CA PHE C 551 -17.66 -48.83 -19.93
C PHE C 551 -18.34 -49.25 -21.24
N PHE C 552 -19.14 -48.37 -21.81
CA PHE C 552 -19.81 -48.67 -23.07
C PHE C 552 -18.85 -49.10 -24.17
N THR C 553 -17.71 -48.42 -24.28
CA THR C 553 -16.74 -48.76 -25.33
C THR C 553 -16.15 -50.13 -25.05
N LYS C 554 -15.70 -50.33 -23.81
CA LYS C 554 -15.10 -51.59 -23.43
C LYS C 554 -16.02 -52.75 -23.74
N PHE C 555 -17.27 -52.61 -23.33
CA PHE C 555 -18.25 -53.66 -23.60
C PHE C 555 -18.39 -53.84 -25.11
N LEU C 556 -18.39 -52.73 -25.85
CA LEU C 556 -18.50 -52.82 -27.29
C LEU C 556 -17.24 -53.47 -27.82
N HIS C 557 -16.14 -53.30 -27.10
CA HIS C 557 -14.86 -53.87 -27.48
C HIS C 557 -14.95 -55.38 -27.30
N ASP C 558 -15.48 -55.76 -26.14
CA ASP C 558 -15.64 -57.17 -25.81
C ASP C 558 -16.59 -57.91 -26.76
N LEU C 559 -17.23 -57.17 -27.67
CA LEU C 559 -18.12 -57.80 -28.65
C LEU C 559 -17.39 -57.78 -29.95
N GLY C 560 -16.15 -57.29 -29.90
CA GLY C 560 -15.29 -57.21 -31.07
C GLY C 560 -15.75 -56.27 -32.16
N MET C 561 -16.42 -55.19 -31.78
CA MET C 561 -16.89 -54.20 -32.73
C MET C 561 -16.01 -52.97 -32.76
N VAL C 562 -15.22 -52.78 -31.71
CA VAL C 562 -14.35 -51.61 -31.65
C VAL C 562 -12.98 -51.96 -31.11
N LYS C 563 -11.98 -51.83 -31.98
CA LYS C 563 -10.60 -52.15 -31.62
C LYS C 563 -10.08 -51.46 -30.37
N VAL C 564 -10.28 -50.14 -30.26
CA VAL C 564 -9.79 -49.37 -29.10
C VAL C 564 -10.51 -49.77 -27.82
N GLU C 565 -10.09 -49.22 -26.69
CA GLU C 565 -10.74 -49.52 -25.40
C GLU C 565 -11.09 -48.28 -24.59
N GLU C 566 -10.58 -47.13 -25.02
CA GLU C 566 -10.81 -45.82 -24.42
C GLU C 566 -11.20 -44.98 -25.64
N PRO C 567 -12.44 -44.47 -25.66
CA PRO C 567 -12.98 -43.66 -26.74
C PRO C 567 -12.36 -42.30 -26.92
N PHE C 568 -11.98 -41.67 -25.83
CA PHE C 568 -11.41 -40.35 -25.95
C PHE C 568 -9.94 -40.31 -25.61
N GLN C 569 -9.11 -40.14 -26.64
CA GLN C 569 -7.68 -40.10 -26.41
C GLN C 569 -7.36 -38.79 -25.73
N GLY C 570 -7.77 -37.71 -26.37
CA GLY C 570 -7.53 -36.39 -25.81
C GLY C 570 -8.78 -35.81 -25.17
N LEU C 571 -8.62 -35.23 -23.99
CA LEU C 571 -9.78 -34.67 -23.31
C LEU C 571 -9.55 -33.24 -22.91
N PHE C 572 -9.87 -32.30 -23.80
CA PHE C 572 -9.67 -30.90 -23.47
C PHE C 572 -10.89 -30.24 -22.85
N THR C 573 -10.76 -29.75 -21.61
CA THR C 573 -11.89 -29.08 -20.96
C THR C 573 -11.86 -27.58 -21.25
N GLN C 574 -12.98 -26.93 -20.94
CA GLN C 574 -13.14 -25.49 -21.15
C GLN C 574 -13.64 -24.87 -19.87
N GLY C 575 -13.54 -23.54 -19.77
CA GLY C 575 -14.00 -22.86 -18.58
C GLY C 575 -15.33 -22.20 -18.89
N MET C 576 -16.09 -21.85 -17.85
CA MET C 576 -17.39 -21.22 -18.05
C MET C 576 -17.24 -19.76 -18.49
N VAL C 577 -18.12 -19.32 -19.37
CA VAL C 577 -18.10 -17.94 -19.84
C VAL C 577 -18.88 -17.11 -18.82
N LEU C 578 -18.42 -15.88 -18.58
CA LEU C 578 -19.10 -15.02 -17.62
C LEU C 578 -19.39 -13.64 -18.18
N ALA C 579 -20.32 -12.95 -17.55
CA ALA C 579 -20.72 -11.62 -17.97
C ALA C 579 -21.11 -10.81 -16.76
N TRP C 580 -21.06 -9.50 -16.88
CA TRP C 580 -21.46 -8.71 -15.75
C TRP C 580 -22.97 -8.76 -15.68
N THR C 581 -23.50 -9.10 -14.51
CA THR C 581 -24.94 -9.21 -14.35
C THR C 581 -25.59 -8.20 -13.41
N ASP C 582 -26.84 -7.87 -13.73
CA ASP C 582 -27.65 -6.94 -12.93
C ASP C 582 -28.24 -7.74 -11.80
N PHE C 583 -27.85 -7.42 -10.57
CA PHE C 583 -28.38 -8.17 -9.44
C PHE C 583 -29.45 -7.46 -8.65
N GLY C 584 -30.03 -6.42 -9.25
CA GLY C 584 -31.10 -5.67 -8.60
C GLY C 584 -30.69 -4.35 -7.98
N PRO C 585 -31.66 -3.63 -7.39
CA PRO C 585 -31.43 -2.33 -6.74
C PRO C 585 -30.80 -2.41 -5.36
N VAL C 586 -30.25 -1.29 -4.91
CA VAL C 586 -29.61 -1.22 -3.60
C VAL C 586 -29.79 0.21 -3.09
N GLU C 587 -29.80 0.39 -1.77
CA GLU C 587 -29.95 1.71 -1.17
C GLU C 587 -28.63 2.15 -0.55
N VAL C 588 -27.83 2.91 -1.30
CA VAL C 588 -26.56 3.37 -0.78
C VAL C 588 -26.69 4.61 0.09
N GLU C 589 -26.10 4.54 1.28
CA GLU C 589 -26.12 5.66 2.21
C GLU C 589 -24.73 5.81 2.82
N GLY C 590 -23.94 6.73 2.26
CA GLY C 590 -22.59 6.97 2.74
C GLY C 590 -21.67 5.84 2.31
N SER C 591 -21.14 5.11 3.29
CA SER C 591 -20.25 3.97 3.04
C SER C 591 -20.99 2.67 3.38
N VAL C 592 -22.31 2.77 3.55
CA VAL C 592 -23.15 1.62 3.85
C VAL C 592 -24.05 1.29 2.66
N VAL C 593 -24.12 0.02 2.33
CA VAL C 593 -24.92 -0.43 1.19
C VAL C 593 -25.98 -1.42 1.66
N ARG C 594 -27.15 -0.92 2.02
CA ARG C 594 -28.23 -1.80 2.46
C ARG C 594 -28.74 -2.65 1.28
N LEU C 595 -29.09 -3.89 1.57
CA LEU C 595 -29.56 -4.79 0.52
C LEU C 595 -31.00 -5.24 0.67
N PRO C 596 -31.89 -4.81 -0.26
CA PRO C 596 -33.29 -5.20 -0.20
C PRO C 596 -33.34 -6.71 -0.47
N GLU C 597 -34.28 -7.39 0.17
CA GLU C 597 -34.41 -8.84 0.02
C GLU C 597 -34.45 -9.38 -1.40
N PRO C 598 -35.10 -8.66 -2.34
CA PRO C 598 -35.14 -9.18 -3.72
C PRO C 598 -33.74 -9.43 -4.27
N THR C 599 -32.84 -8.50 -3.97
CA THR C 599 -31.45 -8.57 -4.40
C THR C 599 -30.66 -9.57 -3.58
N ARG C 600 -30.51 -9.29 -2.29
CA ARG C 600 -29.77 -10.15 -1.36
C ARG C 600 -30.01 -11.63 -1.65
N ILE C 601 -31.23 -11.95 -2.07
CA ILE C 601 -31.57 -13.34 -2.39
C ILE C 601 -30.87 -13.81 -3.66
N ARG C 602 -30.90 -13.00 -4.71
CA ARG C 602 -30.24 -13.36 -5.96
C ARG C 602 -28.71 -13.42 -5.79
N LEU C 603 -28.17 -12.65 -4.84
CA LEU C 603 -26.75 -12.66 -4.58
C LEU C 603 -26.38 -13.90 -3.79
N GLU C 604 -27.39 -14.63 -3.31
CA GLU C 604 -27.18 -15.84 -2.52
C GLU C 604 -26.16 -15.66 -1.40
N ILE C 605 -26.46 -14.72 -0.51
CA ILE C 605 -25.59 -14.44 0.63
C ILE C 605 -26.48 -14.21 1.86
N PRO C 606 -25.90 -14.27 3.08
CA PRO C 606 -26.67 -14.06 4.30
C PRO C 606 -26.82 -12.57 4.65
N GLU C 607 -25.72 -11.85 4.54
CA GLU C 607 -25.68 -10.42 4.84
C GLU C 607 -26.73 -9.64 4.06
N SER C 608 -27.34 -8.66 4.74
CA SER C 608 -28.35 -7.82 4.13
C SER C 608 -27.87 -6.40 4.28
N ALA C 609 -26.57 -6.24 4.47
CA ALA C 609 -25.96 -4.92 4.64
C ALA C 609 -24.44 -4.98 4.47
N LEU C 610 -23.96 -4.48 3.34
CA LEU C 610 -22.53 -4.48 3.02
C LEU C 610 -21.95 -3.09 3.13
N SER C 611 -20.79 -2.91 2.51
CA SER C 611 -20.12 -1.62 2.49
C SER C 611 -19.52 -1.50 1.11
N LEU C 612 -19.06 -0.31 0.73
CA LEU C 612 -18.47 -0.10 -0.57
C LEU C 612 -17.21 -0.94 -0.79
N GLU C 613 -16.68 -1.51 0.30
CA GLU C 613 -15.50 -2.37 0.23
C GLU C 613 -15.93 -3.80 -0.08
N ASP C 614 -16.79 -4.36 0.77
CA ASP C 614 -17.28 -5.73 0.60
C ASP C 614 -17.74 -5.97 -0.83
N VAL C 615 -18.21 -4.90 -1.47
CA VAL C 615 -18.68 -4.97 -2.84
C VAL C 615 -17.49 -5.13 -3.78
N ARG C 616 -16.47 -4.30 -3.58
CA ARG C 616 -15.25 -4.35 -4.39
C ARG C 616 -14.59 -5.72 -4.22
N LYS C 617 -14.32 -6.07 -2.96
CA LYS C 617 -13.68 -7.32 -2.57
C LYS C 617 -14.35 -8.60 -3.10
N MET C 618 -15.66 -8.53 -3.39
CA MET C 618 -16.35 -9.68 -3.93
C MET C 618 -16.47 -9.56 -5.46
N GLY C 619 -15.82 -8.55 -6.01
CA GLY C 619 -15.82 -8.36 -7.45
C GLY C 619 -17.07 -7.74 -8.08
N ALA C 620 -17.55 -6.64 -7.51
CA ALA C 620 -18.74 -5.94 -8.02
C ALA C 620 -18.56 -4.37 -8.07
N GLU C 621 -19.00 -3.66 -9.15
CA GLU C 621 -18.92 -2.16 -9.33
C GLU C 621 -20.32 -1.49 -9.35
N LEU C 622 -20.39 -0.20 -8.98
CA LEU C 622 -21.66 0.54 -8.97
C LEU C 622 -21.80 1.40 -10.22
N ARG C 623 -22.84 1.12 -11.00
CA ARG C 623 -23.10 1.87 -12.23
C ARG C 623 -24.46 2.59 -12.14
N PRO C 624 -24.66 3.61 -12.99
CA PRO C 624 -25.91 4.39 -13.06
C PRO C 624 -26.88 3.55 -13.89
N HIS C 625 -28.17 3.60 -13.54
CA HIS C 625 -29.14 2.80 -14.28
C HIS C 625 -30.18 3.66 -15.01
N GLU C 626 -31.03 3.01 -15.80
CA GLU C 626 -32.07 3.69 -16.57
C GLU C 626 -33.23 4.16 -15.69
N ASP C 627 -33.28 3.66 -14.46
CA ASP C 627 -34.34 4.05 -13.54
C ASP C 627 -33.88 5.25 -12.70
N GLY C 628 -32.68 5.73 -13.00
CA GLY C 628 -32.14 6.89 -12.29
C GLY C 628 -31.48 6.61 -10.96
N THR C 629 -31.20 5.35 -10.69
CA THR C 629 -30.56 4.93 -9.45
C THR C 629 -29.27 4.15 -9.73
N LEU C 630 -28.45 3.96 -8.70
CA LEU C 630 -27.20 3.22 -8.84
C LEU C 630 -27.42 1.73 -8.70
N HIS C 631 -26.75 0.95 -9.56
CA HIS C 631 -26.87 -0.49 -9.52
C HIS C 631 -25.52 -1.18 -9.33
N LEU C 632 -25.51 -2.17 -8.45
CA LEU C 632 -24.30 -2.94 -8.16
C LEU C 632 -24.12 -4.10 -9.13
N TRP C 633 -23.14 -3.95 -10.01
CA TRP C 633 -22.84 -4.97 -11.01
C TRP C 633 -21.70 -5.86 -10.56
N LYS C 634 -21.69 -7.08 -11.09
CA LYS C 634 -20.67 -8.06 -10.76
C LYS C 634 -20.77 -9.20 -11.78
N PRO C 635 -19.64 -9.81 -12.13
CA PRO C 635 -19.73 -10.91 -13.10
C PRO C 635 -20.47 -12.11 -12.54
N ALA C 636 -21.01 -12.92 -13.43
CA ALA C 636 -21.73 -14.11 -13.03
C ALA C 636 -21.90 -15.02 -14.24
N VAL C 637 -22.11 -16.32 -13.99
CA VAL C 637 -22.26 -17.28 -15.06
C VAL C 637 -23.26 -16.82 -16.10
N MET C 638 -22.85 -16.82 -17.36
CA MET C 638 -23.73 -16.39 -18.43
C MET C 638 -24.74 -17.46 -18.74
N SER C 639 -25.88 -17.42 -18.05
CA SER C 639 -26.91 -18.41 -18.30
C SER C 639 -28.27 -17.75 -18.45
N LYS C 640 -29.20 -18.50 -19.05
CA LYS C 640 -30.57 -18.03 -19.27
C LYS C 640 -31.15 -17.57 -17.94
N SER C 641 -31.10 -18.44 -16.95
CA SER C 641 -31.58 -18.14 -15.61
C SER C 641 -31.13 -16.75 -15.16
N LYS C 642 -29.82 -16.52 -15.16
CA LYS C 642 -29.27 -15.23 -14.74
C LYS C 642 -29.70 -14.10 -15.65
N GLY C 643 -30.25 -14.45 -16.82
CA GLY C 643 -30.69 -13.45 -17.77
C GLY C 643 -29.57 -12.45 -18.01
N ASN C 644 -28.51 -12.91 -18.68
CA ASN C 644 -27.37 -12.05 -18.99
C ASN C 644 -26.63 -12.59 -20.20
N GLY C 645 -27.23 -13.61 -20.83
CA GLY C 645 -26.62 -14.20 -22.00
C GLY C 645 -26.43 -13.23 -23.14
N VAL C 646 -25.50 -13.53 -24.04
CA VAL C 646 -25.26 -12.66 -25.18
C VAL C 646 -25.66 -13.48 -26.39
N MET C 647 -26.96 -13.51 -26.68
CA MET C 647 -27.48 -14.26 -27.81
C MET C 647 -26.62 -14.11 -29.07
N VAL C 648 -26.31 -15.24 -29.68
CA VAL C 648 -25.48 -15.25 -30.88
C VAL C 648 -26.12 -14.46 -32.01
N GLY C 649 -27.31 -14.93 -32.45
CA GLY C 649 -28.03 -14.27 -33.52
C GLY C 649 -27.97 -12.75 -33.42
N PRO C 650 -28.59 -12.16 -32.38
CA PRO C 650 -28.56 -10.70 -32.24
C PRO C 650 -27.13 -10.24 -32.44
N PHE C 651 -26.29 -10.45 -31.44
CA PHE C 651 -24.88 -10.06 -31.49
C PHE C 651 -24.23 -10.08 -32.87
N VAL C 652 -24.30 -11.22 -33.56
CA VAL C 652 -23.68 -11.30 -34.87
C VAL C 652 -24.23 -10.24 -35.83
N LYS C 653 -25.54 -10.00 -35.76
CA LYS C 653 -26.18 -9.01 -36.63
C LYS C 653 -25.64 -7.62 -36.31
N GLU C 654 -25.62 -7.28 -35.02
CA GLU C 654 -25.15 -5.98 -34.60
C GLU C 654 -23.62 -5.84 -34.69
N GLN C 655 -22.90 -6.95 -34.63
CA GLN C 655 -21.46 -6.89 -34.70
C GLN C 655 -20.98 -7.73 -35.88
N GLY C 656 -20.43 -8.91 -35.56
CA GLY C 656 -19.93 -9.83 -36.58
C GLY C 656 -19.56 -11.16 -35.95
N ALA C 657 -19.28 -12.16 -36.77
CA ALA C 657 -18.91 -13.47 -36.26
C ALA C 657 -17.46 -13.46 -35.76
N ASP C 658 -16.52 -13.37 -36.70
CA ASP C 658 -15.10 -13.35 -36.37
C ASP C 658 -14.81 -12.52 -35.13
N ILE C 659 -15.64 -11.51 -34.89
CA ILE C 659 -15.43 -10.66 -33.72
C ILE C 659 -15.74 -11.48 -32.49
N ALA C 660 -16.84 -12.23 -32.54
CA ALA C 660 -17.24 -13.07 -31.42
C ALA C 660 -16.11 -14.01 -31.08
N ARG C 661 -15.64 -14.70 -32.12
CA ARG C 661 -14.54 -15.64 -31.99
C ARG C 661 -13.37 -15.00 -31.28
N ILE C 662 -12.60 -14.16 -31.97
CA ILE C 662 -11.46 -13.54 -31.31
C ILE C 662 -11.73 -13.19 -29.86
N THR C 663 -12.94 -12.68 -29.59
CA THR C 663 -13.30 -12.29 -28.23
C THR C 663 -13.23 -13.48 -27.27
N ILE C 664 -13.88 -14.57 -27.69
CA ILE C 664 -13.92 -15.77 -26.90
C ILE C 664 -12.57 -16.46 -26.76
N LEU C 665 -11.88 -16.68 -27.88
CA LEU C 665 -10.58 -17.35 -27.87
C LEU C 665 -9.49 -16.61 -27.12
N PHE C 666 -9.32 -15.34 -27.42
CA PHE C 666 -8.29 -14.51 -26.81
C PHE C 666 -8.55 -14.01 -25.38
N ALA C 667 -9.77 -14.20 -24.89
CA ALA C 667 -10.14 -13.73 -23.55
C ALA C 667 -9.20 -14.19 -22.44
N ALA C 668 -8.95 -15.50 -22.40
CA ALA C 668 -8.08 -16.09 -21.39
C ALA C 668 -7.67 -17.54 -21.76
N PRO C 669 -7.00 -18.27 -20.84
CA PRO C 669 -6.63 -19.62 -21.21
C PRO C 669 -7.93 -20.42 -21.26
N PRO C 670 -8.19 -21.12 -22.36
CA PRO C 670 -9.41 -21.91 -22.50
C PRO C 670 -9.79 -22.74 -21.28
N GLU C 671 -8.82 -23.28 -20.55
CA GLU C 671 -9.14 -24.09 -19.39
C GLU C 671 -9.74 -23.22 -18.28
N ASN C 672 -9.30 -21.97 -18.22
CA ASN C 672 -9.77 -20.99 -17.23
C ASN C 672 -11.15 -20.46 -17.60
N GLU C 673 -11.79 -19.75 -16.68
CA GLU C 673 -13.09 -19.17 -16.98
C GLU C 673 -12.95 -17.70 -17.40
N MET C 674 -13.52 -17.37 -18.54
CA MET C 674 -13.42 -16.00 -19.04
C MET C 674 -14.63 -15.20 -18.60
N VAL C 675 -14.56 -13.89 -18.84
CA VAL C 675 -15.65 -12.98 -18.51
C VAL C 675 -15.90 -12.14 -19.74
N TRP C 676 -16.86 -12.54 -20.55
CA TRP C 676 -17.21 -11.83 -21.77
C TRP C 676 -17.53 -10.38 -21.44
N THR C 677 -16.80 -9.44 -22.06
CA THR C 677 -17.04 -8.03 -21.77
C THR C 677 -17.05 -7.10 -22.99
N GLU C 678 -17.66 -5.94 -22.81
CA GLU C 678 -17.75 -4.96 -23.89
C GLU C 678 -16.35 -4.65 -24.40
N GLU C 679 -15.46 -4.29 -23.47
CA GLU C 679 -14.08 -3.96 -23.80
C GLU C 679 -13.41 -5.02 -24.67
N GLY C 680 -13.67 -6.29 -24.36
CA GLY C 680 -13.08 -7.36 -25.13
C GLY C 680 -13.56 -7.35 -26.57
N VAL C 681 -14.87 -7.26 -26.75
CA VAL C 681 -15.44 -7.25 -28.08
C VAL C 681 -14.77 -6.15 -28.90
N GLN C 682 -14.58 -5.00 -28.26
CA GLN C 682 -13.94 -3.86 -28.90
C GLN C 682 -12.57 -4.28 -29.42
N GLY C 683 -11.72 -4.77 -28.52
CA GLY C 683 -10.38 -5.21 -28.89
C GLY C 683 -10.41 -6.10 -30.12
N ALA C 684 -11.41 -6.97 -30.16
CA ALA C 684 -11.56 -7.87 -31.29
C ALA C 684 -11.76 -7.06 -32.55
N TRP C 685 -12.58 -6.00 -32.44
CA TRP C 685 -12.87 -5.11 -33.56
C TRP C 685 -11.59 -4.47 -34.05
N ARG C 686 -10.88 -3.88 -33.10
CA ARG C 686 -9.62 -3.22 -33.38
C ARG C 686 -8.66 -4.20 -34.05
N PHE C 687 -8.31 -5.27 -33.35
CA PHE C 687 -7.41 -6.26 -33.91
C PHE C 687 -7.80 -6.61 -35.35
N LEU C 688 -9.07 -6.95 -35.56
CA LEU C 688 -9.56 -7.32 -36.88
C LEU C 688 -9.45 -6.20 -37.92
N ASN C 689 -9.66 -4.96 -37.49
CA ASN C 689 -9.55 -3.87 -38.43
C ASN C 689 -8.12 -3.70 -38.88
N ARG C 690 -7.21 -3.47 -37.93
CA ARG C 690 -5.79 -3.29 -38.26
C ARG C 690 -5.30 -4.37 -39.21
N ILE C 691 -5.86 -5.57 -39.10
CA ILE C 691 -5.46 -6.65 -40.00
C ILE C 691 -5.96 -6.27 -41.40
N TYR C 692 -7.19 -5.75 -41.46
CA TYR C 692 -7.80 -5.34 -42.72
C TYR C 692 -7.01 -4.22 -43.39
N ARG C 693 -6.87 -3.10 -42.69
CA ARG C 693 -6.13 -1.96 -43.22
C ARG C 693 -4.79 -2.38 -43.81
N ARG C 694 -3.92 -2.91 -42.96
CA ARG C 694 -2.59 -3.34 -43.39
C ARG C 694 -2.59 -4.02 -44.75
N VAL C 695 -3.63 -4.81 -45.02
CA VAL C 695 -3.72 -5.52 -46.29
C VAL C 695 -4.48 -4.71 -47.36
N ALA C 696 -5.40 -3.86 -46.92
CA ALA C 696 -6.16 -3.06 -47.88
C ALA C 696 -5.27 -1.93 -48.42
N GLU C 697 -4.40 -1.41 -47.55
CA GLU C 697 -3.50 -0.33 -47.90
C GLU C 697 -2.38 -0.78 -48.84
N ASP C 698 -2.14 -2.07 -48.92
CA ASP C 698 -1.09 -2.58 -49.80
C ASP C 698 -1.65 -3.49 -50.90
N ARG C 699 -2.97 -3.61 -50.94
CA ARG C 699 -3.64 -4.45 -51.93
C ARG C 699 -3.08 -4.25 -53.33
N GLU C 700 -3.05 -3.01 -53.76
CA GLU C 700 -2.55 -2.68 -55.09
C GLU C 700 -1.07 -3.03 -55.15
N ALA C 701 -0.30 -2.39 -54.27
CA ALA C 701 1.15 -2.61 -54.20
C ALA C 701 1.54 -4.09 -54.18
N LEU C 702 0.77 -4.88 -53.43
CA LEU C 702 1.02 -6.31 -53.32
C LEU C 702 0.62 -7.04 -54.59
N LEU C 703 -0.49 -6.63 -55.19
CA LEU C 703 -0.99 -7.25 -56.40
C LEU C 703 0.01 -7.29 -57.54
N GLU C 704 0.97 -6.37 -57.52
CA GLU C 704 1.99 -6.31 -58.58
C GLU C 704 3.37 -6.77 -58.11
N THR C 705 3.43 -7.44 -56.96
CA THR C 705 4.69 -7.94 -56.41
C THR C 705 4.72 -9.47 -56.41
N SER C 706 5.91 -10.04 -56.47
CA SER C 706 6.06 -11.49 -56.46
C SER C 706 6.47 -11.97 -55.07
N GLY C 707 5.93 -13.10 -54.65
CA GLY C 707 6.25 -13.63 -53.35
C GLY C 707 7.38 -14.64 -53.39
N VAL C 708 8.17 -14.58 -54.46
CA VAL C 708 9.29 -15.49 -54.62
C VAL C 708 10.58 -14.77 -54.27
N PHE C 709 11.49 -15.46 -53.58
CA PHE C 709 12.76 -14.87 -53.22
C PHE C 709 13.70 -15.90 -52.61
N GLN C 710 14.99 -15.58 -52.57
CA GLN C 710 15.98 -16.48 -52.00
C GLN C 710 16.11 -16.21 -50.51
N ALA C 711 15.97 -17.26 -49.71
CA ALA C 711 16.04 -17.14 -48.27
C ALA C 711 17.27 -16.42 -47.75
N GLU C 712 18.44 -17.03 -47.94
CA GLU C 712 19.72 -16.49 -47.48
C GLU C 712 20.12 -15.13 -48.05
N ALA C 713 19.74 -14.87 -49.29
CA ALA C 713 20.06 -13.61 -49.95
C ALA C 713 19.33 -12.44 -49.29
N LEU C 714 18.87 -12.65 -48.06
CA LEU C 714 18.15 -11.62 -47.34
C LEU C 714 19.06 -10.91 -46.37
N GLU C 715 18.79 -9.62 -46.19
CA GLU C 715 19.58 -8.78 -45.28
C GLU C 715 18.78 -7.52 -44.95
N GLY C 716 19.03 -6.97 -43.76
CA GLY C 716 18.33 -5.78 -43.37
C GLY C 716 17.00 -6.08 -42.70
N LYS C 717 16.09 -5.11 -42.71
CA LYS C 717 14.77 -5.28 -42.09
C LYS C 717 14.10 -6.53 -42.65
N ASP C 718 14.31 -6.78 -43.94
CA ASP C 718 13.75 -7.94 -44.60
C ASP C 718 14.20 -9.18 -43.83
N ARG C 719 15.51 -9.44 -43.84
CA ARG C 719 16.07 -10.61 -43.14
C ARG C 719 15.49 -10.75 -41.73
N GLU C 720 15.24 -9.62 -41.09
CA GLU C 720 14.70 -9.59 -39.74
C GLU C 720 13.25 -10.00 -39.77
N LEU C 721 12.42 -9.24 -40.49
CA LEU C 721 11.00 -9.53 -40.62
C LEU C 721 10.77 -10.99 -40.95
N TYR C 722 11.58 -11.52 -41.86
CA TYR C 722 11.47 -12.92 -42.27
C TYR C 722 11.68 -13.83 -41.08
N GLY C 723 12.61 -13.46 -40.21
CA GLY C 723 12.86 -14.27 -39.04
C GLY C 723 11.68 -14.16 -38.09
N LYS C 724 11.17 -12.95 -37.92
CA LYS C 724 10.03 -12.68 -37.04
C LYS C 724 8.82 -13.50 -37.47
N LEU C 725 8.65 -13.66 -38.78
CA LEU C 725 7.56 -14.45 -39.33
C LEU C 725 7.69 -15.84 -38.76
N HIS C 726 8.70 -16.57 -39.24
CA HIS C 726 8.95 -17.94 -38.79
C HIS C 726 9.02 -18.09 -37.27
N GLU C 727 9.53 -17.07 -36.59
CA GLU C 727 9.59 -17.13 -35.13
C GLU C 727 8.15 -17.21 -34.66
N THR C 728 7.28 -16.48 -35.34
CA THR C 728 5.85 -16.43 -35.03
C THR C 728 5.14 -17.69 -35.46
N LEU C 729 5.38 -18.11 -36.71
CA LEU C 729 4.75 -19.34 -37.20
C LEU C 729 4.96 -20.46 -36.19
N LYS C 730 6.16 -20.54 -35.62
CA LYS C 730 6.48 -21.57 -34.64
C LYS C 730 5.47 -21.51 -33.52
N LYS C 731 5.40 -20.36 -32.87
CA LYS C 731 4.47 -20.14 -31.75
C LYS C 731 3.01 -20.46 -32.12
N VAL C 732 2.49 -19.86 -33.18
CA VAL C 732 1.13 -20.15 -33.56
C VAL C 732 0.96 -21.64 -33.68
N THR C 733 1.76 -22.26 -34.55
CA THR C 733 1.69 -23.69 -34.80
C THR C 733 1.79 -24.57 -33.56
N GLU C 734 2.66 -24.22 -32.63
CA GLU C 734 2.78 -25.04 -31.44
C GLU C 734 1.55 -24.88 -30.58
N ASP C 735 1.20 -23.62 -30.32
CA ASP C 735 0.04 -23.32 -29.50
C ASP C 735 -1.24 -23.90 -30.04
N LEU C 736 -1.42 -23.92 -31.34
CA LEU C 736 -2.62 -24.51 -31.88
C LEU C 736 -2.64 -26.00 -31.52
N GLU C 737 -1.49 -26.65 -31.61
CA GLU C 737 -1.42 -28.08 -31.31
C GLU C 737 -1.66 -28.38 -29.85
N ALA C 738 -1.19 -27.52 -28.96
CA ALA C 738 -1.38 -27.74 -27.53
C ALA C 738 -2.74 -27.25 -27.01
N LEU C 739 -3.52 -26.62 -27.89
CA LEU C 739 -4.82 -26.07 -27.54
C LEU C 739 -4.72 -24.83 -26.64
N ARG C 740 -3.76 -23.97 -26.95
CA ARG C 740 -3.55 -22.74 -26.22
C ARG C 740 -3.84 -21.60 -27.18
N PHE C 741 -5.09 -21.53 -27.58
CA PHE C 741 -5.55 -20.52 -28.51
C PHE C 741 -5.31 -19.06 -28.12
N ASN C 742 -5.41 -18.74 -26.83
CA ASN C 742 -5.19 -17.38 -26.41
C ASN C 742 -3.82 -16.91 -26.86
N THR C 743 -2.75 -17.46 -26.27
CA THR C 743 -1.38 -17.07 -26.62
C THR C 743 -1.10 -17.30 -28.10
N ALA C 744 -1.87 -18.19 -28.71
CA ALA C 744 -1.70 -18.46 -30.12
C ALA C 744 -2.07 -17.19 -30.89
N ILE C 745 -3.10 -16.48 -30.40
CA ILE C 745 -3.55 -15.25 -31.03
C ILE C 745 -2.67 -14.11 -30.58
N ALA C 746 -2.33 -14.11 -29.30
CA ALA C 746 -1.48 -13.07 -28.77
C ALA C 746 -0.24 -13.00 -29.63
N ALA C 747 0.16 -14.13 -30.16
CA ALA C 747 1.35 -14.16 -30.98
C ALA C 747 1.05 -13.55 -32.37
N LEU C 748 -0.16 -13.75 -32.85
CA LEU C 748 -0.59 -13.22 -34.13
C LEU C 748 -0.75 -11.71 -34.12
N MET C 749 -1.10 -11.15 -32.95
CA MET C 749 -1.27 -9.71 -32.83
C MET C 749 0.10 -9.08 -32.78
N GLU C 750 1.01 -9.77 -32.12
CA GLU C 750 2.39 -9.33 -31.98
C GLU C 750 3.07 -9.19 -33.33
N PHE C 751 2.89 -10.18 -34.20
CA PHE C 751 3.51 -10.12 -35.51
C PHE C 751 2.86 -8.97 -36.29
N LEU C 752 1.55 -8.82 -36.17
CA LEU C 752 0.84 -7.75 -36.87
C LEU C 752 1.51 -6.41 -36.63
N ASN C 753 1.81 -6.12 -35.37
CA ASN C 753 2.49 -4.86 -35.04
C ASN C 753 3.85 -4.86 -35.75
N ALA C 754 4.56 -5.98 -35.65
CA ALA C 754 5.86 -6.12 -36.26
C ALA C 754 5.78 -5.76 -37.74
N LEU C 755 4.64 -6.04 -38.37
CA LEU C 755 4.41 -5.73 -39.78
C LEU C 755 4.17 -4.25 -39.98
N TYR C 756 3.49 -3.62 -39.03
CA TYR C 756 3.23 -2.20 -39.13
C TYR C 756 4.54 -1.42 -38.98
N GLU C 757 5.42 -1.93 -38.12
CA GLU C 757 6.72 -1.32 -37.88
C GLU C 757 7.65 -1.54 -39.06
N TYR C 758 7.45 -2.64 -39.77
CA TYR C 758 8.28 -2.95 -40.92
C TYR C 758 7.90 -2.11 -42.13
N ARG C 759 6.69 -1.57 -42.15
CA ARG C 759 6.23 -0.78 -43.28
C ARG C 759 6.53 0.72 -43.18
N LYS C 760 7.21 1.11 -42.11
CA LYS C 760 7.55 2.53 -41.91
C LYS C 760 8.97 2.78 -42.38
N ASP C 761 9.69 1.70 -42.68
CA ASP C 761 11.07 1.81 -43.13
C ASP C 761 11.35 0.85 -44.27
N ARG C 762 10.29 0.32 -44.88
CA ARG C 762 10.47 -0.62 -45.97
C ARG C 762 9.21 -0.73 -46.83
N PRO C 763 9.38 -0.96 -48.14
CA PRO C 763 8.22 -1.06 -49.02
C PRO C 763 7.72 -2.49 -49.14
N VAL C 764 6.60 -2.65 -49.83
CA VAL C 764 6.01 -3.95 -50.06
C VAL C 764 7.02 -4.79 -50.80
N THR C 765 7.78 -5.59 -50.07
CA THR C 765 8.80 -6.44 -50.67
C THR C 765 8.33 -7.88 -50.81
N PRO C 766 9.02 -8.69 -51.61
CA PRO C 766 8.63 -10.09 -51.80
C PRO C 766 8.53 -10.79 -50.45
N VAL C 767 9.52 -10.57 -49.59
CA VAL C 767 9.49 -11.19 -48.28
C VAL C 767 8.18 -10.77 -47.60
N TYR C 768 7.85 -9.48 -47.66
CA TYR C 768 6.62 -8.98 -47.05
C TYR C 768 5.36 -9.66 -47.61
N ARG C 769 5.28 -9.80 -48.93
CA ARG C 769 4.11 -10.44 -49.52
C ARG C 769 3.98 -11.79 -48.85
N THR C 770 5.07 -12.55 -48.85
CA THR C 770 5.08 -13.86 -48.22
C THR C 770 4.55 -13.74 -46.80
N ALA C 771 5.03 -12.72 -46.07
CA ALA C 771 4.58 -12.52 -44.70
C ALA C 771 3.08 -12.46 -44.64
N ILE C 772 2.48 -11.67 -45.52
CA ILE C 772 1.03 -11.55 -45.55
C ILE C 772 0.34 -12.88 -45.88
N ARG C 773 0.86 -13.58 -46.88
CA ARG C 773 0.30 -14.87 -47.26
C ARG C 773 0.29 -15.78 -46.02
N TYR C 774 1.46 -15.95 -45.42
CA TYR C 774 1.61 -16.77 -44.23
C TYR C 774 0.69 -16.35 -43.10
N TYR C 775 0.54 -15.04 -42.92
CA TYR C 775 -0.33 -14.51 -41.86
C TYR C 775 -1.79 -14.90 -42.12
N LEU C 776 -2.23 -14.74 -43.36
CA LEU C 776 -3.61 -15.07 -43.69
C LEU C 776 -3.89 -16.54 -43.42
N GLN C 777 -2.90 -17.39 -43.64
CA GLN C 777 -3.05 -18.82 -43.39
C GLN C 777 -3.11 -19.09 -41.91
N MET C 778 -2.34 -18.35 -41.12
CA MET C 778 -2.33 -18.54 -39.69
C MET C 778 -3.55 -17.95 -39.04
N LEU C 779 -4.30 -17.16 -39.78
CA LEU C 779 -5.48 -16.53 -39.24
C LEU C 779 -6.70 -17.40 -39.42
N PHE C 780 -6.76 -18.05 -40.59
CA PHE C 780 -7.88 -18.89 -40.96
C PHE C 780 -8.57 -19.70 -39.87
N PRO C 781 -7.84 -20.11 -38.83
CA PRO C 781 -8.58 -20.88 -37.82
C PRO C 781 -9.42 -20.04 -36.84
N PHE C 782 -8.94 -18.84 -36.54
CA PHE C 782 -9.65 -17.97 -35.60
C PHE C 782 -10.65 -17.03 -36.27
N ALA C 783 -10.21 -16.40 -37.35
CA ALA C 783 -11.04 -15.49 -38.10
C ALA C 783 -11.03 -16.03 -39.52
N PRO C 784 -11.74 -17.15 -39.75
CA PRO C 784 -11.83 -17.79 -41.07
C PRO C 784 -12.44 -16.90 -42.15
N HIS C 785 -13.34 -16.01 -41.73
CA HIS C 785 -13.98 -15.12 -42.68
C HIS C 785 -13.05 -14.04 -43.21
N LEU C 786 -12.73 -13.09 -42.34
CA LEU C 786 -11.84 -12.01 -42.72
C LEU C 786 -10.60 -12.58 -43.37
N ALA C 787 -10.23 -13.79 -42.99
CA ALA C 787 -9.05 -14.44 -43.53
C ALA C 787 -9.27 -14.91 -44.98
N GLU C 788 -10.44 -15.49 -45.23
CA GLU C 788 -10.79 -15.98 -46.56
C GLU C 788 -10.96 -14.83 -47.53
N GLU C 789 -11.40 -13.68 -47.01
CA GLU C 789 -11.62 -12.48 -47.81
C GLU C 789 -10.30 -11.97 -48.37
N LEU C 790 -9.47 -11.42 -47.48
CA LEU C 790 -8.18 -10.88 -47.85
C LEU C 790 -7.35 -11.85 -48.66
N TRP C 791 -7.49 -13.13 -48.41
CA TRP C 791 -6.71 -14.12 -49.15
C TRP C 791 -7.05 -14.11 -50.63
N HIS C 792 -8.33 -13.98 -50.94
CA HIS C 792 -8.79 -13.97 -52.34
C HIS C 792 -8.38 -12.76 -53.17
N TRP C 793 -8.12 -11.63 -52.50
CA TRP C 793 -7.69 -10.45 -53.22
C TRP C 793 -6.44 -10.76 -54.00
N PHE C 794 -5.73 -11.81 -53.61
CA PHE C 794 -4.48 -12.15 -54.28
C PHE C 794 -4.44 -13.56 -54.84
N TRP C 795 -5.00 -14.51 -54.10
CA TRP C 795 -4.98 -15.90 -54.53
C TRP C 795 -6.35 -16.45 -54.91
N PRO C 796 -6.38 -17.40 -55.86
CA PRO C 796 -7.61 -18.04 -56.37
C PRO C 796 -8.39 -18.91 -55.38
N ASP C 797 -8.02 -20.18 -55.29
CA ASP C 797 -8.72 -21.12 -54.41
C ASP C 797 -8.75 -20.80 -52.91
N SER C 798 -9.70 -21.43 -52.22
CA SER C 798 -9.93 -21.25 -50.78
C SER C 798 -8.76 -21.56 -49.83
N LEU C 799 -8.69 -20.82 -48.74
CA LEU C 799 -7.63 -21.02 -47.75
C LEU C 799 -7.57 -22.47 -47.30
N PHE C 800 -8.67 -23.18 -47.48
CA PHE C 800 -8.71 -24.57 -47.09
C PHE C 800 -7.71 -25.43 -47.86
N GLU C 801 -7.50 -25.11 -49.13
CA GLU C 801 -6.58 -25.89 -49.94
C GLU C 801 -5.16 -25.30 -49.92
N ALA C 802 -4.96 -24.27 -49.13
CA ALA C 802 -3.67 -23.61 -49.03
C ALA C 802 -2.62 -24.46 -48.31
N GLY C 803 -3.07 -25.24 -47.32
CA GLY C 803 -2.13 -26.05 -46.57
C GLY C 803 -1.52 -25.15 -45.53
N TRP C 804 -0.90 -25.74 -44.53
CA TRP C 804 -0.31 -24.96 -43.45
C TRP C 804 1.18 -24.65 -43.71
N PRO C 805 1.58 -23.38 -43.49
CA PRO C 805 2.96 -22.92 -43.69
C PRO C 805 4.05 -23.87 -43.19
N GLU C 806 5.14 -23.96 -43.94
CA GLU C 806 6.24 -24.83 -43.59
C GLU C 806 7.27 -24.06 -42.78
N LEU C 807 7.62 -24.56 -41.60
CA LEU C 807 8.58 -23.87 -40.75
C LEU C 807 10.00 -24.01 -41.28
N ASP C 808 10.77 -22.94 -41.14
CA ASP C 808 12.16 -22.92 -41.59
C ASP C 808 13.07 -22.72 -40.39
N GLU C 809 13.38 -23.82 -39.71
CA GLU C 809 14.24 -23.82 -38.54
C GLU C 809 15.41 -22.84 -38.64
N LYS C 810 16.19 -22.97 -39.72
CA LYS C 810 17.36 -22.13 -39.95
C LYS C 810 17.07 -20.63 -39.88
N ALA C 811 15.79 -20.27 -40.05
CA ALA C 811 15.37 -18.87 -40.01
C ALA C 811 15.24 -18.35 -38.59
N LEU C 812 15.20 -19.28 -37.65
CA LEU C 812 15.06 -18.94 -36.24
C LEU C 812 16.40 -18.52 -35.68
N GLU C 813 17.47 -19.08 -36.24
CA GLU C 813 18.83 -18.77 -35.79
C GLU C 813 19.05 -17.27 -35.67
N LYS C 814 19.49 -16.85 -34.50
CA LYS C 814 19.74 -15.44 -34.26
C LYS C 814 21.24 -15.09 -34.44
N ASP C 815 21.52 -14.03 -35.18
CA ASP C 815 22.88 -13.55 -35.41
C ASP C 815 22.88 -12.12 -34.88
N VAL C 816 23.61 -11.91 -33.77
CA VAL C 816 23.69 -10.60 -33.12
C VAL C 816 22.44 -10.43 -32.26
N VAL C 817 22.42 -11.16 -31.16
CA VAL C 817 21.34 -11.15 -30.21
C VAL C 817 21.67 -10.10 -29.17
N GLU C 818 20.65 -9.62 -28.46
CA GLU C 818 20.87 -8.64 -27.41
C GLU C 818 21.22 -9.40 -26.13
N VAL C 819 22.32 -9.03 -25.50
CA VAL C 819 22.78 -9.69 -24.30
C VAL C 819 22.65 -8.76 -23.12
N ALA C 820 22.32 -9.32 -21.97
CA ALA C 820 22.17 -8.53 -20.76
C ALA C 820 23.47 -8.55 -19.99
N VAL C 821 23.93 -7.39 -19.56
CA VAL C 821 25.17 -7.33 -18.80
C VAL C 821 24.83 -7.15 -17.35
N GLN C 822 25.14 -8.16 -16.55
CA GLN C 822 24.84 -8.06 -15.14
C GLN C 822 26.06 -8.18 -14.25
N VAL C 823 26.02 -7.44 -13.15
CA VAL C 823 27.09 -7.44 -12.18
C VAL C 823 26.57 -7.82 -10.79
N ASN C 824 27.19 -8.83 -10.19
CA ASN C 824 26.80 -9.37 -8.90
C ASN C 824 25.27 -9.49 -8.91
N GLY C 825 24.74 -10.25 -9.87
CA GLY C 825 23.29 -10.47 -9.94
C GLY C 825 22.31 -9.37 -10.31
N ARG C 826 22.78 -8.15 -10.53
CA ARG C 826 21.83 -7.12 -10.91
C ARG C 826 22.06 -6.87 -12.40
N VAL C 827 20.98 -6.61 -13.13
CA VAL C 827 21.07 -6.33 -14.56
C VAL C 827 21.43 -4.86 -14.75
N ARG C 828 22.71 -4.60 -14.98
CA ARG C 828 23.23 -3.24 -15.18
C ARG C 828 22.88 -2.62 -16.54
N GLY C 829 22.74 -3.46 -17.55
CA GLY C 829 22.42 -2.99 -18.90
C GLY C 829 22.44 -4.09 -19.94
N THR C 830 22.24 -3.70 -21.19
CA THR C 830 22.19 -4.65 -22.32
C THR C 830 22.95 -4.23 -23.62
N ILE C 831 23.88 -5.07 -24.08
CA ILE C 831 24.65 -4.79 -25.29
C ILE C 831 24.11 -5.61 -26.44
N HIS C 832 24.59 -5.35 -27.65
CA HIS C 832 24.13 -6.09 -28.82
C HIS C 832 25.33 -6.67 -29.54
N ILE C 833 25.58 -7.95 -29.34
CA ILE C 833 26.72 -8.59 -29.96
C ILE C 833 26.36 -9.96 -30.52
N PRO C 834 27.13 -10.48 -31.47
CA PRO C 834 26.84 -11.79 -32.04
C PRO C 834 26.67 -12.89 -31.00
N LYS C 835 26.02 -13.97 -31.40
CA LYS C 835 25.77 -15.09 -30.49
C LYS C 835 27.06 -15.77 -30.07
N ASP C 836 28.00 -15.89 -31.00
CA ASP C 836 29.27 -16.55 -30.74
C ASP C 836 30.32 -15.58 -30.20
N ALA C 837 29.99 -14.30 -30.23
CA ALA C 837 30.92 -13.27 -29.77
C ALA C 837 31.70 -13.78 -28.57
N PRO C 838 33.03 -13.80 -28.68
CA PRO C 838 33.93 -14.24 -27.60
C PRO C 838 33.91 -13.33 -26.37
N LEU C 839 34.06 -13.93 -25.20
CA LEU C 839 34.04 -13.20 -23.92
C LEU C 839 34.73 -11.84 -24.00
N GLU C 840 35.81 -11.78 -24.75
CA GLU C 840 36.56 -10.54 -24.88
C GLU C 840 35.80 -9.51 -25.69
N VAL C 841 35.03 -9.97 -26.67
CA VAL C 841 34.26 -9.07 -27.53
C VAL C 841 33.07 -8.48 -26.79
N ALA C 842 32.47 -9.29 -25.93
CA ALA C 842 31.32 -8.86 -25.15
C ALA C 842 31.82 -7.93 -24.07
N ARG C 843 32.76 -8.44 -23.28
CA ARG C 843 33.36 -7.66 -22.19
C ARG C 843 33.62 -6.24 -22.67
N ALA C 844 34.29 -6.14 -23.81
CA ALA C 844 34.61 -4.86 -24.40
C ALA C 844 33.36 -4.03 -24.66
N GLU C 845 32.49 -4.53 -25.52
CA GLU C 845 31.26 -3.82 -25.85
C GLU C 845 30.42 -3.52 -24.62
N ALA C 846 30.80 -4.12 -23.49
CA ALA C 846 30.08 -3.91 -22.25
C ALA C 846 30.64 -2.72 -21.46
N LEU C 847 31.95 -2.74 -21.25
CA LEU C 847 32.68 -1.71 -20.51
C LEU C 847 32.33 -0.26 -20.84
N LYS C 848 31.50 -0.04 -21.86
CA LYS C 848 31.12 1.31 -22.22
C LYS C 848 29.63 1.41 -22.54
N VAL C 849 28.81 0.82 -21.67
CA VAL C 849 27.36 0.82 -21.85
C VAL C 849 26.78 2.23 -22.02
N ARG C 850 25.47 2.30 -22.26
CA ARG C 850 24.79 3.59 -22.46
C ARG C 850 25.30 4.66 -21.46
N ASN C 851 25.07 4.42 -20.17
CA ASN C 851 25.51 5.34 -19.14
C ASN C 851 26.77 4.83 -18.44
N VAL C 852 27.43 3.86 -19.07
CA VAL C 852 28.64 3.26 -18.52
C VAL C 852 28.33 2.71 -17.14
N ARG C 853 27.06 2.37 -16.94
CA ARG C 853 26.58 1.82 -15.67
C ARG C 853 27.46 0.68 -15.18
N ALA C 854 27.95 -0.12 -16.11
CA ALA C 854 28.81 -1.27 -15.78
C ALA C 854 30.03 -0.80 -15.00
N HIS C 855 30.48 0.42 -15.28
CA HIS C 855 31.64 0.99 -14.60
C HIS C 855 31.21 1.62 -13.29
N LEU C 856 30.08 2.32 -13.30
CA LEU C 856 29.56 2.95 -12.11
C LEU C 856 29.48 1.96 -10.94
N GLU C 857 29.99 0.74 -11.12
CA GLU C 857 29.90 -0.29 -10.09
C GLU C 857 30.87 -1.44 -10.20
N GLY C 858 31.51 -1.57 -11.34
CA GLY C 858 32.43 -2.66 -11.52
C GLY C 858 33.80 -2.06 -11.54
N LYS C 859 34.39 -1.87 -10.36
CA LYS C 859 35.72 -1.29 -10.25
C LYS C 859 36.68 -2.21 -9.50
N GLU C 860 36.36 -3.50 -9.47
CA GLU C 860 37.18 -4.50 -8.78
C GLU C 860 37.28 -5.82 -9.57
N VAL C 861 36.14 -6.52 -9.69
CA VAL C 861 36.03 -7.81 -10.40
C VAL C 861 36.95 -8.91 -9.87
N VAL C 862 36.51 -10.16 -10.02
CA VAL C 862 37.26 -11.32 -9.56
C VAL C 862 37.06 -12.51 -10.51
N LYS C 863 35.81 -12.69 -10.94
CA LYS C 863 35.45 -13.78 -11.86
C LYS C 863 34.31 -13.30 -12.76
N GLU C 864 34.29 -13.79 -14.00
CA GLU C 864 33.24 -13.41 -14.95
C GLU C 864 32.63 -14.62 -15.65
N ILE C 865 31.31 -14.63 -15.73
CA ILE C 865 30.62 -15.73 -16.39
C ILE C 865 29.94 -15.22 -17.66
N TYR C 866 30.13 -15.96 -18.74
CA TYR C 866 29.57 -15.59 -20.03
C TYR C 866 28.73 -16.72 -20.59
N VAL C 867 27.53 -16.39 -21.02
CA VAL C 867 26.64 -17.36 -21.63
C VAL C 867 26.25 -16.82 -22.99
N PRO C 868 26.84 -17.37 -24.06
CA PRO C 868 26.58 -16.97 -25.45
C PRO C 868 25.17 -16.45 -25.67
N GLY C 869 24.20 -17.13 -25.08
CA GLY C 869 22.82 -16.74 -25.21
C GLY C 869 22.55 -15.26 -25.01
N LYS C 870 22.25 -14.88 -23.78
CA LYS C 870 21.95 -13.49 -23.47
C LYS C 870 22.38 -13.04 -22.06
N ILE C 871 23.63 -13.32 -21.69
CA ILE C 871 24.07 -12.88 -20.37
C ILE C 871 25.57 -12.86 -20.13
N LEU C 872 25.99 -11.90 -19.33
CA LEU C 872 27.40 -11.74 -18.97
C LEU C 872 27.45 -11.13 -17.58
N ASN C 873 27.93 -11.92 -16.61
CA ASN C 873 28.01 -11.43 -15.25
C ASN C 873 29.43 -11.20 -14.79
N LEU C 874 29.63 -10.06 -14.14
CA LEU C 874 30.94 -9.67 -13.62
C LEU C 874 30.92 -9.71 -12.09
N VAL C 875 31.54 -10.73 -11.52
CA VAL C 875 31.60 -10.84 -10.07
C VAL C 875 32.61 -9.85 -9.51
N VAL C 876 32.11 -8.78 -8.89
CA VAL C 876 32.95 -7.75 -8.30
C VAL C 876 33.50 -8.21 -6.95
N LEU E . 10.15 42.64 20.21
CA LEU E . 10.65 41.32 19.73
C LEU E . 9.52 40.45 19.21
O LEU E . 9.78 39.59 18.35
CB LEU E . 11.37 40.62 20.86
CG LEU E . 12.55 41.45 21.32
CD1 LEU E . 13.24 40.84 22.52
CD2 LEU E . 13.49 41.58 20.15
OXT LEU E . 8.38 40.66 19.69
ZN ZN F . 29.37 75.30 18.34
ZN ZN G . 9.98 47.95 5.58
HG HG H . 5.20 56.19 25.41
S SO4 I . -2.94 -6.24 48.32
O1 SO4 I . -2.08 -5.07 48.63
O2 SO4 I . -4.30 -5.80 47.97
O3 SO4 I . -3.00 -7.11 49.52
O4 SO4 I . -2.36 -7.00 47.19
S SO4 J . -0.71 15.58 55.20
O1 SO4 J . -0.02 16.62 55.99
O2 SO4 J . -2.06 16.02 54.81
O3 SO4 J . -0.83 14.35 56.00
O4 SO4 J . 0.07 15.32 53.97
S SO4 K . -0.02 38.10 14.32
O1 SO4 K . -0.71 39.18 15.05
O2 SO4 K . 0.08 38.44 12.88
O3 SO4 K . -0.82 36.87 14.46
O4 SO4 K . 1.33 37.91 14.90
S SO4 L . -14.19 2.71 48.19
O1 SO4 L . -15.08 3.80 48.63
O2 SO4 L . -14.99 1.65 47.53
O3 SO4 L . -13.48 2.15 49.36
O4 SO4 L . -13.21 3.22 47.21
S SO4 M . 19.34 58.83 -4.75
O1 SO4 M . 20.57 58.75 -5.58
O2 SO4 M . 18.67 60.12 -5.01
O3 SO4 M . 19.71 58.75 -3.33
O4 SO4 M . 18.44 57.71 -5.10
S SO4 N . 17.49 25.80 46.48
O1 SO4 N . 18.29 26.52 45.49
O2 SO4 N . 16.68 24.77 45.81
O3 SO4 N . 18.38 25.16 47.48
O4 SO4 N . 16.59 26.75 47.16
S SO4 O . 30.51 34.71 31.13
O1 SO4 O . 30.60 36.13 31.56
O2 SO4 O . 29.13 34.24 31.35
O3 SO4 O . 31.45 33.89 31.92
O4 SO4 O . 30.84 34.61 29.70
S SO4 P . 28.01 46.39 -1.06
O1 SO4 P . 29.14 46.64 -1.97
O2 SO4 P . 26.75 46.80 -1.72
O3 SO4 P . 28.19 47.16 0.18
O4 SO4 P . 27.94 44.95 -0.73
S SO4 Q . 1.81 28.84 5.62
O1 SO4 Q . 1.17 29.74 6.57
O2 SO4 Q . 0.80 28.01 4.93
O3 SO4 Q . 2.75 27.95 6.34
O4 SO4 Q . 2.55 29.64 4.61
N LEU R . -25.45 -32.64 -23.96
CA LEU R . -24.47 -32.75 -22.84
C LEU R . -24.01 -31.38 -22.36
O LEU R . -24.27 -30.38 -23.08
CB LEU R . -23.25 -33.56 -23.31
CG LEU R . -23.48 -35.04 -23.56
CD1 LEU R . -22.26 -35.61 -24.26
CD2 LEU R . -23.75 -35.75 -22.24
OXT LEU R . -23.41 -31.31 -21.27
ZN ZN S . -44.30 -66.57 -22.44
ZN ZN T . -34.72 -33.95 -11.01
HG HG U . -37.36 -37.57 -32.73
S SO4 V . -15.10 -41.75 -49.77
O1 SO4 V . -15.48 -40.46 -49.13
O2 SO4 V . -16.31 -42.39 -50.32
O3 SO4 V . -14.48 -42.62 -48.75
O4 SO4 V . -14.13 -41.49 -50.86
S SO4 W . 3.40 -15.90 -54.37
O1 SO4 W . 2.59 -16.86 -55.13
O2 SO4 W . 3.53 -14.67 -55.18
O3 SO4 W . 4.75 -16.45 -54.12
O4 SO4 W . 2.74 -15.59 -53.09
S SO4 X . -28.58 -21.83 -20.38
O1 SO4 X . -27.81 -23.10 -20.30
O2 SO4 X . -29.47 -21.75 -19.20
O3 SO4 X . -29.37 -21.80 -21.62
O4 SO4 X . -27.64 -20.69 -20.37
S SO4 Y . 4.77 3.20 -48.13
O1 SO4 Y . 4.15 3.43 -49.45
O2 SO4 Y . 5.49 4.41 -47.70
O3 SO4 Y . 5.72 2.08 -48.22
O4 SO4 Y . 3.72 2.90 -47.14
S SO4 Z . -0.83 -41.86 -13.89
O1 SO4 Z . -2.18 -41.29 -14.05
O2 SO4 Z . 0.08 -41.21 -14.85
O3 SO4 Z . -0.87 -43.31 -14.14
O4 SO4 Z . -0.36 -41.61 -12.51
S SO4 AA . -27.24 -46.71 1.23
O1 SO4 AA . -27.31 -48.05 1.85
O2 SO4 AA . -28.07 -46.69 0.00
O3 SO4 AA . -25.84 -46.42 0.87
O4 SO4 AA . -27.73 -45.69 2.17
#